data_4BZ8
#
_entry.id   4BZ8
#
_cell.length_a   70.655
_cell.length_b   70.721
_cell.length_c   98.391
_cell.angle_alpha   77.98
_cell.angle_beta   75.51
_cell.angle_gamma   85.80
#
_symmetry.space_group_name_H-M   'P 1'
#
loop_
_entity.id
_entity.type
_entity.pdbx_description
1 polymer 'HISTONE DEACETYLASE 8'
2 non-polymer 'ZINC ION'
3 non-polymer 'POTASSIUM ION'
4 non-polymer '(2R)-2-methyl-3-oxo-4H-1,4-benzothiazine-6-carbohydroxamic acid'
5 water water
#
_entity_poly.entity_id   1
_entity_poly.type   'polypeptide(L)'
_entity_poly.pdbx_seq_one_letter_code
;MSVGIVYGDQYRQLCCSSPKFGDRYALVMDLINAYKLIPELSRVPPLQWDSPSRMYEAVTAFHSTEYVDALKKLQMLHCE
EKELTADDELLMDSFSLNYDCPGFPSVFDYSLAAVQGSLAAASALICRHCEVVINWGGGWHHAKRSEASGFCYLNDIVLA
IHRLVSSTPPETSPNRQTRVLYVDLDLHHGDGVEEAFWYSPRVVTFSVHHASPGFFPGTGTWNMVDNDKLPIFLNGAGRG
RFSAFNLPLEEGINDLDWSNAIGPILDSLNIVIQPSYVVVQCGADCLATDPHRIFRLTNFYPNLNLDSDCDSECSLSGYL
YAIKKILSWKVPTLILGGGGYNFPDTARLWTRVTALTIEEVKGKKMTISPEIPEHSYFSRYGPDFELDIDYFPHESHNKT
LDSIQKHHRRILEQLRNYADLNKLIYDYDQVYQLYNLTGMGSLVPR
;
_entity_poly.pdbx_strand_id   A,B,C,D
#
# COMPACT_ATOMS: atom_id res chain seq x y z
N SER A 2 10.06 29.18 22.46
CA SER A 2 11.06 28.24 22.94
C SER A 2 12.02 27.81 21.82
N VAL A 3 13.29 27.51 22.16
CA VAL A 3 14.29 27.02 21.21
C VAL A 3 14.54 25.56 21.57
N GLY A 4 14.26 24.69 20.62
CA GLY A 4 14.45 23.25 20.77
C GLY A 4 15.78 22.76 20.25
N ILE A 5 16.27 21.66 20.84
CA ILE A 5 17.49 20.98 20.44
C ILE A 5 17.26 19.48 20.53
N VAL A 6 17.55 18.78 19.45
CA VAL A 6 17.36 17.33 19.32
C VAL A 6 18.50 16.61 20.01
N TYR A 7 18.17 15.78 21.03
CA TYR A 7 19.12 14.93 21.74
C TYR A 7 18.50 13.78 22.51
N GLY A 8 19.35 12.83 22.88
CA GLY A 8 18.98 11.64 23.62
C GLY A 8 20.18 10.76 23.77
N ASP A 9 20.13 9.79 24.70
CA ASP A 9 21.24 8.88 24.95
C ASP A 9 21.46 7.88 23.82
N GLN A 10 20.37 7.25 23.34
CA GLN A 10 20.43 6.32 22.20
C GLN A 10 20.82 7.13 20.94
N TYR A 11 20.26 8.35 20.77
CA TYR A 11 20.52 9.26 19.65
C TYR A 11 22.00 9.61 19.56
N ARG A 12 22.61 9.95 20.72
CA ARG A 12 24.04 10.24 20.84
C ARG A 12 24.92 9.05 20.43
N GLN A 13 24.61 7.82 20.93
CA GLN A 13 25.37 6.62 20.58
C GLN A 13 25.32 6.36 19.07
N LEU A 14 24.11 6.46 18.47
CA LEU A 14 23.88 6.29 17.03
C LEU A 14 24.58 7.37 16.18
N CYS A 15 24.50 8.66 16.57
CA CYS A 15 25.18 9.76 15.86
C CYS A 15 26.72 9.68 15.92
N CYS A 16 27.26 8.98 16.95
CA CYS A 16 28.70 8.79 17.15
C CYS A 16 29.22 7.42 16.69
N SER A 17 28.38 6.64 15.98
CA SER A 17 28.73 5.30 15.54
C SER A 17 29.34 5.15 14.15
N SER A 18 29.48 6.25 13.36
CA SER A 18 30.05 6.18 12.01
C SER A 18 31.59 6.31 11.99
N PRO A 19 32.31 5.71 11.00
CA PRO A 19 33.78 5.89 10.98
C PRO A 19 34.25 7.25 10.45
N LYS A 20 33.43 7.93 9.63
CA LYS A 20 33.74 9.25 9.06
C LYS A 20 33.60 10.41 10.06
N PHE A 21 32.48 10.47 10.81
CA PHE A 21 32.22 11.56 11.76
C PHE A 21 32.55 11.21 13.21
N GLY A 22 33.05 9.98 13.43
CA GLY A 22 33.44 9.50 14.76
C GLY A 22 32.57 10.00 15.90
N ASP A 23 33.19 10.71 16.85
CA ASP A 23 32.53 11.30 18.05
C ASP A 23 32.21 12.81 17.92
N ARG A 24 32.18 13.37 16.69
CA ARG A 24 31.91 14.79 16.47
C ARG A 24 30.67 15.30 17.23
N TYR A 25 29.56 14.57 17.15
CA TYR A 25 28.28 14.94 17.78
C TYR A 25 28.40 15.02 19.32
N ALA A 26 29.18 14.09 19.92
CA ALA A 26 29.46 14.04 21.36
C ALA A 26 30.19 15.32 21.79
N LEU A 27 31.15 15.80 20.97
CA LEU A 27 31.90 17.05 21.19
C LEU A 27 31.01 18.29 21.10
N VAL A 28 30.13 18.36 20.09
CA VAL A 28 29.20 19.49 19.87
C VAL A 28 28.25 19.63 21.09
N MET A 29 27.55 18.54 21.47
CA MET A 29 26.61 18.55 22.58
C MET A 29 27.28 18.76 23.95
N ASP A 30 28.50 18.25 24.12
CA ASP A 30 29.26 18.41 25.37
C ASP A 30 29.79 19.81 25.57
N LEU A 31 30.16 20.52 24.45
CA LEU A 31 30.58 21.91 24.54
C LEU A 31 29.39 22.82 24.83
N ILE A 32 28.20 22.49 24.29
CA ILE A 32 26.96 23.25 24.52
C ILE A 32 26.55 23.10 26.01
N ASN A 33 26.69 21.88 26.56
CA ASN A 33 26.40 21.55 27.94
C ASN A 33 27.44 22.22 28.89
N ALA A 34 28.77 22.11 28.60
CA ALA A 34 29.85 22.74 29.38
C ALA A 34 29.65 24.25 29.53
N TYR A 35 29.06 24.89 28.49
CA TYR A 35 28.78 26.34 28.48
C TYR A 35 27.42 26.68 29.12
N LYS A 36 26.79 25.68 29.78
CA LYS A 36 25.50 25.79 30.48
C LYS A 36 24.34 26.30 29.59
N LEU A 37 24.33 25.85 28.31
CA LEU A 37 23.28 26.23 27.35
C LEU A 37 22.06 25.30 27.38
N ILE A 38 22.26 24.02 27.78
CA ILE A 38 21.20 23.00 27.88
C ILE A 38 19.98 23.44 28.72
N PRO A 39 20.13 24.04 29.95
CA PRO A 39 18.93 24.50 30.70
C PRO A 39 18.05 25.52 29.95
N GLU A 40 18.66 26.32 29.06
CA GLU A 40 17.97 27.33 28.23
C GLU A 40 17.22 26.73 27.05
N LEU A 41 17.47 25.46 26.72
CA LEU A 41 16.87 24.79 25.56
C LEU A 41 15.85 23.72 25.89
N SER A 42 14.86 23.55 25.01
CA SER A 42 13.82 22.53 25.11
C SER A 42 14.34 21.25 24.44
N ARG A 43 14.39 20.12 25.18
CA ARG A 43 14.85 18.85 24.62
C ARG A 43 13.79 18.29 23.67
N VAL A 44 14.17 18.05 22.39
CA VAL A 44 13.27 17.48 21.38
C VAL A 44 13.68 16.01 21.18
N PRO A 45 12.90 15.03 21.67
CA PRO A 45 13.32 13.62 21.52
C PRO A 45 13.17 13.13 20.08
N PRO A 46 14.10 12.28 19.58
CA PRO A 46 13.95 11.75 18.20
C PRO A 46 12.64 10.96 18.00
N LEU A 47 12.06 11.04 16.80
CA LEU A 47 10.83 10.32 16.47
C LEU A 47 11.05 8.81 16.45
N GLN A 48 10.08 8.07 16.98
CA GLN A 48 10.09 6.62 16.98
C GLN A 48 8.76 6.13 16.43
N TRP A 49 8.76 4.99 15.72
CA TRP A 49 7.56 4.46 15.06
C TRP A 49 6.95 3.25 15.78
N ASP A 50 5.66 2.98 15.50
CA ASP A 50 4.94 1.86 16.10
C ASP A 50 5.21 0.53 15.42
N SER A 51 5.93 0.53 14.28
CA SER A 51 6.18 -0.71 13.53
C SER A 51 7.19 -0.51 12.40
N PRO A 52 7.81 -1.60 11.87
CA PRO A 52 8.67 -1.45 10.67
C PRO A 52 7.92 -0.87 9.45
N SER A 53 6.61 -1.18 9.28
CA SER A 53 5.77 -0.66 8.18
C SER A 53 5.62 0.85 8.23
N ARG A 54 5.40 1.41 9.45
CA ARG A 54 5.27 2.85 9.66
C ARG A 54 6.59 3.59 9.36
N MET A 55 7.72 3.01 9.80
CA MET A 55 9.05 3.55 9.55
C MET A 55 9.28 3.55 8.01
N TYR A 56 9.04 2.42 7.34
CA TYR A 56 9.19 2.32 5.88
C TYR A 56 8.36 3.33 5.12
N GLU A 57 7.12 3.62 5.59
CA GLU A 57 6.20 4.60 5.00
C GLU A 57 6.76 6.02 5.13
N ALA A 58 7.41 6.33 6.28
CA ALA A 58 8.00 7.63 6.53
C ALA A 58 9.22 7.86 5.62
N VAL A 59 10.12 6.88 5.53
CA VAL A 59 11.35 7.00 4.74
C VAL A 59 11.08 6.98 3.24
N THR A 60 10.10 6.13 2.79
CA THR A 60 9.69 6.01 1.39
C THR A 60 8.82 7.15 0.87
N ALA A 61 8.61 8.19 1.70
CA ALA A 61 7.96 9.42 1.27
C ALA A 61 8.93 10.11 0.26
N PHE A 62 10.27 9.83 0.38
CA PHE A 62 11.30 10.30 -0.53
C PHE A 62 12.07 9.13 -1.18
N HIS A 63 12.70 8.24 -0.38
CA HIS A 63 13.52 7.15 -0.92
C HIS A 63 12.72 5.97 -1.49
N SER A 64 13.32 5.22 -2.40
CA SER A 64 12.64 4.05 -2.95
C SER A 64 12.74 2.91 -1.96
N THR A 65 11.73 2.02 -1.94
CA THR A 65 11.68 0.86 -1.05
C THR A 65 12.92 -0.01 -1.26
N GLU A 66 13.32 -0.21 -2.55
CA GLU A 66 14.47 -1.01 -2.94
C GLU A 66 15.79 -0.48 -2.38
N TYR A 67 15.93 0.84 -2.31
CA TYR A 67 17.13 1.47 -1.74
C TYR A 67 17.16 1.28 -0.22
N VAL A 68 16.01 1.52 0.46
CA VAL A 68 15.86 1.34 1.90
C VAL A 68 16.15 -0.13 2.26
N ASP A 69 15.61 -1.09 1.46
CA ASP A 69 15.88 -2.53 1.65
C ASP A 69 17.38 -2.80 1.56
N ALA A 70 18.04 -2.29 0.48
CA ALA A 70 19.51 -2.47 0.29
C ALA A 70 20.30 -1.90 1.46
N LEU A 71 19.92 -0.71 1.96
CA LEU A 71 20.59 -0.08 3.11
C LEU A 71 20.43 -0.93 4.39
N LYS A 72 19.23 -1.51 4.64
CA LYS A 72 19.00 -2.38 5.80
C LYS A 72 19.82 -3.68 5.65
N LYS A 73 19.88 -4.28 4.43
CA LYS A 73 20.66 -5.48 4.15
C LYS A 73 22.17 -5.23 4.37
N LEU A 74 22.66 -4.05 3.95
CA LEU A 74 24.07 -3.65 4.15
C LEU A 74 24.46 -3.65 5.65
N GLN A 75 23.53 -3.22 6.54
CA GLN A 75 23.78 -3.23 7.98
C GLN A 75 23.92 -4.68 8.46
N MET A 76 22.94 -5.56 8.11
CA MET A 76 22.92 -6.99 8.46
C MET A 76 24.22 -7.68 8.01
N LEU A 77 24.67 -7.41 6.77
CA LEU A 77 25.90 -8.00 6.21
C LEU A 77 27.16 -7.55 6.94
N HIS A 78 27.14 -6.32 7.48
CA HIS A 78 28.29 -5.80 8.22
C HIS A 78 28.34 -6.25 9.71
N CYS A 79 27.28 -6.93 10.18
CA CYS A 79 27.22 -7.50 11.54
C CYS A 79 27.64 -9.00 11.51
N GLU A 80 28.41 -9.39 10.47
CA GLU A 80 28.96 -10.73 10.22
C GLU A 80 30.40 -10.57 9.69
N GLU A 81 31.30 -11.48 10.10
CA GLU A 81 32.71 -11.45 9.71
C GLU A 81 32.95 -11.87 8.25
N LYS A 82 32.02 -12.66 7.65
CA LYS A 82 32.13 -13.15 6.27
C LYS A 82 32.06 -12.02 5.24
N GLU A 83 32.85 -12.13 4.15
CA GLU A 83 32.88 -11.17 3.05
C GLU A 83 31.53 -11.18 2.29
N LEU A 84 31.17 -10.05 1.64
CA LEU A 84 29.95 -9.95 0.83
C LEU A 84 30.15 -10.78 -0.45
N THR A 85 29.09 -11.44 -0.93
CA THR A 85 29.12 -12.23 -2.18
C THR A 85 29.24 -11.26 -3.37
N ALA A 86 29.62 -11.75 -4.56
CA ALA A 86 29.73 -10.93 -5.77
C ALA A 86 28.39 -10.26 -6.09
N ASP A 87 27.27 -10.99 -5.92
CA ASP A 87 25.91 -10.50 -6.15
C ASP A 87 25.52 -9.40 -5.18
N ASP A 88 25.93 -9.52 -3.91
CA ASP A 88 25.67 -8.49 -2.89
C ASP A 88 26.50 -7.23 -3.13
N GLU A 89 27.77 -7.38 -3.59
CA GLU A 89 28.61 -6.24 -3.94
C GLU A 89 27.95 -5.45 -5.07
N LEU A 90 27.42 -6.16 -6.11
CA LEU A 90 26.73 -5.58 -7.27
C LEU A 90 25.46 -4.84 -6.91
N LEU A 91 24.69 -5.40 -5.97
CA LEU A 91 23.46 -4.81 -5.47
C LEU A 91 23.80 -3.47 -4.81
N MET A 92 24.79 -3.45 -3.88
CA MET A 92 25.25 -2.24 -3.17
C MET A 92 25.78 -1.18 -4.14
N ASP A 93 26.56 -1.59 -5.16
CA ASP A 93 27.09 -0.68 -6.20
C ASP A 93 25.97 0.04 -6.99
N SER A 94 24.85 -0.69 -7.29
CA SER A 94 23.69 -0.13 -8.02
C SER A 94 22.96 1.01 -7.26
N PHE A 95 23.27 1.17 -5.95
CA PHE A 95 22.73 2.21 -5.07
C PHE A 95 23.85 3.12 -4.50
N SER A 96 25.09 2.97 -5.02
CA SER A 96 26.30 3.68 -4.59
C SER A 96 26.62 3.49 -3.09
N LEU A 97 26.27 2.32 -2.55
CA LEU A 97 26.58 1.98 -1.16
C LEU A 97 27.99 1.38 -1.17
N ASN A 98 28.97 2.25 -1.47
CA ASN A 98 30.38 1.95 -1.66
C ASN A 98 31.22 3.23 -1.57
N TYR A 99 32.56 3.06 -1.64
CA TYR A 99 33.55 4.15 -1.67
C TYR A 99 33.37 5.15 -0.52
N ASP A 100 32.81 6.34 -0.79
CA ASP A 100 32.60 7.38 0.21
C ASP A 100 31.43 7.07 1.15
N CYS A 101 30.57 6.11 0.76
CA CYS A 101 29.42 5.68 1.54
C CYS A 101 29.47 4.16 1.80
N PRO A 102 30.50 3.64 2.52
CA PRO A 102 30.56 2.19 2.75
C PRO A 102 29.62 1.72 3.86
N GLY A 103 29.57 0.40 4.02
CA GLY A 103 28.85 -0.23 5.10
C GLY A 103 29.71 -0.25 6.34
N PHE A 104 29.06 -0.36 7.48
CA PHE A 104 29.67 -0.49 8.80
C PHE A 104 28.58 -1.11 9.70
N PRO A 105 28.90 -1.67 10.90
CA PRO A 105 27.84 -2.34 11.70
C PRO A 105 26.53 -1.62 11.99
N SER A 106 26.53 -0.27 12.02
CA SER A 106 25.29 0.44 12.34
C SER A 106 24.82 1.45 11.29
N VAL A 107 25.27 1.28 10.02
CA VAL A 107 24.95 2.15 8.88
C VAL A 107 23.49 2.55 8.74
N PHE A 108 22.56 1.58 8.87
CA PHE A 108 21.13 1.88 8.79
C PHE A 108 20.61 2.63 10.04
N ASP A 109 20.97 2.17 11.24
CA ASP A 109 20.54 2.82 12.48
C ASP A 109 21.09 4.26 12.58
N TYR A 110 22.36 4.46 12.18
CA TYR A 110 23.03 5.77 12.12
C TYR A 110 22.30 6.72 11.18
N SER A 111 22.03 6.27 9.93
CA SER A 111 21.33 7.08 8.90
C SER A 111 19.90 7.42 9.29
N LEU A 112 19.15 6.44 9.83
CA LEU A 112 17.76 6.63 10.26
C LEU A 112 17.65 7.57 11.47
N ALA A 113 18.67 7.56 12.36
CA ALA A 113 18.72 8.41 13.55
C ALA A 113 18.52 9.91 13.17
N ALA A 114 19.23 10.40 12.11
CA ALA A 114 19.11 11.79 11.63
C ALA A 114 17.69 12.09 11.11
N VAL A 115 17.07 11.09 10.42
CA VAL A 115 15.69 11.17 9.92
C VAL A 115 14.77 11.33 11.13
N GLN A 116 14.90 10.42 12.13
CA GLN A 116 14.11 10.47 13.39
C GLN A 116 14.21 11.84 14.08
N GLY A 117 15.42 12.38 14.15
CA GLY A 117 15.68 13.69 14.75
C GLY A 117 15.12 14.88 13.98
N SER A 118 15.33 14.92 12.66
CA SER A 118 14.84 16.03 11.81
C SER A 118 13.32 16.00 11.60
N LEU A 119 12.68 14.81 11.66
CA LEU A 119 11.22 14.75 11.54
C LEU A 119 10.60 15.23 12.85
N ALA A 120 11.17 14.82 14.01
CA ALA A 120 10.70 15.27 15.34
C ALA A 120 10.86 16.79 15.47
N ALA A 121 11.97 17.33 14.93
CA ALA A 121 12.25 18.76 14.91
C ALA A 121 11.16 19.51 14.10
N ALA A 122 10.80 18.98 12.91
CA ALA A 122 9.74 19.55 12.06
C ALA A 122 8.38 19.55 12.79
N SER A 123 8.07 18.43 13.51
CA SER A 123 6.82 18.25 14.27
C SER A 123 6.65 19.27 15.40
N ALA A 124 7.77 19.57 16.10
CA ALA A 124 7.81 20.53 17.20
C ALA A 124 7.51 21.97 16.69
N LEU A 125 7.90 22.28 15.43
CA LEU A 125 7.64 23.58 14.79
C LEU A 125 6.16 23.67 14.38
N ILE A 126 5.63 22.57 13.78
CA ILE A 126 4.25 22.41 13.29
C ILE A 126 3.21 22.66 14.41
N CYS A 127 3.42 22.07 15.60
CA CYS A 127 2.52 22.22 16.76
C CYS A 127 2.83 23.49 17.58
N ARG A 128 3.73 24.35 17.09
CA ARG A 128 4.16 25.61 17.71
C ARG A 128 4.78 25.48 19.12
N HIS A 129 5.25 24.28 19.52
CA HIS A 129 5.91 24.08 20.83
C HIS A 129 7.27 24.82 20.89
N CYS A 130 7.95 24.93 19.74
CA CYS A 130 9.22 25.64 19.58
C CYS A 130 9.11 26.65 18.44
N GLU A 131 9.83 27.77 18.56
CA GLU A 131 9.88 28.82 17.53
C GLU A 131 11.03 28.50 16.56
N VAL A 132 12.14 27.90 17.08
CA VAL A 132 13.29 27.41 16.34
C VAL A 132 13.69 26.04 16.93
N VAL A 133 14.10 25.08 16.07
CA VAL A 133 14.61 23.78 16.51
C VAL A 133 15.98 23.55 15.88
N ILE A 134 16.94 23.07 16.68
CA ILE A 134 18.28 22.74 16.25
C ILE A 134 18.48 21.22 16.22
N ASN A 135 19.10 20.70 15.13
CA ASN A 135 19.50 19.29 15.04
C ASN A 135 20.92 19.16 14.50
N TRP A 136 21.91 19.06 15.42
CA TRP A 136 23.33 18.93 15.05
C TRP A 136 23.72 17.54 14.55
N GLY A 137 22.78 16.59 14.62
CA GLY A 137 22.97 15.24 14.10
C GLY A 137 22.43 15.09 12.69
N GLY A 138 21.77 16.15 12.18
CA GLY A 138 21.17 16.16 10.85
C GLY A 138 21.88 17.04 9.83
N GLY A 139 21.24 17.22 8.67
CA GLY A 139 21.74 18.04 7.58
C GLY A 139 22.45 17.31 6.46
N TRP A 140 21.98 16.09 6.14
CA TRP A 140 22.59 15.22 5.13
C TRP A 140 22.02 15.46 3.72
N HIS A 141 22.40 16.63 3.14
CA HIS A 141 21.93 17.21 1.88
C HIS A 141 22.19 16.48 0.55
N HIS A 142 23.21 15.61 0.47
CA HIS A 142 23.59 14.90 -0.76
C HIS A 142 22.80 13.63 -1.11
N ALA A 143 22.16 12.96 -0.13
CA ALA A 143 21.46 11.71 -0.39
C ALA A 143 20.30 11.88 -1.37
N LYS A 144 20.17 10.94 -2.33
CA LYS A 144 19.13 10.94 -3.37
C LYS A 144 18.12 9.81 -3.14
N ARG A 145 17.01 9.83 -3.90
CA ARG A 145 15.92 8.84 -3.85
C ARG A 145 16.43 7.38 -3.75
N SER A 146 17.33 6.99 -4.65
CA SER A 146 17.88 5.62 -4.70
C SER A 146 19.41 5.59 -4.73
N GLU A 147 20.05 6.58 -4.08
CA GLU A 147 21.51 6.65 -4.13
C GLU A 147 22.13 7.36 -2.93
N ALA A 148 23.14 6.72 -2.31
CA ALA A 148 23.93 7.29 -1.22
C ALA A 148 24.91 8.23 -1.91
N SER A 149 25.25 9.36 -1.28
CA SER A 149 26.16 10.32 -1.87
C SER A 149 26.86 11.17 -0.82
N GLY A 150 28.16 11.38 -1.01
CA GLY A 150 29.03 12.21 -0.17
C GLY A 150 28.77 12.11 1.33
N PHE A 151 28.86 10.88 1.86
CA PHE A 151 28.67 10.51 3.28
C PHE A 151 27.21 10.60 3.76
N CYS A 152 26.27 10.83 2.85
CA CYS A 152 24.85 10.91 3.18
C CYS A 152 24.14 9.67 2.65
N TYR A 153 23.46 8.93 3.53
CA TYR A 153 22.73 7.72 3.15
C TYR A 153 21.23 8.02 3.01
N LEU A 154 20.66 8.73 4.00
CA LEU A 154 19.25 9.09 3.97
C LEU A 154 19.10 10.59 4.06
N ASN A 155 18.24 11.17 3.19
CA ASN A 155 18.07 12.61 3.18
C ASN A 155 17.06 13.08 4.22
N ASP A 156 17.57 13.41 5.43
CA ASP A 156 16.78 13.89 6.57
C ASP A 156 16.16 15.26 6.29
N ILE A 157 16.86 16.11 5.53
CA ILE A 157 16.39 17.45 5.18
C ILE A 157 15.10 17.40 4.33
N VAL A 158 15.12 16.61 3.23
CA VAL A 158 14.00 16.44 2.29
C VAL A 158 12.77 15.93 3.05
N LEU A 159 12.96 14.91 3.92
CA LEU A 159 11.88 14.32 4.70
C LEU A 159 11.27 15.33 5.67
N ALA A 160 12.13 16.13 6.37
CA ALA A 160 11.72 17.21 7.28
C ALA A 160 10.92 18.27 6.49
N ILE A 161 11.44 18.75 5.33
CA ILE A 161 10.77 19.76 4.48
C ILE A 161 9.41 19.24 3.99
N HIS A 162 9.36 17.96 3.56
CA HIS A 162 8.15 17.30 3.08
C HIS A 162 7.08 17.32 4.18
N ARG A 163 7.47 17.03 5.44
CA ARG A 163 6.56 17.08 6.60
C ARG A 163 6.02 18.50 6.77
N LEU A 164 6.90 19.53 6.61
CA LEU A 164 6.53 20.95 6.75
C LEU A 164 5.55 21.41 5.66
N VAL A 165 5.88 21.14 4.37
CA VAL A 165 5.03 21.53 3.22
C VAL A 165 3.64 20.91 3.20
N SER A 166 3.48 19.74 3.81
CA SER A 166 2.23 18.99 3.83
C SER A 166 1.44 19.15 5.16
N SER A 167 1.91 20.03 6.08
CA SER A 167 1.34 20.29 7.42
C SER A 167 -0.04 20.99 7.52
N THR A 168 -0.45 21.73 6.49
CA THR A 168 -1.74 22.43 6.46
C THR A 168 -2.70 21.74 5.47
N PRO A 169 -3.98 21.48 5.82
CA PRO A 169 -4.89 20.82 4.86
C PRO A 169 -5.43 21.73 3.76
N THR A 178 1.21 26.94 2.09
CA THR A 178 2.44 26.56 2.78
C THR A 178 3.66 26.59 1.84
N ARG A 179 4.63 27.46 2.15
CA ARG A 179 5.88 27.64 1.40
C ARG A 179 7.08 27.52 2.34
N VAL A 180 8.12 26.78 1.92
CA VAL A 180 9.34 26.59 2.70
C VAL A 180 10.54 27.16 1.92
N LEU A 181 11.38 27.95 2.60
CA LEU A 181 12.64 28.46 2.07
C LEU A 181 13.77 27.62 2.69
N TYR A 182 14.55 26.96 1.83
CA TYR A 182 15.69 26.16 2.25
C TYR A 182 16.97 26.92 1.93
N VAL A 183 17.80 27.15 2.97
CA VAL A 183 19.05 27.89 2.90
C VAL A 183 20.20 26.89 3.22
N ASP A 184 21.10 26.67 2.26
CA ASP A 184 22.21 25.73 2.38
C ASP A 184 23.55 26.46 2.51
N LEU A 185 24.10 26.52 3.74
CA LEU A 185 25.37 27.21 4.01
C LEU A 185 26.65 26.38 3.90
N ASP A 186 26.51 25.07 3.74
CA ASP A 186 27.63 24.15 3.59
C ASP A 186 28.55 24.55 2.40
N LEU A 187 29.83 24.18 2.48
CA LEU A 187 30.84 24.44 1.44
C LEU A 187 30.48 23.76 0.10
N HIS A 188 29.77 22.62 0.17
CA HIS A 188 29.39 21.88 -1.01
C HIS A 188 28.00 22.22 -1.45
N HIS A 189 27.74 22.07 -2.75
CA HIS A 189 26.41 22.32 -3.30
C HIS A 189 25.42 21.28 -2.74
N GLY A 190 24.26 21.75 -2.27
CA GLY A 190 23.19 20.91 -1.71
C GLY A 190 22.30 20.32 -2.78
N ASP A 191 22.87 19.46 -3.63
CA ASP A 191 22.23 18.79 -4.77
C ASP A 191 21.00 17.93 -4.48
N GLY A 192 21.07 17.07 -3.44
CA GLY A 192 19.98 16.18 -3.05
C GLY A 192 18.67 16.88 -2.72
N VAL A 193 18.75 17.99 -1.96
CA VAL A 193 17.54 18.78 -1.60
C VAL A 193 17.07 19.54 -2.85
N GLU A 194 18.00 20.15 -3.61
CA GLU A 194 17.66 20.88 -4.84
C GLU A 194 16.91 19.98 -5.82
N GLU A 195 17.46 18.79 -6.09
CA GLU A 195 16.84 17.80 -6.99
C GLU A 195 15.44 17.36 -6.53
N ALA A 196 15.26 17.06 -5.23
CA ALA A 196 13.97 16.63 -4.68
C ALA A 196 12.85 17.64 -4.88
N PHE A 197 13.17 18.95 -4.86
CA PHE A 197 12.15 19.98 -5.04
C PHE A 197 12.25 20.80 -6.32
N TRP A 198 12.94 20.26 -7.31
CA TRP A 198 13.17 20.82 -8.65
C TRP A 198 11.88 21.17 -9.38
N TYR A 199 10.82 20.33 -9.24
CA TYR A 199 9.52 20.47 -9.91
C TYR A 199 8.44 21.08 -8.98
N SER A 200 8.86 21.61 -7.81
CA SER A 200 7.94 22.15 -6.81
C SER A 200 8.17 23.63 -6.50
N PRO A 201 7.18 24.51 -6.81
CA PRO A 201 7.34 25.93 -6.48
C PRO A 201 7.17 26.25 -5.00
N ARG A 202 6.53 25.37 -4.22
CA ARG A 202 6.27 25.58 -2.79
C ARG A 202 7.53 25.49 -1.94
N VAL A 203 8.57 24.80 -2.43
CA VAL A 203 9.85 24.71 -1.75
C VAL A 203 10.86 25.46 -2.60
N VAL A 204 11.37 26.58 -2.08
CA VAL A 204 12.41 27.35 -2.76
C VAL A 204 13.75 27.01 -2.11
N THR A 205 14.73 26.54 -2.90
CA THR A 205 16.05 26.16 -2.39
C THR A 205 17.11 27.18 -2.78
N PHE A 206 18.05 27.43 -1.86
CA PHE A 206 19.15 28.36 -2.08
C PHE A 206 20.43 27.83 -1.45
N SER A 207 21.44 27.60 -2.31
CA SER A 207 22.72 27.08 -1.88
C SER A 207 23.84 27.99 -2.27
N VAL A 208 24.65 28.38 -1.28
CA VAL A 208 25.88 29.16 -1.46
C VAL A 208 26.98 28.14 -1.17
N HIS A 209 27.98 28.05 -2.05
CA HIS A 209 29.00 27.01 -1.99
C HIS A 209 30.17 27.32 -2.90
N HIS A 210 31.23 26.50 -2.79
CA HIS A 210 32.34 26.57 -3.72
C HIS A 210 31.97 25.62 -4.88
N ALA A 211 32.37 26.00 -6.09
CA ALA A 211 32.22 25.20 -7.31
C ALA A 211 33.39 25.51 -8.23
N SER A 212 34.09 24.44 -8.63
CA SER A 212 35.26 24.47 -9.50
C SER A 212 35.40 23.09 -10.17
N PRO A 213 36.17 22.97 -11.29
CA PRO A 213 36.28 21.66 -11.95
C PRO A 213 36.90 20.57 -11.08
N GLY A 214 36.19 19.43 -10.98
CA GLY A 214 36.58 18.28 -10.17
C GLY A 214 36.23 18.35 -8.69
N PHE A 215 35.58 19.44 -8.27
CA PHE A 215 35.18 19.64 -6.87
C PHE A 215 33.74 19.15 -6.70
N PHE A 216 33.52 18.33 -5.67
CA PHE A 216 32.24 17.69 -5.32
C PHE A 216 31.11 18.66 -5.01
N PRO A 217 29.83 18.40 -5.44
CA PRO A 217 29.36 17.30 -6.32
C PRO A 217 29.45 17.59 -7.84
N GLY A 218 29.76 18.83 -8.20
CA GLY A 218 29.92 19.25 -9.59
C GLY A 218 28.84 20.22 -10.07
N THR A 219 27.71 20.22 -9.39
CA THR A 219 26.53 21.04 -9.71
C THR A 219 26.50 22.39 -8.93
N GLY A 220 25.43 23.15 -9.13
CA GLY A 220 25.24 24.46 -8.50
C GLY A 220 26.03 25.58 -9.17
N THR A 221 26.34 25.38 -10.47
CA THR A 221 27.09 26.32 -11.29
C THR A 221 26.61 26.32 -12.75
N TRP A 222 27.28 27.08 -13.65
CA TRP A 222 26.96 27.21 -15.08
C TRP A 222 26.89 25.83 -15.74
N ASN A 223 25.85 25.60 -16.54
CA ASN A 223 25.59 24.34 -17.25
C ASN A 223 26.29 24.31 -18.61
N LEU A 230 27.24 29.68 -24.90
CA LEU A 230 26.50 30.52 -23.95
C LEU A 230 26.12 29.67 -22.71
N PRO A 231 26.89 29.70 -21.60
CA PRO A 231 26.52 28.90 -20.43
C PRO A 231 25.45 29.58 -19.58
N ILE A 232 24.46 28.79 -19.13
CA ILE A 232 23.37 29.29 -18.29
C ILE A 232 23.17 28.42 -17.07
N PHE A 233 22.50 28.97 -16.04
CA PHE A 233 22.17 28.24 -14.82
C PHE A 233 20.80 27.57 -15.01
N LEU A 234 20.70 26.27 -14.72
CA LEU A 234 19.42 25.56 -14.68
C LEU A 234 18.83 25.95 -13.32
N ASN A 235 17.49 26.04 -13.20
CA ASN A 235 16.90 26.56 -11.96
C ASN A 235 15.53 26.00 -11.57
N GLY A 236 15.23 24.79 -12.05
CA GLY A 236 13.94 24.15 -11.81
C GLY A 236 13.24 23.86 -13.12
N ALA A 237 12.18 23.05 -13.09
CA ALA A 237 11.43 22.67 -14.30
C ALA A 237 9.95 22.51 -13.96
N GLY A 238 9.10 22.46 -14.99
CA GLY A 238 7.65 22.39 -14.83
C GLY A 238 7.16 23.59 -14.02
N ARG A 239 6.32 23.34 -13.01
CA ARG A 239 5.81 24.39 -12.12
C ARG A 239 6.87 24.92 -11.14
N GLY A 240 8.00 24.22 -11.04
CA GLY A 240 9.12 24.60 -10.20
C GLY A 240 10.19 25.41 -10.89
N ARG A 241 9.93 25.90 -12.14
CA ARG A 241 10.89 26.72 -12.89
C ARG A 241 11.17 27.98 -12.08
N PHE A 242 12.46 28.35 -11.97
CA PHE A 242 13.02 29.48 -11.23
C PHE A 242 12.97 29.32 -9.69
N SER A 243 12.69 28.11 -9.19
CA SER A 243 12.60 27.87 -7.73
C SER A 243 13.91 27.32 -7.11
N ALA A 244 14.96 27.08 -7.93
CA ALA A 244 16.24 26.59 -7.39
C ALA A 244 17.31 27.65 -7.62
N PHE A 245 17.82 28.24 -6.52
CA PHE A 245 18.77 29.34 -6.51
C PHE A 245 20.17 28.89 -6.11
N ASN A 246 21.19 29.35 -6.87
CA ASN A 246 22.58 28.97 -6.61
C ASN A 246 23.56 30.14 -6.67
N LEU A 247 24.50 30.15 -5.71
CA LEU A 247 25.58 31.15 -5.65
C LEU A 247 26.98 30.50 -5.50
N PRO A 248 27.67 30.20 -6.63
CA PRO A 248 29.02 29.62 -6.51
C PRO A 248 30.07 30.70 -6.26
N LEU A 249 30.92 30.47 -5.25
CA LEU A 249 31.97 31.42 -4.88
C LEU A 249 33.37 30.85 -5.05
N GLU A 250 34.35 31.76 -5.27
CA GLU A 250 35.78 31.47 -5.43
C GLU A 250 36.40 31.06 -4.08
N GLU A 251 37.46 30.25 -4.12
CA GLU A 251 38.18 29.84 -2.93
C GLU A 251 38.92 31.04 -2.33
N GLY A 252 39.02 31.06 -0.99
CA GLY A 252 39.69 32.12 -0.25
C GLY A 252 38.79 33.22 0.30
N ILE A 253 37.46 33.13 0.08
CA ILE A 253 36.51 34.13 0.55
C ILE A 253 36.49 34.23 2.08
N ASN A 254 36.59 35.47 2.59
CA ASN A 254 36.58 35.76 4.02
C ASN A 254 35.15 35.99 4.51
N ASP A 255 34.97 36.16 5.83
CA ASP A 255 33.66 36.40 6.46
C ASP A 255 32.84 37.52 5.85
N LEU A 256 33.44 38.73 5.71
CA LEU A 256 32.77 39.94 5.21
C LEU A 256 32.30 39.82 3.77
N ASP A 257 33.18 39.36 2.86
CA ASP A 257 32.83 39.20 1.45
C ASP A 257 31.76 38.15 1.26
N TRP A 258 31.84 37.03 2.01
CA TRP A 258 30.83 35.96 1.97
C TRP A 258 29.51 36.49 2.50
N SER A 259 29.56 37.33 3.58
CA SER A 259 28.38 37.97 4.19
C SER A 259 27.71 38.93 3.21
N ASN A 260 28.51 39.76 2.50
CA ASN A 260 28.02 40.73 1.53
C ASN A 260 27.44 40.08 0.29
N ALA A 261 27.99 38.90 -0.10
CA ALA A 261 27.48 38.15 -1.25
C ALA A 261 26.11 37.50 -0.99
N ILE A 262 25.82 37.06 0.25
CA ILE A 262 24.57 36.36 0.58
C ILE A 262 23.46 37.18 1.22
N GLY A 263 23.83 38.18 2.02
CA GLY A 263 22.95 39.07 2.75
C GLY A 263 21.76 39.58 1.95
N PRO A 264 21.98 40.35 0.85
CA PRO A 264 20.84 40.85 0.05
C PRO A 264 20.00 39.75 -0.61
N ILE A 265 20.61 38.61 -0.99
CA ILE A 265 19.87 37.48 -1.59
C ILE A 265 18.89 36.92 -0.55
N LEU A 266 19.38 36.69 0.69
CA LEU A 266 18.58 36.16 1.80
C LEU A 266 17.39 37.06 2.10
N ASP A 267 17.63 38.38 2.20
CA ASP A 267 16.59 39.37 2.48
C ASP A 267 15.55 39.45 1.37
N SER A 268 15.99 39.38 0.09
CA SER A 268 15.08 39.43 -1.06
C SER A 268 14.23 38.16 -1.22
N LEU A 269 14.76 36.98 -0.82
CA LEU A 269 14.03 35.70 -0.87
C LEU A 269 12.88 35.71 0.16
N ASN A 270 13.16 36.23 1.36
CA ASN A 270 12.17 36.37 2.44
C ASN A 270 11.00 37.31 2.04
N ILE A 271 11.32 38.45 1.43
CA ILE A 271 10.34 39.46 1.01
C ILE A 271 9.36 38.93 -0.06
N VAL A 272 9.90 38.24 -1.07
CA VAL A 272 9.13 37.72 -2.20
C VAL A 272 8.41 36.40 -1.87
N ILE A 273 9.16 35.40 -1.39
CA ILE A 273 8.60 34.08 -1.07
C ILE A 273 7.67 34.11 0.13
N GLN A 274 8.00 34.89 1.17
CA GLN A 274 7.25 34.98 2.43
C GLN A 274 7.04 33.55 2.95
N PRO A 275 8.14 32.82 3.31
CA PRO A 275 8.00 31.42 3.73
C PRO A 275 7.28 31.27 5.04
N SER A 276 6.64 30.13 5.20
CA SER A 276 5.94 29.72 6.43
C SER A 276 6.97 29.08 7.34
N TYR A 277 8.04 28.47 6.74
CA TYR A 277 9.15 27.83 7.47
C TYR A 277 10.46 28.05 6.76
N VAL A 278 11.55 28.19 7.52
CA VAL A 278 12.90 28.27 6.97
C VAL A 278 13.71 27.06 7.50
N VAL A 279 14.40 26.36 6.60
CA VAL A 279 15.27 25.23 6.96
C VAL A 279 16.68 25.65 6.58
N VAL A 280 17.55 25.75 7.58
CA VAL A 280 18.95 26.17 7.36
C VAL A 280 19.89 25.00 7.58
N GLN A 281 20.66 24.64 6.54
CA GLN A 281 21.70 23.63 6.66
C GLN A 281 22.96 24.42 6.99
N CYS A 282 23.58 24.11 8.14
CA CYS A 282 24.74 24.86 8.63
C CYS A 282 26.03 24.04 8.69
N GLY A 283 26.46 23.50 7.55
CA GLY A 283 27.70 22.75 7.44
C GLY A 283 28.90 23.62 7.73
N ALA A 284 29.79 23.15 8.64
CA ALA A 284 30.99 23.85 9.13
C ALA A 284 32.22 23.76 8.23
N ASP A 285 32.11 23.16 7.04
CA ASP A 285 33.26 23.03 6.16
C ASP A 285 33.79 24.30 5.47
N CYS A 286 33.13 25.47 5.70
CA CYS A 286 33.60 26.77 5.15
C CYS A 286 34.59 27.42 6.09
N LEU A 287 34.74 26.89 7.33
CA LEU A 287 35.68 27.44 8.33
C LEU A 287 37.09 27.39 7.79
N ALA A 288 37.89 28.44 8.04
CA ALA A 288 39.29 28.56 7.59
C ALA A 288 40.14 27.36 8.05
N THR A 289 39.79 26.80 9.22
CA THR A 289 40.52 25.67 9.84
C THR A 289 40.01 24.27 9.43
N ASP A 290 39.03 24.18 8.52
CA ASP A 290 38.53 22.89 8.03
C ASP A 290 39.62 22.23 7.14
N PRO A 291 39.85 20.90 7.22
CA PRO A 291 40.85 20.24 6.34
C PRO A 291 40.71 20.54 4.84
N HIS A 292 39.51 20.96 4.37
CA HIS A 292 39.25 21.32 2.97
C HIS A 292 40.08 22.54 2.56
N ARG A 293 40.21 23.53 3.49
CA ARG A 293 40.94 24.79 3.30
C ARG A 293 40.52 25.51 2.02
N ILE A 294 39.19 25.73 1.84
CA ILE A 294 38.65 26.41 0.66
C ILE A 294 38.25 27.84 0.99
N PHE A 295 37.28 28.02 1.89
CA PHE A 295 36.80 29.33 2.33
C PHE A 295 37.53 29.74 3.62
N ARG A 296 37.46 31.01 4.02
CA ARG A 296 38.15 31.51 5.21
C ARG A 296 37.18 32.09 6.24
N LEU A 297 36.05 31.42 6.43
CA LEU A 297 35.04 31.83 7.39
C LEU A 297 35.53 31.52 8.83
N THR A 298 35.04 32.27 9.82
CA THR A 298 35.42 32.05 11.22
C THR A 298 34.14 31.80 12.04
N ASN A 299 34.29 31.73 13.37
CA ASN A 299 33.18 31.61 14.32
C ASN A 299 33.22 32.87 15.23
N PHE A 300 33.94 33.93 14.79
CA PHE A 300 34.15 35.15 15.58
C PHE A 300 32.90 35.98 15.77
N TYR A 301 32.63 36.40 17.02
CA TYR A 301 31.47 37.22 17.35
C TYR A 301 31.85 38.54 18.04
N PRO A 302 32.01 39.67 17.30
CA PRO A 302 32.35 40.94 17.95
C PRO A 302 31.19 41.47 18.79
N ASN A 303 31.50 42.13 19.91
CA ASN A 303 30.51 42.70 20.85
C ASN A 303 29.76 43.88 20.26
N SER A 315 36.46 40.93 12.41
CA SER A 315 35.61 40.09 11.56
C SER A 315 34.46 39.45 12.33
N LEU A 316 33.25 39.49 11.74
CA LEU A 316 32.06 38.84 12.25
C LEU A 316 31.86 37.57 11.40
N SER A 317 31.70 36.41 12.06
CA SER A 317 31.48 35.10 11.42
C SER A 317 30.37 35.16 10.39
N GLY A 318 30.65 34.63 9.20
CA GLY A 318 29.71 34.55 8.10
C GLY A 318 28.45 33.80 8.50
N TYR A 319 28.65 32.65 9.20
CA TYR A 319 27.58 31.79 9.75
C TYR A 319 26.73 32.57 10.76
N LEU A 320 27.35 33.27 11.70
CA LEU A 320 26.64 34.07 12.72
C LEU A 320 25.87 35.26 12.12
N TYR A 321 26.39 35.89 11.04
CA TYR A 321 25.71 36.98 10.33
C TYR A 321 24.45 36.49 9.61
N ALA A 322 24.52 35.30 8.94
CA ALA A 322 23.40 34.75 8.18
C ALA A 322 22.34 34.17 9.09
N ILE A 323 22.74 33.50 10.18
CA ILE A 323 21.80 32.93 11.15
C ILE A 323 20.97 34.05 11.81
N LYS A 324 21.63 35.17 12.18
CA LYS A 324 21.03 36.36 12.80
C LYS A 324 19.99 37.02 11.90
N LYS A 325 20.34 37.21 10.62
CA LYS A 325 19.49 37.75 9.55
C LYS A 325 18.23 36.86 9.38
N ILE A 326 18.42 35.53 9.21
CA ILE A 326 17.33 34.56 9.05
C ILE A 326 16.40 34.60 10.28
N LEU A 327 16.97 34.60 11.50
CA LEU A 327 16.21 34.67 12.76
C LEU A 327 15.45 35.98 12.95
N SER A 328 15.93 37.08 12.31
CA SER A 328 15.29 38.41 12.44
C SER A 328 13.96 38.50 11.69
N TRP A 329 13.66 37.50 10.85
CA TRP A 329 12.43 37.47 10.07
C TRP A 329 11.26 37.01 10.92
N LYS A 330 11.56 36.35 12.04
CA LYS A 330 10.59 35.80 12.99
C LYS A 330 9.73 34.67 12.37
N VAL A 331 10.34 33.87 11.48
CA VAL A 331 9.68 32.74 10.81
C VAL A 331 10.12 31.41 11.50
N PRO A 332 9.18 30.46 11.86
CA PRO A 332 9.63 29.20 12.48
C PRO A 332 10.74 28.54 11.65
N THR A 333 11.91 28.32 12.29
CA THR A 333 13.12 27.87 11.62
C THR A 333 13.67 26.55 12.14
N LEU A 334 14.17 25.73 11.22
CA LEU A 334 14.85 24.49 11.53
C LEU A 334 16.36 24.69 11.23
N ILE A 335 17.24 24.50 12.25
CA ILE A 335 18.70 24.64 12.06
C ILE A 335 19.36 23.25 12.14
N LEU A 336 20.07 22.86 11.06
CA LEU A 336 20.71 21.56 10.95
C LEU A 336 22.23 21.64 10.81
N GLY A 337 22.90 20.53 11.09
CA GLY A 337 24.34 20.42 10.93
C GLY A 337 24.71 20.16 9.48
N GLY A 338 25.61 19.21 9.28
CA GLY A 338 26.07 18.84 7.96
C GLY A 338 27.56 18.59 7.98
N GLY A 339 28.26 19.13 6.99
CA GLY A 339 29.71 19.03 6.86
C GLY A 339 30.43 19.66 8.05
N GLY A 340 31.72 19.39 8.16
CA GLY A 340 32.55 19.91 9.25
C GLY A 340 33.50 18.83 9.71
N TYR A 341 34.74 18.85 9.17
CA TYR A 341 35.80 17.85 9.37
C TYR A 341 36.86 18.11 10.43
N ASN A 342 36.84 19.32 11.01
CA ASN A 342 37.70 19.69 12.15
C ASN A 342 36.70 19.69 13.30
N PHE A 343 36.57 18.54 14.00
CA PHE A 343 35.58 18.34 15.05
C PHE A 343 35.55 19.40 16.18
N PRO A 344 36.68 19.76 16.86
CA PRO A 344 36.61 20.79 17.91
C PRO A 344 36.20 22.16 17.38
N ASP A 345 36.66 22.52 16.16
CA ASP A 345 36.30 23.81 15.52
C ASP A 345 34.84 23.84 15.05
N THR A 346 34.29 22.68 14.65
CA THR A 346 32.87 22.56 14.31
C THR A 346 32.03 22.77 15.60
N ALA A 347 32.52 22.20 16.73
CA ALA A 347 31.86 22.36 18.03
C ALA A 347 31.90 23.84 18.44
N ARG A 348 33.06 24.53 18.24
CA ARG A 348 33.25 25.96 18.54
C ARG A 348 32.20 26.84 17.82
N LEU A 349 31.97 26.58 16.53
CA LEU A 349 30.99 27.33 15.74
C LEU A 349 29.53 26.98 16.10
N TRP A 350 29.19 25.69 16.18
CA TRP A 350 27.81 25.27 16.48
C TRP A 350 27.36 25.63 17.90
N THR A 351 28.31 25.73 18.84
CA THR A 351 28.05 26.18 20.21
C THR A 351 27.67 27.68 20.14
N ARG A 352 28.39 28.47 19.31
CA ARG A 352 28.09 29.90 19.14
C ARG A 352 26.78 30.17 18.39
N VAL A 353 26.40 29.25 17.44
CA VAL A 353 25.13 29.31 16.70
C VAL A 353 23.98 29.11 17.70
N THR A 354 24.14 28.08 18.56
CA THR A 354 23.17 27.69 19.60
C THR A 354 22.90 28.86 20.57
N ALA A 355 23.96 29.52 21.09
CA ALA A 355 23.86 30.68 22.00
C ALA A 355 23.21 31.89 21.31
N LEU A 356 23.59 32.18 20.05
CA LEU A 356 23.01 33.29 19.27
C LEU A 356 21.51 33.08 19.06
N THR A 357 21.10 31.82 18.77
CA THR A 357 19.71 31.44 18.56
C THR A 357 18.91 31.73 19.82
N ILE A 358 19.45 31.36 20.99
CA ILE A 358 18.78 31.64 22.27
C ILE A 358 18.59 33.16 22.42
N GLU A 359 19.69 33.93 22.28
CA GLU A 359 19.71 35.40 22.35
C GLU A 359 18.67 36.04 21.43
N GLU A 360 18.66 35.64 20.14
CA GLU A 360 17.75 36.19 19.14
C GLU A 360 16.27 35.85 19.34
N VAL A 361 15.97 34.62 19.80
CA VAL A 361 14.59 34.18 20.02
C VAL A 361 14.02 34.66 21.37
N LYS A 362 14.70 34.33 22.48
CA LYS A 362 14.28 34.66 23.84
C LYS A 362 14.50 36.13 24.26
N GLY A 363 15.48 36.79 23.65
CA GLY A 363 15.85 38.17 24.01
C GLY A 363 16.60 38.18 25.34
N LYS A 364 17.29 37.07 25.64
CA LYS A 364 18.04 36.83 26.86
C LYS A 364 19.51 36.71 26.50
N LYS A 365 20.35 37.64 27.01
CA LYS A 365 21.78 37.68 26.74
C LYS A 365 22.46 36.40 27.21
N MET A 366 23.25 35.78 26.33
CA MET A 366 24.00 34.55 26.59
C MET A 366 25.47 34.91 26.64
N THR A 367 26.00 35.14 27.84
CA THR A 367 27.41 35.48 27.99
C THR A 367 28.18 34.19 27.93
N ILE A 368 29.12 34.10 26.98
CA ILE A 368 29.95 32.93 26.74
C ILE A 368 31.44 33.34 26.94
N SER A 369 32.12 32.72 27.92
CA SER A 369 33.52 32.99 28.25
C SER A 369 34.45 32.64 27.08
N PRO A 370 35.42 33.53 26.72
CA PRO A 370 36.33 33.22 25.60
C PRO A 370 37.23 31.99 25.80
N GLU A 371 37.25 31.44 27.03
CA GLU A 371 38.04 30.24 27.33
C GLU A 371 37.12 29.01 27.38
N ILE A 372 37.63 27.84 26.95
CA ILE A 372 36.87 26.58 26.95
C ILE A 372 36.68 26.09 28.41
N PRO A 373 35.42 25.87 28.87
CA PRO A 373 35.23 25.37 30.24
C PRO A 373 35.69 23.93 30.35
N GLU A 374 36.00 23.50 31.58
CA GLU A 374 36.44 22.13 31.83
C GLU A 374 35.25 21.17 31.70
N HIS A 375 35.45 20.12 30.88
CA HIS A 375 34.50 19.05 30.59
C HIS A 375 35.27 17.82 30.10
N SER A 376 34.58 16.68 29.87
CA SER A 376 35.19 15.42 29.45
C SER A 376 36.08 15.50 28.21
N TYR A 377 35.79 16.44 27.28
CA TYR A 377 36.55 16.59 26.03
C TYR A 377 37.51 17.80 25.96
N PHE A 378 37.77 18.46 27.12
CA PHE A 378 38.66 19.63 27.28
C PHE A 378 39.98 19.54 26.50
N SER A 379 40.70 18.38 26.60
CA SER A 379 42.00 18.12 25.97
C SER A 379 42.00 18.19 24.43
N ARG A 380 40.82 18.08 23.81
CA ARG A 380 40.63 18.12 22.35
C ARG A 380 40.72 19.53 21.78
N TYR A 381 40.56 20.54 22.66
CA TYR A 381 40.58 21.98 22.35
C TYR A 381 41.94 22.63 22.60
N GLY A 382 42.95 21.82 22.94
CA GLY A 382 44.31 22.27 23.20
C GLY A 382 45.08 22.63 21.94
N PRO A 383 46.22 23.37 22.06
CA PRO A 383 46.90 23.83 23.28
C PRO A 383 46.46 25.16 23.89
N ASP A 384 45.68 26.00 23.15
CA ASP A 384 45.24 27.32 23.63
C ASP A 384 43.96 27.34 24.47
N PHE A 385 43.05 26.37 24.24
CA PHE A 385 41.76 26.20 24.96
C PHE A 385 40.84 27.44 24.87
N GLU A 386 40.84 28.12 23.72
CA GLU A 386 40.03 29.30 23.44
C GLU A 386 38.80 28.93 22.59
N LEU A 387 37.69 29.69 22.76
CA LEU A 387 36.46 29.45 21.99
C LEU A 387 36.58 29.90 20.53
N ASP A 388 37.39 30.95 20.28
CA ASP A 388 37.65 31.45 18.93
C ASP A 388 38.53 30.43 18.23
N ILE A 389 38.25 30.16 16.94
CA ILE A 389 39.09 29.24 16.15
C ILE A 389 40.48 29.89 16.02
N ASP A 390 41.53 29.07 16.00
CA ASP A 390 42.90 29.55 15.90
C ASP A 390 43.25 29.91 14.46
N TYR A 391 42.90 31.15 14.04
CA TYR A 391 43.15 31.65 12.69
C TYR A 391 43.28 33.17 12.64
N PHE A 392 44.24 33.68 11.86
CA PHE A 392 44.44 35.12 11.70
C PHE A 392 44.38 35.60 10.25
N PRO A 393 43.42 36.49 9.92
CA PRO A 393 43.31 36.97 8.53
C PRO A 393 44.37 38.02 8.19
N ASP A 402 33.65 41.86 -9.37
CA ASP A 402 32.31 42.13 -9.90
C ASP A 402 31.58 40.85 -10.40
N SER A 403 32.18 39.66 -10.12
CA SER A 403 31.62 38.34 -10.43
C SER A 403 30.36 38.15 -9.57
N ILE A 404 30.42 38.61 -8.29
CA ILE A 404 29.32 38.57 -7.32
C ILE A 404 28.18 39.51 -7.78
N GLN A 405 28.54 40.68 -8.34
CA GLN A 405 27.57 41.65 -8.85
C GLN A 405 26.77 41.10 -10.02
N LYS A 406 27.44 40.38 -10.95
CA LYS A 406 26.78 39.72 -12.08
C LYS A 406 25.85 38.57 -11.60
N HIS A 407 26.25 37.86 -10.51
CA HIS A 407 25.44 36.79 -9.92
C HIS A 407 24.21 37.39 -9.25
N HIS A 408 24.38 38.56 -8.59
CA HIS A 408 23.33 39.32 -7.91
C HIS A 408 22.27 39.80 -8.92
N ARG A 409 22.71 40.28 -10.11
CA ARG A 409 21.80 40.71 -11.20
C ARG A 409 21.05 39.51 -11.80
N ARG A 410 21.73 38.35 -11.95
CA ARG A 410 21.14 37.12 -12.46
C ARG A 410 20.07 36.56 -11.49
N ILE A 411 20.36 36.59 -10.18
CA ILE A 411 19.46 36.10 -9.12
C ILE A 411 18.22 36.99 -8.98
N LEU A 412 18.40 38.33 -9.03
CA LEU A 412 17.31 39.32 -8.95
C LEU A 412 16.32 39.08 -10.11
N GLU A 413 16.84 38.77 -11.32
CA GLU A 413 16.04 38.43 -12.50
C GLU A 413 15.31 37.06 -12.31
N GLN A 414 15.97 36.06 -11.67
CA GLN A 414 15.37 34.74 -11.40
C GLN A 414 14.19 34.84 -10.41
N LEU A 415 14.35 35.66 -9.36
CA LEU A 415 13.32 35.90 -8.34
C LEU A 415 12.08 36.60 -8.93
N ARG A 416 12.33 37.54 -9.89
CA ARG A 416 11.28 38.28 -10.59
C ARG A 416 10.46 37.29 -11.46
N ASN A 417 11.17 36.40 -12.22
CA ASN A 417 10.54 35.35 -13.04
C ASN A 417 9.81 34.33 -12.17
N TYR A 418 10.34 34.04 -10.96
CA TYR A 418 9.70 33.12 -10.00
C TYR A 418 8.38 33.75 -9.52
N ALA A 419 8.41 35.05 -9.19
CA ALA A 419 7.25 35.83 -8.75
C ALA A 419 6.21 35.94 -9.89
N ASP A 420 6.66 36.25 -11.14
CA ASP A 420 5.77 36.32 -12.31
C ASP A 420 5.05 34.99 -12.57
N LEU A 421 5.80 33.87 -12.62
CA LEU A 421 5.23 32.54 -12.85
C LEU A 421 4.26 32.12 -11.75
N ASN A 422 4.61 32.41 -10.49
CA ASN A 422 3.81 32.03 -9.33
C ASN A 422 2.73 33.04 -8.90
N LYS A 423 2.53 34.10 -9.70
CA LYS A 423 1.54 35.17 -9.47
C LYS A 423 1.64 35.80 -8.07
N LEU A 424 2.88 36.09 -7.60
CA LEU A 424 3.14 36.73 -6.30
C LEU A 424 3.25 38.26 -6.49
N ILE A 425 2.87 39.03 -5.45
CA ILE A 425 2.94 40.50 -5.48
C ILE A 425 4.26 40.94 -4.85
N TYR A 426 5.13 41.58 -5.66
CA TYR A 426 6.46 42.02 -5.24
C TYR A 426 6.70 43.54 -5.38
N ASP A 427 7.67 44.06 -4.62
CA ASP A 427 8.06 45.48 -4.63
C ASP A 427 9.45 45.62 -5.25
N SER B 2 -3.91 -18.43 48.03
CA SER B 2 -4.68 -17.19 47.87
C SER B 2 -4.16 -16.35 46.73
N VAL B 3 -5.04 -15.98 45.81
CA VAL B 3 -4.72 -15.14 44.66
C VAL B 3 -5.30 -13.77 44.92
N GLY B 4 -4.43 -12.77 45.02
CA GLY B 4 -4.85 -11.39 45.25
C GLY B 4 -5.01 -10.60 43.96
N ILE B 5 -5.79 -9.50 44.03
CA ILE B 5 -5.99 -8.60 42.89
C ILE B 5 -6.10 -7.16 43.38
N VAL B 6 -5.29 -6.27 42.81
CA VAL B 6 -5.34 -4.87 43.24
C VAL B 6 -6.57 -4.21 42.67
N TYR B 7 -7.41 -3.70 43.58
CA TYR B 7 -8.63 -2.99 43.24
C TYR B 7 -9.09 -2.09 44.39
N GLY B 8 -9.79 -1.02 44.02
CA GLY B 8 -10.42 -0.05 44.90
C GLY B 8 -11.27 0.92 44.10
N ASP B 9 -12.22 1.62 44.75
CA ASP B 9 -13.10 2.60 44.08
C ASP B 9 -12.32 3.80 43.56
N GLN B 10 -11.51 4.44 44.43
CA GLN B 10 -10.70 5.60 44.04
C GLN B 10 -9.60 5.14 43.09
N TYR B 11 -9.01 3.95 43.33
CA TYR B 11 -7.98 3.36 42.46
C TYR B 11 -8.49 3.23 41.02
N ARG B 12 -9.70 2.65 40.84
CA ARG B 12 -10.33 2.49 39.53
C ARG B 12 -10.54 3.87 38.84
N GLN B 13 -10.99 4.88 39.60
CA GLN B 13 -11.19 6.24 39.07
C GLN B 13 -9.87 6.85 38.56
N LEU B 14 -8.79 6.70 39.35
CA LEU B 14 -7.45 7.21 39.02
C LEU B 14 -6.83 6.48 37.86
N CYS B 15 -6.99 5.15 37.78
CA CYS B 15 -6.47 4.34 36.67
C CYS B 15 -7.17 4.67 35.35
N CYS B 16 -8.39 5.24 35.42
CA CYS B 16 -9.20 5.66 34.26
C CYS B 16 -9.15 7.15 34.00
N SER B 17 -8.21 7.87 34.64
CA SER B 17 -8.15 9.33 34.49
C SER B 17 -7.23 9.84 33.35
N SER B 18 -6.47 8.96 32.69
CA SER B 18 -5.52 9.41 31.65
C SER B 18 -6.09 9.45 30.22
N PRO B 19 -5.66 10.42 29.38
CA PRO B 19 -6.16 10.48 27.99
C PRO B 19 -5.69 9.32 27.13
N LYS B 20 -4.47 8.78 27.38
CA LYS B 20 -3.92 7.67 26.63
C LYS B 20 -4.61 6.31 26.92
N PHE B 21 -4.81 5.97 28.20
CA PHE B 21 -5.38 4.67 28.54
C PHE B 21 -6.89 4.66 28.80
N GLY B 22 -7.51 5.84 28.80
CA GLY B 22 -8.94 6.01 28.99
C GLY B 22 -9.51 5.11 30.08
N ASP B 23 -10.52 4.30 29.71
CA ASP B 23 -11.21 3.39 30.62
C ASP B 23 -10.78 1.92 30.45
N ARG B 24 -9.52 1.67 30.02
CA ARG B 24 -9.04 0.29 29.81
C ARG B 24 -9.14 -0.52 31.10
N TYR B 25 -8.66 0.05 32.21
CA TYR B 25 -8.70 -0.59 33.52
C TYR B 25 -10.11 -0.97 33.93
N ALA B 26 -11.12 -0.08 33.69
CA ALA B 26 -12.55 -0.35 33.98
C ALA B 26 -13.06 -1.53 33.15
N LEU B 27 -12.67 -1.62 31.86
CA LEU B 27 -13.07 -2.74 31.00
C LEU B 27 -12.52 -4.08 31.51
N VAL B 28 -11.23 -4.10 31.86
CA VAL B 28 -10.53 -5.28 32.36
C VAL B 28 -11.22 -5.79 33.63
N MET B 29 -11.31 -4.92 34.66
CA MET B 29 -11.90 -5.32 35.93
C MET B 29 -13.37 -5.72 35.81
N ASP B 30 -14.14 -5.03 34.94
CA ASP B 30 -15.56 -5.36 34.74
C ASP B 30 -15.78 -6.68 34.00
N LEU B 31 -14.89 -7.04 33.07
CA LEU B 31 -14.99 -8.32 32.37
C LEU B 31 -14.65 -9.46 33.35
N ILE B 32 -13.64 -9.25 34.23
CA ILE B 32 -13.23 -10.22 35.25
C ILE B 32 -14.43 -10.43 36.21
N ASN B 33 -15.13 -9.35 36.53
CA ASN B 33 -16.30 -9.35 37.40
C ASN B 33 -17.52 -10.01 36.69
N ALA B 34 -17.76 -9.70 35.39
CA ALA B 34 -18.88 -10.27 34.62
C ALA B 34 -18.75 -11.80 34.50
N TYR B 35 -17.51 -12.30 34.45
CA TYR B 35 -17.21 -13.73 34.42
C TYR B 35 -17.23 -14.41 35.81
N LYS B 36 -17.63 -13.67 36.86
CA LYS B 36 -17.74 -14.13 38.26
C LYS B 36 -16.40 -14.55 38.87
N LEU B 37 -15.31 -13.91 38.46
CA LEU B 37 -13.98 -14.25 38.97
C LEU B 37 -13.66 -13.55 40.28
N ILE B 38 -14.21 -12.33 40.49
CA ILE B 38 -14.04 -11.47 41.68
C ILE B 38 -14.25 -12.22 43.01
N PRO B 39 -15.32 -13.04 43.23
CA PRO B 39 -15.42 -13.77 44.52
C PRO B 39 -14.33 -14.84 44.73
N GLU B 40 -13.54 -15.17 43.69
CA GLU B 40 -12.43 -16.15 43.79
C GLU B 40 -11.15 -15.49 44.26
N LEU B 41 -11.12 -14.16 44.22
CA LEU B 41 -9.93 -13.38 44.49
C LEU B 41 -9.97 -12.60 45.78
N SER B 42 -8.80 -12.42 46.38
CA SER B 42 -8.61 -11.63 47.59
C SER B 42 -8.27 -10.20 47.13
N ARG B 43 -9.13 -9.22 47.42
CA ARG B 43 -8.87 -7.84 47.01
C ARG B 43 -7.69 -7.30 47.81
N VAL B 44 -6.69 -6.75 47.09
CA VAL B 44 -5.52 -6.16 47.73
C VAL B 44 -5.69 -4.64 47.63
N PRO B 45 -5.95 -3.95 48.75
CA PRO B 45 -6.14 -2.49 48.66
C PRO B 45 -4.82 -1.73 48.35
N PRO B 46 -4.88 -0.63 47.56
CA PRO B 46 -3.66 0.12 47.27
C PRO B 46 -3.05 0.73 48.54
N LEU B 47 -1.72 0.85 48.56
CA LEU B 47 -0.98 1.38 49.71
C LEU B 47 -1.23 2.88 49.90
N GLN B 48 -1.47 3.30 51.15
CA GLN B 48 -1.62 4.69 51.54
C GLN B 48 -0.57 5.03 52.61
N TRP B 49 -0.24 6.31 52.78
CA TRP B 49 0.80 6.73 53.73
C TRP B 49 0.24 7.62 54.81
N ASP B 50 0.99 7.82 55.92
CA ASP B 50 0.57 8.68 57.03
C ASP B 50 0.91 10.15 56.79
N SER B 51 1.65 10.47 55.70
CA SER B 51 2.08 11.84 55.41
C SER B 51 2.62 12.02 53.99
N PRO B 52 2.63 13.28 53.46
CA PRO B 52 3.30 13.54 52.18
C PRO B 52 4.80 13.15 52.23
N SER B 53 5.48 13.32 53.39
CA SER B 53 6.91 12.99 53.56
C SER B 53 7.16 11.49 53.42
N ARG B 54 6.26 10.66 53.99
CA ARG B 54 6.41 9.22 53.84
C ARG B 54 6.10 8.78 52.40
N MET B 55 5.18 9.47 51.72
CA MET B 55 4.85 9.18 50.31
C MET B 55 6.11 9.48 49.47
N TYR B 56 6.64 10.71 49.62
CA TYR B 56 7.84 11.22 48.92
C TYR B 56 9.04 10.31 49.12
N GLU B 57 9.25 9.79 50.35
CA GLU B 57 10.34 8.87 50.69
C GLU B 57 10.20 7.55 49.91
N ALA B 58 8.95 7.04 49.76
CA ALA B 58 8.71 5.78 49.05
C ALA B 58 8.99 5.92 47.58
N VAL B 59 8.55 7.04 46.95
CA VAL B 59 8.76 7.27 45.53
C VAL B 59 10.22 7.54 45.22
N THR B 60 10.91 8.32 46.10
CA THR B 60 12.32 8.68 45.99
C THR B 60 13.31 7.57 46.34
N ALA B 61 12.83 6.32 46.59
CA ALA B 61 13.70 5.16 46.80
C ALA B 61 14.30 4.84 45.41
N PHE B 62 13.60 5.26 44.31
CA PHE B 62 14.08 5.17 42.94
C PHE B 62 14.20 6.52 42.23
N HIS B 63 13.11 7.29 42.15
CA HIS B 63 13.08 8.57 41.42
C HIS B 63 13.81 9.69 42.11
N SER B 64 14.38 10.64 41.35
CA SER B 64 15.05 11.78 41.97
C SER B 64 14.02 12.71 42.56
N THR B 65 14.44 13.49 43.55
CA THR B 65 13.61 14.48 44.24
C THR B 65 13.10 15.54 43.26
N GLU B 66 13.98 16.06 42.39
CA GLU B 66 13.64 17.07 41.37
C GLU B 66 12.63 16.57 40.31
N TYR B 67 12.65 15.27 39.98
CA TYR B 67 11.71 14.71 39.00
C TYR B 67 10.31 14.58 39.64
N VAL B 68 10.24 14.12 40.91
CA VAL B 68 8.96 13.95 41.66
C VAL B 68 8.32 15.34 41.88
N ASP B 69 9.14 16.37 42.19
CA ASP B 69 8.72 17.77 42.40
C ASP B 69 8.11 18.31 41.10
N ALA B 70 8.77 18.07 39.94
CA ALA B 70 8.29 18.50 38.62
C ALA B 70 6.98 17.81 38.24
N LEU B 71 6.82 16.52 38.62
CA LEU B 71 5.62 15.76 38.32
C LEU B 71 4.45 16.26 39.17
N LYS B 72 4.71 16.68 40.42
CA LYS B 72 3.68 17.27 41.28
C LYS B 72 3.25 18.65 40.74
N LYS B 73 4.24 19.47 40.29
CA LYS B 73 4.02 20.81 39.73
C LYS B 73 3.25 20.74 38.42
N LEU B 74 3.51 19.69 37.59
CA LEU B 74 2.83 19.48 36.31
C LEU B 74 1.32 19.31 36.52
N GLN B 75 0.93 18.53 37.55
CA GLN B 75 -0.47 18.29 37.92
C GLN B 75 -1.11 19.58 38.43
N MET B 76 -0.39 20.33 39.30
CA MET B 76 -0.87 21.59 39.86
C MET B 76 -1.14 22.58 38.72
N LEU B 77 -0.19 22.69 37.75
CA LEU B 77 -0.30 23.57 36.59
C LEU B 77 -1.50 23.24 35.67
N HIS B 78 -1.74 21.94 35.43
CA HIS B 78 -2.86 21.50 34.58
C HIS B 78 -4.22 21.56 35.29
N CYS B 79 -4.23 21.91 36.59
CA CYS B 79 -5.44 22.10 37.40
C CYS B 79 -5.82 23.58 37.47
N GLU B 80 -5.19 24.41 36.62
CA GLU B 80 -5.40 25.87 36.51
C GLU B 80 -5.77 26.26 35.07
N GLU B 81 -6.51 27.38 34.92
CA GLU B 81 -6.92 27.94 33.63
C GLU B 81 -5.70 28.48 32.87
N LYS B 82 -4.84 29.26 33.57
CA LYS B 82 -3.62 29.89 33.07
C LYS B 82 -2.61 28.92 32.45
N GLU B 83 -2.12 29.27 31.24
CA GLU B 83 -1.13 28.48 30.48
C GLU B 83 0.24 28.50 31.15
N LEU B 84 1.12 27.54 30.79
CA LEU B 84 2.46 27.42 31.35
C LEU B 84 3.39 28.54 30.89
N THR B 85 4.24 29.08 31.81
CA THR B 85 5.25 30.11 31.49
C THR B 85 6.44 29.44 30.78
N ALA B 86 7.25 30.22 30.02
CA ALA B 86 8.43 29.72 29.30
C ALA B 86 9.38 28.91 30.20
N ASP B 87 9.58 29.36 31.46
CA ASP B 87 10.43 28.66 32.44
C ASP B 87 9.81 27.32 32.90
N ASP B 88 8.47 27.27 33.10
CA ASP B 88 7.75 26.04 33.47
C ASP B 88 7.82 25.05 32.30
N GLU B 89 7.58 25.54 31.07
CA GLU B 89 7.67 24.73 29.84
C GLU B 89 9.04 24.05 29.70
N LEU B 90 10.15 24.80 29.92
CA LEU B 90 11.52 24.29 29.90
C LEU B 90 11.76 23.27 31.01
N LEU B 91 11.25 23.55 32.23
CA LEU B 91 11.35 22.65 33.37
C LEU B 91 10.67 21.29 33.07
N MET B 92 9.48 21.32 32.46
CA MET B 92 8.76 20.09 32.09
C MET B 92 9.48 19.29 30.97
N ASP B 93 10.03 20.00 29.96
CA ASP B 93 10.82 19.42 28.86
C ASP B 93 12.07 18.68 29.33
N SER B 94 12.75 19.19 30.38
CA SER B 94 13.97 18.58 30.91
C SER B 94 13.75 17.20 31.55
N PHE B 95 12.47 16.86 31.84
CA PHE B 95 12.08 15.60 32.49
C PHE B 95 11.24 14.76 31.53
N SER B 96 11.24 15.16 30.25
CA SER B 96 10.47 14.55 29.17
C SER B 96 8.95 14.52 29.47
N LEU B 97 8.48 15.51 30.25
CA LEU B 97 7.07 15.64 30.64
C LEU B 97 6.31 16.41 29.56
N ASN B 98 6.33 15.83 28.35
CA ASN B 98 5.75 16.37 27.12
C ASN B 98 5.51 15.22 26.12
N TYR B 99 5.10 15.54 24.89
CA TYR B 99 4.85 14.60 23.80
C TYR B 99 4.02 13.37 24.19
N ASP B 100 4.67 12.21 24.40
CA ASP B 100 4.00 10.95 24.75
C ASP B 100 3.67 10.85 26.25
N CYS B 101 4.27 11.74 27.06
CA CYS B 101 4.00 11.82 28.50
C CYS B 101 3.56 13.25 28.89
N PRO B 102 2.43 13.78 28.38
CA PRO B 102 2.05 15.16 28.74
C PRO B 102 1.33 15.25 30.10
N GLY B 103 1.03 16.46 30.50
CA GLY B 103 0.30 16.69 31.72
C GLY B 103 -1.19 16.63 31.47
N PHE B 104 -1.95 16.44 32.52
CA PHE B 104 -3.40 16.38 32.54
C PHE B 104 -3.79 16.59 34.00
N PRO B 105 -5.04 17.02 34.34
CA PRO B 105 -5.33 17.36 35.76
C PRO B 105 -5.00 16.35 36.85
N SER B 106 -4.90 15.07 36.52
CA SER B 106 -4.62 14.08 37.56
C SER B 106 -3.36 13.25 37.27
N VAL B 107 -2.38 13.84 36.52
CA VAL B 107 -1.14 13.19 36.11
C VAL B 107 -0.35 12.57 37.27
N PHE B 108 -0.17 13.32 38.38
CA PHE B 108 0.55 12.81 39.54
C PHE B 108 -0.25 11.73 40.25
N ASP B 109 -1.55 11.97 40.52
CA ASP B 109 -2.45 10.98 41.16
C ASP B 109 -2.54 9.67 40.35
N TYR B 110 -2.59 9.82 39.01
CA TYR B 110 -2.65 8.68 38.09
C TYR B 110 -1.38 7.85 38.19
N SER B 111 -0.21 8.52 38.15
CA SER B 111 1.12 7.90 38.21
C SER B 111 1.37 7.24 39.56
N LEU B 112 0.99 7.94 40.65
CA LEU B 112 1.16 7.44 42.02
C LEU B 112 0.25 6.23 42.33
N ALA B 113 -0.98 6.18 41.74
CA ALA B 113 -1.91 5.05 41.96
C ALA B 113 -1.26 3.71 41.60
N ALA B 114 -0.59 3.60 40.42
CA ALA B 114 0.12 2.36 40.02
C ALA B 114 1.17 1.95 41.05
N VAL B 115 1.89 2.94 41.63
CA VAL B 115 2.91 2.73 42.66
C VAL B 115 2.24 2.18 43.93
N GLN B 116 1.13 2.81 44.35
CA GLN B 116 0.32 2.41 45.51
C GLN B 116 -0.16 0.95 45.38
N GLY B 117 -0.66 0.57 44.19
CA GLY B 117 -1.13 -0.78 43.95
C GLY B 117 -0.02 -1.83 43.95
N SER B 118 1.08 -1.56 43.21
CA SER B 118 2.22 -2.48 43.14
C SER B 118 2.99 -2.66 44.46
N LEU B 119 3.08 -1.59 45.28
CA LEU B 119 3.75 -1.68 46.60
C LEU B 119 2.91 -2.55 47.57
N ALA B 120 1.57 -2.40 47.52
CA ALA B 120 0.62 -3.17 48.34
C ALA B 120 0.69 -4.65 47.93
N ALA B 121 0.75 -4.91 46.59
CA ALA B 121 0.89 -6.24 46.01
C ALA B 121 2.17 -6.90 46.55
N ALA B 122 3.32 -6.19 46.47
CA ALA B 122 4.60 -6.69 47.01
C ALA B 122 4.48 -7.03 48.51
N SER B 123 3.83 -6.13 49.30
CA SER B 123 3.61 -6.36 50.74
C SER B 123 2.80 -7.63 51.05
N ALA B 124 1.69 -7.88 50.28
CA ALA B 124 0.82 -9.07 50.44
C ALA B 124 1.61 -10.39 50.20
N LEU B 125 2.55 -10.39 49.23
CA LEU B 125 3.42 -11.54 48.97
C LEU B 125 4.39 -11.75 50.14
N ILE B 126 4.98 -10.65 50.68
CA ILE B 126 5.95 -10.64 51.80
C ILE B 126 5.38 -11.28 53.09
N CYS B 127 4.20 -10.84 53.53
CA CYS B 127 3.56 -11.37 54.76
C CYS B 127 2.88 -12.75 54.54
N ARG B 128 2.97 -13.29 53.30
CA ARG B 128 2.42 -14.59 52.90
C ARG B 128 0.87 -14.62 52.91
N HIS B 129 0.22 -13.46 52.77
CA HIS B 129 -1.24 -13.35 52.69
C HIS B 129 -1.74 -13.87 51.33
N CYS B 130 -0.92 -13.71 50.25
CA CYS B 130 -1.20 -14.13 48.87
C CYS B 130 -0.03 -14.92 48.29
N GLU B 131 -0.33 -15.97 47.51
CA GLU B 131 0.75 -16.70 46.83
C GLU B 131 1.05 -15.99 45.53
N VAL B 132 0.01 -15.35 44.92
CA VAL B 132 0.10 -14.58 43.68
C VAL B 132 -0.74 -13.31 43.85
N VAL B 133 -0.24 -12.16 43.35
CA VAL B 133 -0.99 -10.88 43.36
C VAL B 133 -1.01 -10.31 41.94
N ILE B 134 -2.21 -9.99 41.44
CA ILE B 134 -2.39 -9.43 40.10
C ILE B 134 -2.62 -7.90 40.20
N ASN B 135 -1.93 -7.10 39.36
CA ASN B 135 -2.20 -5.66 39.30
C ASN B 135 -2.36 -5.17 37.84
N TRP B 136 -3.61 -5.17 37.32
CA TRP B 136 -3.87 -4.69 35.95
C TRP B 136 -3.74 -3.16 35.76
N GLY B 137 -3.49 -2.42 36.84
CA GLY B 137 -3.27 -0.97 36.81
C GLY B 137 -1.79 -0.60 36.81
N GLY B 138 -0.92 -1.62 36.99
CA GLY B 138 0.53 -1.44 37.02
C GLY B 138 1.23 -2.01 35.79
N GLY B 139 2.56 -1.97 35.81
CA GLY B 139 3.40 -2.48 34.73
C GLY B 139 4.09 -1.43 33.89
N TRP B 140 4.35 -0.26 34.47
CA TRP B 140 4.99 0.86 33.76
C TRP B 140 6.52 0.80 33.73
N HIS B 141 7.02 -0.11 32.86
CA HIS B 141 8.43 -0.49 32.68
C HIS B 141 9.38 0.53 32.04
N HIS B 142 8.87 1.55 31.32
CA HIS B 142 9.76 2.55 30.68
C HIS B 142 10.21 3.73 31.56
N ALA B 143 9.53 4.02 32.69
CA ALA B 143 9.88 5.18 33.52
C ALA B 143 11.30 5.08 34.11
N LYS B 144 12.06 6.19 34.00
CA LYS B 144 13.45 6.28 34.48
C LYS B 144 13.52 7.12 35.74
N ARG B 145 14.68 7.07 36.41
CA ARG B 145 14.98 7.79 37.63
C ARG B 145 14.57 9.28 37.57
N SER B 146 14.98 10.00 36.50
CA SER B 146 14.68 11.43 36.35
C SER B 146 13.98 11.78 35.05
N GLU B 147 13.20 10.84 34.49
CA GLU B 147 12.59 11.03 33.18
C GLU B 147 11.35 10.16 32.97
N ALA B 148 10.30 10.74 32.34
CA ALA B 148 9.06 10.07 31.93
C ALA B 148 9.35 9.49 30.55
N SER B 149 8.86 8.29 30.25
CA SER B 149 9.16 7.67 28.97
C SER B 149 8.04 6.75 28.56
N GLY B 150 7.74 6.73 27.26
CA GLY B 150 6.74 5.89 26.59
C GLY B 150 5.49 5.61 27.39
N PHE B 151 4.77 6.68 27.77
CA PHE B 151 3.51 6.66 28.52
C PHE B 151 3.65 6.26 29.99
N CYS B 152 4.90 6.03 30.46
CA CYS B 152 5.23 5.68 31.84
C CYS B 152 5.79 6.91 32.57
N TYR B 153 5.22 7.28 33.74
CA TYR B 153 5.68 8.43 34.54
C TYR B 153 6.49 7.99 35.77
N LEU B 154 5.96 7.02 36.53
CA LEU B 154 6.63 6.50 37.72
C LEU B 154 6.77 5.00 37.55
N ASN B 155 7.95 4.48 37.84
CA ASN B 155 8.20 3.06 37.63
C ASN B 155 7.75 2.24 38.85
N ASP B 156 6.49 1.75 38.79
CA ASP B 156 5.88 0.94 39.85
C ASP B 156 6.60 -0.38 40.01
N ILE B 157 7.09 -0.95 38.88
CA ILE B 157 7.82 -2.24 38.84
C ILE B 157 9.10 -2.16 39.66
N VAL B 158 9.96 -1.15 39.40
CA VAL B 158 11.24 -0.95 40.11
C VAL B 158 10.99 -0.82 41.62
N LEU B 159 10.00 0.00 42.01
CA LEU B 159 9.67 0.20 43.42
C LEU B 159 9.15 -1.06 44.11
N ALA B 160 8.39 -1.91 43.38
CA ALA B 160 7.85 -3.16 43.92
C ALA B 160 8.94 -4.20 44.10
N ILE B 161 9.86 -4.29 43.13
CA ILE B 161 11.01 -5.22 43.16
C ILE B 161 11.93 -4.82 44.30
N HIS B 162 12.17 -3.50 44.44
CA HIS B 162 13.03 -2.96 45.50
C HIS B 162 12.52 -3.42 46.88
N ARG B 163 11.18 -3.35 47.08
CA ARG B 163 10.52 -3.80 48.31
C ARG B 163 10.74 -5.30 48.53
N LEU B 164 10.55 -6.13 47.47
CA LEU B 164 10.69 -7.58 47.52
C LEU B 164 12.15 -8.03 47.80
N VAL B 165 13.12 -7.46 47.06
CA VAL B 165 14.53 -7.79 47.17
C VAL B 165 15.17 -7.44 48.52
N SER B 166 14.61 -6.45 49.24
CA SER B 166 15.10 -6.01 50.54
C SER B 166 14.21 -6.48 51.71
N SER B 167 13.28 -7.41 51.44
CA SER B 167 12.37 -7.94 52.45
C SER B 167 13.03 -8.95 53.38
N THR B 168 12.34 -9.26 54.52
CA THR B 168 12.67 -10.19 55.62
C THR B 168 13.56 -11.37 55.21
N GLN B 177 20.34 -13.85 50.87
CA GLN B 177 20.23 -14.67 49.65
C GLN B 177 18.91 -14.49 48.86
N THR B 178 18.15 -13.40 49.13
CA THR B 178 16.89 -13.11 48.43
C THR B 178 17.18 -12.69 46.98
N ARG B 179 16.66 -13.47 46.02
CA ARG B 179 16.78 -13.16 44.59
C ARG B 179 15.41 -12.92 43.96
N VAL B 180 15.34 -11.98 43.00
CA VAL B 180 14.10 -11.68 42.26
C VAL B 180 14.32 -11.89 40.74
N LEU B 181 13.42 -12.62 40.08
CA LEU B 181 13.46 -12.80 38.64
C LEU B 181 12.37 -11.93 38.04
N TYR B 182 12.76 -11.01 37.16
CA TYR B 182 11.83 -10.13 36.45
C TYR B 182 11.69 -10.67 35.05
N VAL B 183 10.44 -10.91 34.62
CA VAL B 183 10.10 -11.45 33.29
C VAL B 183 9.23 -10.42 32.57
N ASP B 184 9.73 -9.86 31.46
CA ASP B 184 8.99 -8.83 30.74
C ASP B 184 8.44 -9.36 29.40
N LEU B 185 7.12 -9.65 29.38
CA LEU B 185 6.39 -10.20 28.22
C LEU B 185 5.80 -9.17 27.24
N ASP B 186 5.87 -7.87 27.58
CA ASP B 186 5.40 -6.79 26.70
C ASP B 186 6.12 -6.83 25.32
N LEU B 187 5.50 -6.24 24.27
CA LEU B 187 6.05 -6.12 22.90
C LEU B 187 7.34 -5.29 22.89
N HIS B 188 7.46 -4.35 23.85
CA HIS B 188 8.60 -3.44 23.97
C HIS B 188 9.61 -3.92 25.01
N HIS B 189 10.87 -3.53 24.83
CA HIS B 189 11.98 -3.84 25.75
C HIS B 189 11.74 -3.07 27.06
N GLY B 190 11.79 -3.77 28.19
CA GLY B 190 11.62 -3.14 29.51
C GLY B 190 12.88 -2.45 29.96
N ASP B 191 13.26 -1.37 29.24
CA ASP B 191 14.47 -0.58 29.49
C ASP B 191 14.58 0.04 30.89
N GLY B 192 13.49 0.62 31.38
CA GLY B 192 13.45 1.26 32.70
C GLY B 192 13.85 0.33 33.84
N VAL B 193 13.29 -0.89 33.84
CA VAL B 193 13.58 -1.91 34.86
C VAL B 193 14.99 -2.45 34.74
N GLU B 194 15.44 -2.69 33.50
CA GLU B 194 16.76 -3.21 33.18
C GLU B 194 17.87 -2.28 33.71
N GLU B 195 17.75 -0.98 33.38
CA GLU B 195 18.68 0.08 33.75
C GLU B 195 18.78 0.24 35.27
N ALA B 196 17.63 0.16 35.97
CA ALA B 196 17.54 0.30 37.43
C ALA B 196 18.34 -0.77 38.16
N PHE B 197 18.37 -2.00 37.63
CA PHE B 197 19.06 -3.13 38.30
C PHE B 197 20.29 -3.63 37.59
N TRP B 198 20.81 -2.83 36.64
CA TRP B 198 21.99 -3.10 35.78
C TRP B 198 23.24 -3.49 36.59
N TYR B 199 23.44 -2.82 37.73
CA TYR B 199 24.59 -3.04 38.62
C TYR B 199 24.26 -3.97 39.80
N SER B 200 23.06 -4.61 39.81
CA SER B 200 22.69 -5.50 40.93
C SER B 200 22.53 -6.99 40.57
N PRO B 201 23.24 -7.91 41.25
CA PRO B 201 23.09 -9.34 40.94
C PRO B 201 21.83 -10.00 41.50
N ARG B 202 21.23 -9.41 42.55
CA ARG B 202 20.05 -9.95 43.24
C ARG B 202 18.75 -9.83 42.45
N VAL B 203 18.72 -8.97 41.41
CA VAL B 203 17.55 -8.80 40.55
C VAL B 203 17.95 -9.16 39.12
N VAL B 204 17.50 -10.32 38.63
CA VAL B 204 17.78 -10.75 37.26
C VAL B 204 16.63 -10.27 36.39
N THR B 205 16.93 -9.56 35.29
CA THR B 205 15.88 -9.09 34.39
C THR B 205 15.90 -9.88 33.08
N PHE B 206 14.71 -10.27 32.58
CA PHE B 206 14.58 -10.98 31.32
C PHE B 206 13.45 -10.38 30.51
N SER B 207 13.80 -9.83 29.34
CA SER B 207 12.82 -9.20 28.47
C SER B 207 12.81 -9.87 27.11
N VAL B 208 11.61 -10.22 26.64
CA VAL B 208 11.34 -10.78 25.32
C VAL B 208 10.54 -9.68 24.61
N HIS B 209 10.89 -9.32 23.38
CA HIS B 209 10.27 -8.15 22.73
C HIS B 209 10.61 -8.06 21.26
N HIS B 210 10.03 -7.06 20.58
CA HIS B 210 10.39 -6.74 19.21
C HIS B 210 11.48 -5.66 19.24
N ALA B 211 12.48 -5.81 18.38
CA ALA B 211 13.55 -4.82 18.20
C ALA B 211 13.85 -4.72 16.69
N SER B 212 13.77 -3.49 16.16
CA SER B 212 14.05 -3.13 14.77
C SER B 212 14.33 -1.62 14.67
N PRO B 213 15.02 -1.13 13.61
CA PRO B 213 15.37 0.30 13.54
C PRO B 213 14.16 1.22 13.53
N GLY B 214 14.17 2.19 14.44
CA GLY B 214 13.08 3.16 14.60
C GLY B 214 12.01 2.71 15.58
N PHE B 215 12.12 1.46 16.07
CA PHE B 215 11.12 0.91 16.99
C PHE B 215 11.53 1.17 18.42
N PHE B 216 10.63 1.76 19.19
CA PHE B 216 10.79 2.14 20.59
C PHE B 216 11.08 0.96 21.53
N PRO B 217 12.00 1.11 22.52
CA PRO B 217 12.89 2.25 22.77
C PRO B 217 14.22 2.21 22.00
N GLY B 218 14.53 1.09 21.36
CA GLY B 218 15.77 0.90 20.62
C GLY B 218 16.77 -0.02 21.28
N THR B 219 16.61 -0.25 22.60
CA THR B 219 17.51 -1.11 23.39
C THR B 219 17.04 -2.57 23.42
N GLY B 220 17.77 -3.42 24.17
CA GLY B 220 17.48 -4.85 24.30
C GLY B 220 17.84 -5.66 23.07
N THR B 221 18.84 -5.18 22.32
CA THR B 221 19.33 -5.81 21.10
C THR B 221 20.86 -5.69 20.99
N TRP B 222 21.41 -6.01 19.82
CA TRP B 222 22.86 -5.96 19.54
C TRP B 222 23.39 -4.51 19.63
N ASN B 223 24.56 -4.31 20.29
CA ASN B 223 25.18 -3.00 20.45
C ASN B 223 26.16 -2.68 19.32
N LEU B 230 32.85 -7.20 15.87
CA LEU B 230 31.50 -7.73 15.67
C LEU B 230 30.54 -7.28 16.80
N PRO B 231 29.25 -6.98 16.51
CA PRO B 231 28.33 -6.53 17.58
C PRO B 231 28.14 -7.55 18.70
N ILE B 232 27.91 -7.05 19.92
CA ILE B 232 27.69 -7.88 21.13
C ILE B 232 26.47 -7.41 21.95
N PHE B 233 26.04 -8.24 22.93
CA PHE B 233 24.95 -7.90 23.83
C PHE B 233 25.49 -7.40 25.15
N LEU B 234 25.09 -6.19 25.55
CA LEU B 234 25.42 -5.67 26.88
C LEU B 234 24.43 -6.39 27.83
N ASN B 235 24.88 -6.76 29.04
CA ASN B 235 24.09 -7.58 29.96
C ASN B 235 24.26 -7.27 31.47
N GLY B 236 24.63 -6.04 31.79
CA GLY B 236 24.85 -5.63 33.17
C GLY B 236 26.29 -5.20 33.39
N ALA B 237 26.60 -4.61 34.56
CA ALA B 237 27.95 -4.17 34.87
C ALA B 237 28.31 -4.34 36.35
N GLY B 238 29.61 -4.39 36.65
CA GLY B 238 30.13 -4.58 38.01
C GLY B 238 29.64 -5.86 38.63
N ARG B 239 29.03 -5.76 39.82
CA ARG B 239 28.40 -6.91 40.51
C ARG B 239 27.19 -7.44 39.72
N GLY B 240 26.60 -6.60 38.85
CA GLY B 240 25.44 -6.94 38.05
C GLY B 240 25.74 -7.54 36.68
N ARG B 241 27.01 -7.85 36.38
CA ARG B 241 27.40 -8.42 35.08
C ARG B 241 26.64 -9.73 34.80
N PHE B 242 26.20 -9.93 33.53
CA PHE B 242 25.46 -11.13 33.08
C PHE B 242 24.05 -11.26 33.71
N SER B 243 23.60 -10.24 34.50
CA SER B 243 22.29 -10.27 35.17
C SER B 243 21.12 -9.66 34.37
N ALA B 244 21.38 -9.09 33.17
CA ALA B 244 20.34 -8.54 32.30
C ALA B 244 20.25 -9.38 31.01
N PHE B 245 19.14 -10.14 30.85
CA PHE B 245 18.91 -11.02 29.71
C PHE B 245 17.92 -10.40 28.73
N ASN B 246 18.17 -10.55 27.42
CA ASN B 246 17.31 -10.00 26.38
C ASN B 246 17.13 -10.97 25.22
N LEU B 247 15.88 -11.10 24.75
CA LEU B 247 15.53 -11.91 23.58
C LEU B 247 14.73 -11.06 22.57
N PRO B 248 15.42 -10.39 21.62
CA PRO B 248 14.71 -9.61 20.61
C PRO B 248 14.23 -10.52 19.49
N LEU B 249 13.00 -10.34 19.03
CA LEU B 249 12.40 -11.18 17.99
C LEU B 249 11.88 -10.37 16.81
N GLU B 250 11.94 -10.98 15.61
CA GLU B 250 11.42 -10.40 14.36
C GLU B 250 9.87 -10.37 14.41
N GLU B 251 9.24 -9.47 13.63
CA GLU B 251 7.78 -9.36 13.58
C GLU B 251 7.09 -10.63 12.98
N GLY B 252 5.80 -10.80 13.29
CA GLY B 252 4.98 -11.91 12.79
C GLY B 252 5.00 -13.21 13.56
N ILE B 253 5.71 -13.26 14.71
CA ILE B 253 5.76 -14.49 15.55
C ILE B 253 4.34 -14.90 16.08
N ASN B 254 4.01 -16.19 16.00
CA ASN B 254 2.73 -16.75 16.46
C ASN B 254 2.84 -17.29 17.88
N ASP B 255 1.73 -17.80 18.46
CA ASP B 255 1.70 -18.34 19.83
C ASP B 255 2.70 -19.47 20.10
N LEU B 256 2.77 -20.49 19.21
CA LEU B 256 3.65 -21.66 19.41
C LEU B 256 5.15 -21.33 19.26
N ASP B 257 5.52 -20.49 18.28
CA ASP B 257 6.93 -20.12 18.08
C ASP B 257 7.47 -19.24 19.20
N TRP B 258 6.64 -18.31 19.73
CA TRP B 258 6.92 -17.44 20.86
C TRP B 258 7.03 -18.27 22.15
N SER B 259 6.18 -19.30 22.29
CA SER B 259 6.17 -20.24 23.43
C SER B 259 7.45 -21.07 23.47
N ASN B 260 7.82 -21.65 22.32
CA ASN B 260 9.03 -22.45 22.17
C ASN B 260 10.29 -21.64 22.33
N ALA B 261 10.23 -20.35 22.03
CA ALA B 261 11.33 -19.42 22.17
C ALA B 261 11.64 -19.09 23.64
N ILE B 262 10.62 -18.84 24.47
CA ILE B 262 10.82 -18.45 25.88
C ILE B 262 10.68 -19.52 26.94
N GLY B 263 9.88 -20.54 26.67
CA GLY B 263 9.66 -21.65 27.59
C GLY B 263 10.94 -22.24 28.19
N PRO B 264 11.90 -22.70 27.35
CA PRO B 264 13.15 -23.27 27.90
C PRO B 264 14.04 -22.29 28.64
N ILE B 265 14.11 -21.01 28.18
CA ILE B 265 14.90 -19.96 28.82
C ILE B 265 14.33 -19.68 30.23
N LEU B 266 12.99 -19.58 30.32
CA LEU B 266 12.28 -19.33 31.59
C LEU B 266 12.57 -20.43 32.61
N ASP B 267 12.44 -21.69 32.20
CA ASP B 267 12.72 -22.85 33.08
C ASP B 267 14.18 -22.89 33.55
N SER B 268 15.13 -22.54 32.65
CA SER B 268 16.58 -22.47 32.95
C SER B 268 16.88 -21.38 33.96
N LEU B 269 16.26 -20.20 33.78
CA LEU B 269 16.41 -19.06 34.68
C LEU B 269 15.96 -19.46 36.09
N ASN B 270 14.81 -20.16 36.19
CA ASN B 270 14.32 -20.63 37.47
C ASN B 270 15.26 -21.67 38.12
N ILE B 271 15.76 -22.65 37.35
CA ILE B 271 16.68 -23.69 37.86
C ILE B 271 17.94 -23.07 38.48
N VAL B 272 18.63 -22.20 37.73
CA VAL B 272 19.89 -21.56 38.15
C VAL B 272 19.73 -20.46 39.22
N ILE B 273 18.93 -19.40 38.94
CA ILE B 273 18.74 -18.27 39.86
C ILE B 273 18.04 -18.65 41.16
N GLN B 274 17.12 -19.64 41.12
CA GLN B 274 16.32 -20.07 42.27
C GLN B 274 15.70 -18.83 42.96
N PRO B 275 14.91 -17.99 42.21
CA PRO B 275 14.36 -16.76 42.82
C PRO B 275 13.40 -16.99 43.99
N SER B 276 13.38 -16.06 44.95
CA SER B 276 12.42 -16.11 46.08
C SER B 276 11.07 -15.52 45.62
N TYR B 277 11.10 -14.64 44.60
CA TYR B 277 9.94 -13.98 44.00
C TYR B 277 10.10 -13.84 42.50
N VAL B 278 8.98 -13.89 41.78
CA VAL B 278 8.92 -13.65 40.32
C VAL B 278 7.97 -12.44 40.08
N VAL B 279 8.40 -11.46 39.25
CA VAL B 279 7.63 -10.28 38.87
C VAL B 279 7.48 -10.37 37.35
N VAL B 280 6.23 -10.50 36.87
CA VAL B 280 5.91 -10.68 35.46
C VAL B 280 5.14 -9.48 34.93
N GLN B 281 5.72 -8.75 33.95
CA GLN B 281 5.04 -7.66 33.26
C GLN B 281 4.34 -8.36 32.06
N CYS B 282 3.01 -8.30 32.02
CA CYS B 282 2.22 -8.98 31.01
C CYS B 282 1.52 -8.01 30.02
N GLY B 283 2.31 -7.13 29.38
CA GLY B 283 1.79 -6.20 28.38
C GLY B 283 1.18 -6.92 27.20
N ALA B 284 -0.08 -6.53 26.85
CA ALA B 284 -0.94 -7.13 25.82
C ALA B 284 -0.73 -6.65 24.38
N ASP B 285 0.33 -5.87 24.14
CA ASP B 285 0.63 -5.36 22.81
C ASP B 285 1.20 -6.39 21.81
N CYS B 286 1.40 -7.68 22.23
CA CYS B 286 1.84 -8.76 21.33
C CYS B 286 0.62 -9.42 20.66
N LEU B 287 -0.61 -9.01 21.07
CA LEU B 287 -1.84 -9.53 20.47
C LEU B 287 -1.87 -9.19 19.00
N ALA B 288 -2.28 -10.17 18.16
CA ALA B 288 -2.37 -10.04 16.71
C ALA B 288 -3.18 -8.81 16.29
N THR B 289 -4.21 -8.47 17.10
CA THR B 289 -5.18 -7.38 16.91
C THR B 289 -4.81 -6.07 17.62
N ASP B 290 -3.61 -6.00 18.23
CA ASP B 290 -3.18 -4.73 18.83
C ASP B 290 -2.88 -3.78 17.65
N PRO B 291 -3.22 -2.44 17.70
CA PRO B 291 -2.91 -1.58 16.54
C PRO B 291 -1.44 -1.56 16.11
N HIS B 292 -0.49 -1.99 16.99
CA HIS B 292 0.94 -2.10 16.60
C HIS B 292 1.13 -3.07 15.43
N ARG B 293 0.33 -4.15 15.39
CA ARG B 293 0.35 -5.20 14.35
C ARG B 293 1.75 -5.79 14.13
N ILE B 294 2.41 -6.20 15.24
CA ILE B 294 3.77 -6.76 15.18
C ILE B 294 3.81 -8.28 15.39
N PHE B 295 3.47 -8.74 16.61
CA PHE B 295 3.45 -10.17 16.90
C PHE B 295 2.05 -10.69 16.60
N ARG B 296 1.88 -12.02 16.53
CA ARG B 296 0.60 -12.64 16.18
C ARG B 296 0.08 -13.55 17.30
N LEU B 297 0.17 -13.07 18.54
CA LEU B 297 -0.29 -13.83 19.71
C LEU B 297 -1.79 -13.67 19.85
N THR B 298 -2.43 -14.67 20.46
CA THR B 298 -3.87 -14.69 20.65
C THR B 298 -4.12 -14.84 22.15
N ASN B 299 -5.39 -15.03 22.55
CA ASN B 299 -5.80 -15.29 23.93
C ASN B 299 -6.48 -16.69 23.96
N PHE B 300 -6.23 -17.53 22.93
CA PHE B 300 -6.86 -18.87 22.77
C PHE B 300 -6.52 -19.86 23.86
N TYR B 301 -7.52 -20.63 24.29
CA TYR B 301 -7.38 -21.62 25.35
C TYR B 301 -8.10 -22.92 24.98
N PRO B 302 -7.43 -23.85 24.27
CA PRO B 302 -8.11 -25.10 23.86
C PRO B 302 -8.53 -25.99 25.02
N SER B 315 -1.80 -23.74 19.03
CA SER B 315 -3.13 -23.13 19.22
C SER B 315 -3.22 -22.32 20.53
N LEU B 316 -2.66 -22.85 21.62
CA LEU B 316 -2.65 -22.23 22.95
C LEU B 316 -1.94 -20.87 22.94
N SER B 317 -2.58 -19.85 23.56
CA SER B 317 -2.02 -18.50 23.69
C SER B 317 -0.60 -18.53 24.27
N GLY B 318 0.29 -17.77 23.66
CA GLY B 318 1.67 -17.65 24.12
C GLY B 318 1.71 -17.15 25.53
N TYR B 319 0.89 -16.12 25.84
CA TYR B 319 0.79 -15.55 27.18
C TYR B 319 0.35 -16.59 28.23
N LEU B 320 -0.70 -17.37 27.92
CA LEU B 320 -1.24 -18.40 28.81
C LEU B 320 -0.24 -19.52 29.05
N TYR B 321 0.52 -19.89 27.99
CA TYR B 321 1.58 -20.88 28.07
C TYR B 321 2.66 -20.42 29.08
N ALA B 322 3.17 -19.16 28.91
CA ALA B 322 4.21 -18.60 29.78
C ALA B 322 3.73 -18.41 31.22
N ILE B 323 2.50 -17.92 31.43
CA ILE B 323 1.95 -17.74 32.79
C ILE B 323 1.83 -19.09 33.52
N LYS B 324 1.33 -20.12 32.81
CA LYS B 324 1.17 -21.48 33.34
C LYS B 324 2.53 -22.04 33.77
N LYS B 325 3.57 -21.84 32.93
CA LYS B 325 4.95 -22.27 33.21
C LYS B 325 5.52 -21.61 34.48
N ILE B 326 5.44 -20.26 34.58
CA ILE B 326 5.92 -19.50 35.74
C ILE B 326 5.19 -19.94 37.03
N LEU B 327 3.88 -20.18 36.94
CA LEU B 327 3.09 -20.60 38.11
C LEU B 327 3.36 -22.04 38.56
N SER B 328 3.86 -22.90 37.65
CA SER B 328 4.21 -24.28 37.98
C SER B 328 5.41 -24.35 38.95
N TRP B 329 6.25 -23.30 38.99
CA TRP B 329 7.42 -23.23 39.85
C TRP B 329 7.07 -23.06 41.34
N LYS B 330 5.82 -22.65 41.63
CA LYS B 330 5.29 -22.46 42.99
C LYS B 330 6.11 -21.43 43.79
N VAL B 331 6.54 -20.36 43.09
CA VAL B 331 7.32 -19.27 43.66
C VAL B 331 6.37 -18.05 43.80
N PRO B 332 6.32 -17.34 44.98
CA PRO B 332 5.44 -16.15 45.08
C PRO B 332 5.64 -15.18 43.91
N THR B 333 4.52 -14.85 43.21
CA THR B 333 4.54 -14.09 41.96
C THR B 333 3.66 -12.83 41.93
N LEU B 334 4.17 -11.76 41.32
CA LEU B 334 3.44 -10.53 41.02
C LEU B 334 3.16 -10.56 39.52
N ILE B 335 1.88 -10.35 39.12
CA ILE B 335 1.45 -10.29 37.72
C ILE B 335 0.95 -8.87 37.45
N LEU B 336 1.62 -8.13 36.56
CA LEU B 336 1.33 -6.74 36.22
C LEU B 336 0.89 -6.60 34.79
N GLY B 337 0.19 -5.49 34.51
CA GLY B 337 -0.27 -5.12 33.17
C GLY B 337 0.85 -4.47 32.37
N GLY B 338 0.55 -3.35 31.71
CA GLY B 338 1.48 -2.63 30.87
C GLY B 338 0.81 -2.16 29.60
N GLY B 339 1.49 -2.35 28.47
CA GLY B 339 0.96 -2.00 27.14
C GLY B 339 -0.25 -2.83 26.73
N GLY B 340 -0.95 -2.37 25.70
CA GLY B 340 -2.17 -2.98 25.17
C GLY B 340 -3.11 -1.87 24.74
N TYR B 341 -3.21 -1.65 23.42
CA TYR B 341 -3.92 -0.52 22.81
C TYR B 341 -5.26 -0.79 22.14
N ASN B 342 -5.67 -2.07 22.13
CA ASN B 342 -6.98 -2.53 21.71
C ASN B 342 -7.59 -2.93 23.07
N PHE B 343 -8.30 -1.99 23.72
CA PHE B 343 -8.87 -2.15 25.07
C PHE B 343 -9.74 -3.38 25.24
N PRO B 344 -10.75 -3.67 24.37
CA PRO B 344 -11.54 -4.91 24.54
C PRO B 344 -10.71 -6.19 24.40
N ASP B 345 -9.76 -6.24 23.46
CA ASP B 345 -8.90 -7.44 23.32
C ASP B 345 -7.90 -7.61 24.48
N THR B 346 -7.48 -6.50 25.12
CA THR B 346 -6.60 -6.52 26.31
C THR B 346 -7.38 -7.12 27.50
N ALA B 347 -8.64 -6.68 27.67
CA ALA B 347 -9.58 -7.20 28.68
C ALA B 347 -9.84 -8.69 28.40
N ARG B 348 -9.94 -9.09 27.11
CA ARG B 348 -10.11 -10.50 26.72
C ARG B 348 -8.91 -11.37 27.17
N LEU B 349 -7.69 -10.91 26.93
CA LEU B 349 -6.50 -11.64 27.33
C LEU B 349 -6.33 -11.66 28.87
N TRP B 350 -6.42 -10.49 29.51
CA TRP B 350 -6.22 -10.39 30.96
C TRP B 350 -7.25 -11.14 31.81
N THR B 351 -8.50 -11.31 31.29
CA THR B 351 -9.56 -12.08 31.95
C THR B 351 -9.16 -13.57 31.95
N ARG B 352 -8.60 -14.05 30.82
CA ARG B 352 -8.11 -15.43 30.67
C ARG B 352 -6.87 -15.68 31.54
N VAL B 353 -5.91 -14.73 31.60
CA VAL B 353 -4.73 -14.79 32.48
C VAL B 353 -5.20 -14.89 33.95
N THR B 354 -6.20 -14.06 34.35
CA THR B 354 -6.78 -14.07 35.71
C THR B 354 -7.41 -15.43 36.06
N ALA B 355 -8.23 -16.00 35.16
CA ALA B 355 -8.87 -17.31 35.40
C ALA B 355 -7.82 -18.44 35.45
N LEU B 356 -6.75 -18.33 34.64
CA LEU B 356 -5.69 -19.34 34.62
C LEU B 356 -4.94 -19.34 35.96
N THR B 357 -4.67 -18.13 36.49
CA THR B 357 -4.00 -17.94 37.78
C THR B 357 -4.82 -18.59 38.92
N ILE B 358 -6.16 -18.42 38.92
CA ILE B 358 -7.02 -19.03 39.95
C ILE B 358 -6.93 -20.55 39.89
N GLU B 359 -7.02 -21.09 38.65
CA GLU B 359 -6.97 -22.52 38.32
C GLU B 359 -5.65 -23.17 38.77
N GLU B 360 -4.51 -22.55 38.44
CA GLU B 360 -3.18 -23.04 38.79
C GLU B 360 -2.82 -22.95 40.28
N VAL B 361 -3.30 -21.93 40.98
CA VAL B 361 -2.94 -21.74 42.39
C VAL B 361 -3.91 -22.46 43.36
N LYS B 362 -5.21 -22.42 43.07
CA LYS B 362 -6.26 -23.02 43.91
C LYS B 362 -6.71 -24.44 43.49
N GLY B 363 -6.29 -24.90 42.30
CA GLY B 363 -6.68 -26.19 41.75
C GLY B 363 -8.15 -26.27 41.41
N LYS B 364 -8.80 -25.10 41.25
CA LYS B 364 -10.23 -24.91 40.99
C LYS B 364 -10.47 -24.67 39.51
N LYS B 365 -11.30 -25.51 38.85
CA LYS B 365 -11.58 -25.34 37.43
C LYS B 365 -12.35 -24.04 37.19
N MET B 366 -11.85 -23.26 36.24
CA MET B 366 -12.44 -22.00 35.85
C MET B 366 -12.88 -22.14 34.40
N THR B 367 -14.17 -22.28 34.20
CA THR B 367 -14.79 -22.44 32.89
C THR B 367 -15.40 -21.11 32.53
N ILE B 368 -14.97 -20.57 31.42
CA ILE B 368 -15.44 -19.31 30.93
C ILE B 368 -16.30 -19.57 29.70
N SER B 369 -17.50 -18.97 29.68
CA SER B 369 -18.38 -19.07 28.53
C SER B 369 -17.74 -18.34 27.32
N PRO B 370 -17.91 -18.85 26.08
CA PRO B 370 -17.34 -18.15 24.90
C PRO B 370 -18.06 -16.84 24.57
N GLU B 371 -19.30 -16.70 25.04
CA GLU B 371 -20.08 -15.49 24.84
C GLU B 371 -19.74 -14.56 26.00
N ILE B 372 -19.45 -13.27 25.68
CA ILE B 372 -19.18 -12.21 26.66
C ILE B 372 -20.43 -12.11 27.55
N PRO B 373 -20.30 -12.15 28.89
CA PRO B 373 -21.50 -12.03 29.73
C PRO B 373 -22.07 -10.62 29.74
N GLU B 374 -23.30 -10.49 30.20
CA GLU B 374 -24.00 -9.20 30.32
C GLU B 374 -23.32 -8.33 31.38
N HIS B 375 -23.04 -7.05 31.03
CA HIS B 375 -22.45 -6.02 31.88
C HIS B 375 -22.48 -4.69 31.11
N SER B 376 -22.24 -3.56 31.80
CA SER B 376 -22.33 -2.21 31.22
C SER B 376 -21.37 -1.92 30.05
N TYR B 377 -20.26 -2.65 29.97
CA TYR B 377 -19.32 -2.55 28.86
C TYR B 377 -19.52 -3.63 27.77
N PHE B 378 -20.63 -4.43 27.82
CA PHE B 378 -20.95 -5.48 26.80
C PHE B 378 -20.86 -4.99 25.35
N SER B 379 -21.37 -3.76 25.07
CA SER B 379 -21.39 -3.18 23.72
C SER B 379 -19.99 -2.95 23.13
N ARG B 380 -18.95 -2.94 23.96
CA ARG B 380 -17.56 -2.73 23.50
C ARG B 380 -16.94 -4.01 22.89
N TYR B 381 -17.61 -5.15 23.02
CA TYR B 381 -17.10 -6.44 22.53
C TYR B 381 -17.63 -6.88 21.16
N GLY B 382 -18.16 -5.94 20.41
CA GLY B 382 -18.70 -6.19 19.08
C GLY B 382 -17.63 -6.35 18.00
N PRO B 383 -18.02 -6.82 16.79
CA PRO B 383 -19.36 -7.21 16.36
C PRO B 383 -19.76 -8.66 16.72
N ASP B 384 -18.80 -9.42 17.25
CA ASP B 384 -18.96 -10.84 17.60
C ASP B 384 -19.46 -11.11 19.01
N PHE B 385 -19.07 -10.26 20.01
CA PHE B 385 -19.41 -10.46 21.44
C PHE B 385 -18.88 -11.82 21.97
N GLU B 386 -17.72 -12.26 21.44
CA GLU B 386 -17.07 -13.51 21.86
C GLU B 386 -15.79 -13.21 22.66
N LEU B 387 -15.41 -14.14 23.54
CA LEU B 387 -14.20 -14.03 24.35
C LEU B 387 -12.89 -14.19 23.55
N ASP B 388 -12.86 -15.12 22.56
CA ASP B 388 -11.65 -15.30 21.74
C ASP B 388 -11.46 -14.07 20.88
N ILE B 389 -10.21 -13.60 20.72
CA ILE B 389 -9.98 -12.44 19.86
C ILE B 389 -10.37 -12.80 18.40
N ASP B 390 -10.88 -11.82 17.65
CA ASP B 390 -11.31 -12.00 16.26
C ASP B 390 -10.10 -12.00 15.31
N TYR B 391 -9.38 -13.12 15.29
CA TYR B 391 -8.20 -13.28 14.47
C TYR B 391 -8.09 -14.74 14.07
N PHE B 392 -7.63 -14.98 12.83
CA PHE B 392 -7.48 -16.31 12.28
C PHE B 392 -6.01 -16.68 12.06
N PRO B 393 -5.39 -17.43 13.00
CA PRO B 393 -3.96 -17.79 12.85
C PRO B 393 -3.71 -18.60 11.57
N HIS B 394 -2.66 -18.22 10.81
CA HIS B 394 -2.30 -18.85 9.54
C HIS B 394 -0.80 -18.97 9.35
N LYS B 399 9.69 -21.46 7.74
CA LYS B 399 9.98 -21.27 9.17
C LYS B 399 11.34 -21.85 9.63
N THR B 400 12.09 -22.53 8.73
CA THR B 400 13.41 -23.11 9.01
C THR B 400 14.45 -22.03 9.39
N LEU B 401 14.53 -20.92 8.62
CA LEU B 401 15.48 -19.81 8.79
C LEU B 401 15.15 -18.78 9.88
N ASP B 402 13.90 -18.74 10.36
CA ASP B 402 13.43 -17.79 11.37
C ASP B 402 13.68 -18.28 12.84
N SER B 403 14.42 -19.38 13.00
CA SER B 403 14.73 -19.96 14.31
C SER B 403 15.70 -19.07 15.10
N ILE B 404 15.75 -19.28 16.42
CA ILE B 404 16.59 -18.50 17.33
C ILE B 404 17.50 -19.38 18.19
N GLN B 405 17.97 -20.50 17.62
CA GLN B 405 18.83 -21.44 18.35
C GLN B 405 20.14 -20.82 18.85
N LYS B 406 20.74 -19.91 18.05
CA LYS B 406 21.95 -19.17 18.47
C LYS B 406 21.67 -18.26 19.68
N HIS B 407 20.46 -17.65 19.76
CA HIS B 407 20.07 -16.84 20.92
C HIS B 407 19.95 -17.73 22.17
N HIS B 408 19.43 -18.96 22.01
CA HIS B 408 19.33 -19.93 23.13
C HIS B 408 20.74 -20.27 23.66
N ARG B 409 21.70 -20.46 22.74
CA ARG B 409 23.09 -20.77 23.09
C ARG B 409 23.76 -19.58 23.82
N ARG B 410 23.62 -18.35 23.25
CA ARG B 410 24.14 -17.08 23.81
C ARG B 410 23.57 -16.84 25.23
N ILE B 411 22.25 -17.06 25.42
CA ILE B 411 21.57 -16.83 26.71
C ILE B 411 22.02 -17.84 27.79
N LEU B 412 22.04 -19.14 27.45
CA LEU B 412 22.50 -20.18 28.37
C LEU B 412 23.97 -19.97 28.77
N GLU B 413 24.79 -19.39 27.87
CA GLU B 413 26.19 -19.07 28.15
C GLU B 413 26.25 -17.94 29.18
N GLN B 414 25.42 -16.88 28.99
CA GLN B 414 25.32 -15.71 29.89
C GLN B 414 24.89 -16.15 31.29
N LEU B 415 23.95 -17.11 31.35
CA LEU B 415 23.46 -17.70 32.58
C LEU B 415 24.58 -18.46 33.34
N ARG B 416 25.40 -19.22 32.59
CA ARG B 416 26.56 -19.96 33.13
C ARG B 416 27.55 -18.93 33.74
N ASN B 417 27.82 -17.81 33.02
CA ASN B 417 28.69 -16.73 33.49
C ASN B 417 28.09 -16.04 34.71
N TYR B 418 26.75 -15.95 34.77
CA TYR B 418 26.07 -15.34 35.91
C TYR B 418 26.26 -16.25 37.14
N ALA B 419 26.04 -17.58 36.98
CA ALA B 419 26.20 -18.54 38.08
C ALA B 419 27.66 -18.53 38.62
N ASP B 420 28.66 -18.55 37.71
CA ASP B 420 30.09 -18.53 38.07
C ASP B 420 30.47 -17.29 38.90
N LEU B 421 30.19 -16.08 38.38
CA LEU B 421 30.47 -14.81 39.06
C LEU B 421 29.84 -14.74 40.46
N ASN B 422 28.58 -15.17 40.58
CA ASN B 422 27.81 -15.12 41.83
C ASN B 422 28.00 -16.29 42.78
N LYS B 423 28.87 -17.26 42.44
CA LYS B 423 29.18 -18.46 43.25
C LYS B 423 27.91 -19.31 43.49
N LEU B 424 27.15 -19.55 42.41
CA LEU B 424 25.91 -20.33 42.45
C LEU B 424 26.08 -21.66 41.73
N ILE B 425 25.38 -22.70 42.21
CA ILE B 425 25.38 -24.05 41.63
C ILE B 425 24.80 -24.00 40.20
N TYR B 426 25.60 -24.41 39.20
CA TYR B 426 25.13 -24.50 37.82
C TYR B 426 24.86 -25.99 37.55
N ASP B 427 23.59 -26.38 37.66
CA ASP B 427 23.13 -27.76 37.46
C ASP B 427 23.01 -28.06 35.96
N TYR B 428 24.15 -28.35 35.31
CA TYR B 428 24.23 -28.69 33.89
C TYR B 428 23.23 -29.78 33.46
N ASP B 429 23.14 -30.89 34.23
CA ASP B 429 22.29 -32.05 33.91
C ASP B 429 20.80 -31.75 33.78
N GLN B 430 20.22 -31.01 34.76
CA GLN B 430 18.81 -30.59 34.79
C GLN B 430 18.49 -29.68 33.60
N VAL B 431 19.41 -28.75 33.29
CA VAL B 431 19.30 -27.80 32.17
C VAL B 431 19.41 -28.56 30.84
N TYR B 432 20.30 -29.57 30.78
CA TYR B 432 20.49 -30.41 29.60
C TYR B 432 19.23 -31.20 29.28
N GLN B 433 18.62 -31.84 30.30
CA GLN B 433 17.38 -32.62 30.16
C GLN B 433 16.21 -31.77 29.69
N LEU B 434 16.12 -30.54 30.22
CA LEU B 434 15.11 -29.52 29.89
C LEU B 434 15.14 -29.31 28.36
N TYR B 435 16.33 -28.99 27.83
CA TYR B 435 16.55 -28.77 26.41
C TYR B 435 16.48 -30.05 25.59
N ASN B 436 16.88 -31.20 26.18
CA ASN B 436 16.83 -32.50 25.49
C ASN B 436 15.41 -33.02 25.28
N LEU B 437 14.40 -32.48 26.02
CA LEU B 437 12.98 -32.82 25.87
C LEU B 437 12.50 -32.31 24.49
N THR B 438 13.24 -31.34 23.95
CA THR B 438 13.02 -30.69 22.66
C THR B 438 14.04 -31.24 21.64
N GLY B 439 15.04 -31.95 22.14
CA GLY B 439 16.14 -32.50 21.34
C GLY B 439 17.19 -31.45 21.02
N MET B 440 17.25 -30.39 21.87
CA MET B 440 18.18 -29.26 21.73
C MET B 440 19.21 -29.21 22.88
N GLY B 441 19.45 -30.35 23.52
CA GLY B 441 20.39 -30.49 24.64
C GLY B 441 21.80 -30.00 24.36
N SER B 442 22.28 -30.11 23.10
CA SER B 442 23.61 -29.71 22.64
C SER B 442 23.87 -28.20 22.79
N LEU B 443 22.80 -27.38 22.86
CA LEU B 443 22.89 -25.93 23.01
C LEU B 443 23.38 -25.51 24.41
N VAL B 444 23.21 -26.41 25.41
CA VAL B 444 23.58 -26.19 26.83
C VAL B 444 25.12 -26.24 27.07
N PRO B 445 25.72 -25.14 27.61
CA PRO B 445 27.17 -25.18 27.91
C PRO B 445 27.45 -25.92 29.22
N ARG B 446 28.65 -26.53 29.34
CA ARG B 446 29.04 -27.29 30.54
C ARG B 446 29.25 -26.38 31.75
N SER C 2 -16.23 30.18 -38.95
CA SER C 2 -17.19 30.06 -37.85
C SER C 2 -16.94 28.80 -37.02
N VAL C 3 -16.88 28.96 -35.68
CA VAL C 3 -16.73 27.86 -34.75
C VAL C 3 -18.08 27.59 -34.12
N GLY C 4 -18.60 26.40 -34.36
CA GLY C 4 -19.89 25.98 -33.82
C GLY C 4 -19.75 25.22 -32.52
N ILE C 5 -20.81 25.26 -31.70
CA ILE C 5 -20.89 24.49 -30.44
C ILE C 5 -22.31 23.95 -30.27
N VAL C 6 -22.43 22.65 -30.00
CA VAL C 6 -23.73 22.00 -29.81
C VAL C 6 -24.25 22.30 -28.42
N TYR C 7 -25.42 22.98 -28.35
CA TYR C 7 -26.10 23.34 -27.10
C TYR C 7 -27.60 23.61 -27.32
N GLY C 8 -28.37 23.42 -26.26
CA GLY C 8 -29.81 23.66 -26.18
C GLY C 8 -30.32 23.45 -24.77
N ASP C 9 -31.50 24.03 -24.48
CA ASP C 9 -32.16 23.93 -23.17
C ASP C 9 -32.47 22.48 -22.80
N GLN C 10 -33.20 21.77 -23.68
CA GLN C 10 -33.60 20.37 -23.51
C GLN C 10 -32.40 19.44 -23.67
N TYR C 11 -31.48 19.77 -24.56
CA TYR C 11 -30.25 19.01 -24.79
C TYR C 11 -29.42 18.96 -23.50
N ARG C 12 -29.25 20.10 -22.82
CA ARG C 12 -28.53 20.18 -21.54
C ARG C 12 -29.20 19.26 -20.47
N GLN C 13 -30.56 19.31 -20.37
CA GLN C 13 -31.31 18.47 -19.41
C GLN C 13 -31.04 16.98 -19.63
N LEU C 14 -31.14 16.53 -20.90
CA LEU C 14 -30.93 15.13 -21.31
C LEU C 14 -29.51 14.68 -21.07
N CYS C 15 -28.51 15.55 -21.41
CA CYS C 15 -27.09 15.27 -21.21
C CYS C 15 -26.72 15.13 -19.73
N CYS C 16 -27.50 15.80 -18.85
CA CYS C 16 -27.34 15.79 -17.39
C CYS C 16 -28.24 14.77 -16.68
N SER C 17 -28.97 13.92 -17.44
CA SER C 17 -29.91 12.96 -16.86
C SER C 17 -29.36 11.59 -16.44
N SER C 18 -28.11 11.25 -16.79
CA SER C 18 -27.51 9.94 -16.47
C SER C 18 -26.89 9.82 -15.08
N PRO C 19 -27.00 8.65 -14.41
CA PRO C 19 -26.36 8.49 -13.09
C PRO C 19 -24.83 8.53 -13.12
N LYS C 20 -24.22 8.04 -14.21
CA LYS C 20 -22.76 8.02 -14.33
C LYS C 20 -22.17 9.43 -14.57
N PHE C 21 -22.72 10.19 -15.53
CA PHE C 21 -22.14 11.48 -15.84
C PHE C 21 -22.68 12.67 -15.09
N GLY C 22 -23.76 12.46 -14.33
CA GLY C 22 -24.38 13.50 -13.52
C GLY C 22 -24.52 14.80 -14.28
N ASP C 23 -24.00 15.91 -13.69
CA ASP C 23 -24.06 17.24 -14.27
C ASP C 23 -22.77 17.69 -14.97
N ARG C 24 -21.92 16.74 -15.43
CA ARG C 24 -20.65 17.08 -16.09
C ARG C 24 -20.82 18.08 -17.25
N TYR C 25 -21.78 17.80 -18.16
CA TYR C 25 -22.11 18.66 -19.31
C TYR C 25 -22.43 20.09 -18.87
N ALA C 26 -23.26 20.25 -17.80
CA ALA C 26 -23.65 21.57 -17.26
C ALA C 26 -22.43 22.35 -16.78
N LEU C 27 -21.51 21.69 -16.04
CA LEU C 27 -20.28 22.34 -15.58
C LEU C 27 -19.42 22.82 -16.76
N VAL C 28 -19.20 21.96 -17.78
CA VAL C 28 -18.41 22.27 -18.96
C VAL C 28 -18.97 23.54 -19.66
N MET C 29 -20.27 23.48 -20.04
CA MET C 29 -20.97 24.55 -20.73
C MET C 29 -21.08 25.83 -19.93
N ASP C 30 -21.29 25.74 -18.61
CA ASP C 30 -21.34 26.91 -17.72
C ASP C 30 -19.97 27.54 -17.45
N LEU C 31 -18.88 26.75 -17.50
CA LEU C 31 -17.53 27.31 -17.35
C LEU C 31 -17.18 28.05 -18.63
N ILE C 32 -17.50 27.49 -19.79
CA ILE C 32 -17.26 28.12 -21.10
C ILE C 32 -18.04 29.47 -21.15
N ASN C 33 -19.23 29.46 -20.59
CA ASN C 33 -20.07 30.63 -20.50
C ASN C 33 -19.50 31.65 -19.48
N ALA C 34 -18.96 31.18 -18.34
CA ALA C 34 -18.40 32.08 -17.31
C ALA C 34 -17.15 32.82 -17.83
N TYR C 35 -16.41 32.17 -18.75
CA TYR C 35 -15.24 32.75 -19.41
C TYR C 35 -15.58 33.67 -20.61
N LYS C 36 -16.89 33.85 -20.90
CA LYS C 36 -17.44 34.71 -21.96
C LYS C 36 -17.06 34.25 -23.38
N LEU C 37 -16.98 32.94 -23.57
CA LEU C 37 -16.67 32.35 -24.88
C LEU C 37 -17.92 32.13 -25.72
N ILE C 38 -19.09 31.95 -25.08
CA ILE C 38 -20.38 31.71 -25.74
C ILE C 38 -20.66 32.71 -26.89
N PRO C 39 -20.57 34.07 -26.71
CA PRO C 39 -20.81 34.97 -27.85
C PRO C 39 -19.82 34.83 -29.02
N GLU C 40 -18.71 34.07 -28.83
CA GLU C 40 -17.72 33.86 -29.89
C GLU C 40 -18.09 32.69 -30.78
N LEU C 41 -19.03 31.87 -30.28
CA LEU C 41 -19.44 30.61 -30.85
C LEU C 41 -20.81 30.62 -31.49
N SER C 42 -20.95 29.84 -32.55
CA SER C 42 -22.19 29.67 -33.29
C SER C 42 -22.93 28.44 -32.69
N ARG C 43 -24.08 28.66 -32.04
CA ARG C 43 -24.85 27.59 -31.43
C ARG C 43 -25.40 26.63 -32.51
N VAL C 44 -25.04 25.33 -32.41
CA VAL C 44 -25.55 24.33 -33.36
C VAL C 44 -26.72 23.62 -32.65
N PRO C 45 -27.99 23.82 -33.08
CA PRO C 45 -29.10 23.14 -32.40
C PRO C 45 -29.11 21.64 -32.72
N PRO C 46 -29.38 20.77 -31.71
CA PRO C 46 -29.42 19.32 -31.98
C PRO C 46 -30.51 18.94 -33.00
N LEU C 47 -30.23 17.94 -33.85
CA LEU C 47 -31.14 17.50 -34.90
C LEU C 47 -32.44 16.89 -34.37
N GLN C 48 -33.58 17.28 -34.97
CA GLN C 48 -34.87 16.69 -34.65
C GLN C 48 -35.47 16.05 -35.89
N TRP C 49 -36.41 15.14 -35.71
CA TRP C 49 -37.01 14.44 -36.85
C TRP C 49 -38.51 14.71 -36.97
N ASP C 50 -39.07 14.50 -38.20
CA ASP C 50 -40.50 14.70 -38.49
C ASP C 50 -41.34 13.53 -38.03
N SER C 51 -40.70 12.38 -37.67
CA SER C 51 -41.45 11.19 -37.25
C SER C 51 -40.59 10.16 -36.51
N PRO C 52 -41.22 9.26 -35.70
CA PRO C 52 -40.46 8.15 -35.10
C PRO C 52 -39.81 7.26 -36.16
N SER C 53 -40.42 7.09 -37.34
CA SER C 53 -39.85 6.28 -38.43
C SER C 53 -38.56 6.91 -39.00
N ARG C 54 -38.52 8.25 -39.21
CA ARG C 54 -37.30 8.90 -39.69
C ARG C 54 -36.18 8.81 -38.63
N MET C 55 -36.54 8.93 -37.33
CA MET C 55 -35.63 8.83 -36.19
C MET C 55 -35.00 7.43 -36.17
N TYR C 56 -35.81 6.37 -36.35
CA TYR C 56 -35.38 4.97 -36.41
C TYR C 56 -34.47 4.70 -37.60
N GLU C 57 -34.76 5.31 -38.74
CA GLU C 57 -33.97 5.15 -39.96
C GLU C 57 -32.54 5.70 -39.74
N ALA C 58 -32.42 6.85 -39.05
CA ALA C 58 -31.12 7.47 -38.78
C ALA C 58 -30.27 6.61 -37.82
N VAL C 59 -30.83 6.17 -36.68
CA VAL C 59 -30.13 5.37 -35.66
C VAL C 59 -29.74 4.01 -36.21
N THR C 60 -30.63 3.38 -37.04
CA THR C 60 -30.40 2.10 -37.69
C THR C 60 -29.42 2.13 -38.87
N ALA C 61 -28.89 3.33 -39.24
CA ALA C 61 -27.83 3.43 -40.27
C ALA C 61 -26.60 2.64 -39.80
N PHE C 62 -26.45 2.47 -38.46
CA PHE C 62 -25.40 1.67 -37.80
C PHE C 62 -26.02 0.59 -36.90
N HIS C 63 -26.86 0.98 -35.93
CA HIS C 63 -27.43 0.06 -34.96
C HIS C 63 -28.51 -0.87 -35.49
N SER C 64 -28.63 -2.09 -34.91
CA SER C 64 -29.66 -3.02 -35.35
C SER C 64 -31.01 -2.54 -34.81
N THR C 65 -32.08 -2.85 -35.54
CA THR C 65 -33.46 -2.48 -35.21
C THR C 65 -33.84 -3.13 -33.85
N GLU C 66 -33.44 -4.40 -33.66
CA GLU C 66 -33.69 -5.14 -32.42
C GLU C 66 -33.03 -4.53 -31.18
N TYR C 67 -31.81 -3.98 -31.33
CA TYR C 67 -31.09 -3.32 -30.23
C TYR C 67 -31.82 -1.99 -29.87
N VAL C 68 -32.16 -1.16 -30.89
CA VAL C 68 -32.88 0.12 -30.71
C VAL C 68 -34.24 -0.15 -30.01
N ASP C 69 -34.97 -1.23 -30.41
CA ASP C 69 -36.25 -1.62 -29.80
C ASP C 69 -36.08 -1.89 -28.30
N ALA C 70 -35.06 -2.69 -27.94
CA ALA C 70 -34.70 -3.05 -26.56
C ALA C 70 -34.32 -1.81 -25.72
N LEU C 71 -33.52 -0.86 -26.31
CA LEU C 71 -33.12 0.36 -25.61
C LEU C 71 -34.32 1.26 -25.31
N LYS C 72 -35.27 1.35 -26.26
CA LYS C 72 -36.52 2.10 -26.11
C LYS C 72 -37.41 1.45 -25.02
N LYS C 73 -37.56 0.10 -25.05
CA LYS C 73 -38.31 -0.66 -24.04
C LYS C 73 -37.65 -0.48 -22.66
N LEU C 74 -36.29 -0.44 -22.62
CA LEU C 74 -35.55 -0.27 -21.36
C LEU C 74 -35.94 1.01 -20.62
N GLN C 75 -36.10 2.12 -21.38
CA GLN C 75 -36.55 3.43 -20.88
C GLN C 75 -38.00 3.29 -20.35
N MET C 76 -38.92 2.76 -21.20
CA MET C 76 -40.34 2.55 -20.86
C MET C 76 -40.48 1.75 -19.56
N LEU C 77 -39.70 0.63 -19.38
CA LEU C 77 -39.76 -0.21 -18.18
C LEU C 77 -39.31 0.54 -16.93
N HIS C 78 -38.24 1.35 -17.04
CA HIS C 78 -37.71 2.13 -15.93
C HIS C 78 -38.58 3.35 -15.54
N CYS C 79 -39.61 3.70 -16.36
CA CYS C 79 -40.55 4.79 -16.08
C CYS C 79 -41.80 4.34 -15.29
N GLU C 80 -41.96 3.03 -15.05
CA GLU C 80 -43.06 2.42 -14.31
C GLU C 80 -42.65 2.04 -12.89
N GLU C 83 -40.85 -3.94 -10.85
CA GLU C 83 -39.87 -5.01 -11.02
C GLU C 83 -39.96 -5.59 -12.44
N LEU C 84 -38.78 -5.83 -13.05
CA LEU C 84 -38.66 -6.38 -14.41
C LEU C 84 -39.01 -7.86 -14.46
N THR C 85 -39.62 -8.28 -15.59
CA THR C 85 -39.99 -9.66 -15.93
C THR C 85 -38.68 -10.46 -16.21
N ALA C 86 -38.66 -11.79 -15.93
CA ALA C 86 -37.48 -12.64 -16.16
C ALA C 86 -37.10 -12.66 -17.65
N ASP C 87 -38.11 -12.62 -18.54
CA ASP C 87 -37.90 -12.58 -19.98
C ASP C 87 -37.38 -11.21 -20.44
N ASP C 88 -37.75 -10.12 -19.71
CA ASP C 88 -37.32 -8.76 -20.00
C ASP C 88 -35.86 -8.65 -19.64
N GLU C 89 -35.48 -9.15 -18.45
CA GLU C 89 -34.10 -9.20 -17.93
C GLU C 89 -33.17 -9.93 -18.93
N LEU C 90 -33.60 -11.10 -19.45
CA LEU C 90 -32.84 -11.88 -20.45
C LEU C 90 -32.66 -11.15 -21.78
N LEU C 91 -33.70 -10.42 -22.22
CA LEU C 91 -33.69 -9.61 -23.44
C LEU C 91 -32.66 -8.46 -23.26
N MET C 92 -32.69 -7.77 -22.10
CA MET C 92 -31.79 -6.68 -21.75
C MET C 92 -30.34 -7.13 -21.70
N ASP C 93 -30.06 -8.30 -21.06
CA ASP C 93 -28.73 -8.89 -20.98
C ASP C 93 -28.15 -9.24 -22.36
N SER C 94 -28.99 -9.74 -23.28
CA SER C 94 -28.56 -10.10 -24.65
C SER C 94 -27.98 -8.92 -25.44
N PHE C 95 -28.21 -7.66 -24.95
CA PHE C 95 -27.71 -6.40 -25.54
C PHE C 95 -26.73 -5.69 -24.63
N SER C 96 -26.34 -6.36 -23.53
CA SER C 96 -25.47 -5.84 -22.44
C SER C 96 -26.05 -4.56 -21.82
N LEU C 97 -27.38 -4.46 -21.78
CA LEU C 97 -28.06 -3.31 -21.20
C LEU C 97 -28.16 -3.53 -19.67
N ASN C 98 -26.99 -3.63 -19.01
CA ASN C 98 -26.82 -3.90 -17.57
C ASN C 98 -25.44 -3.46 -17.07
N TYR C 99 -25.12 -3.76 -15.79
CA TYR C 99 -23.86 -3.49 -15.11
C TYR C 99 -23.36 -2.05 -15.24
N ASP C 100 -22.49 -1.76 -16.24
CA ASP C 100 -21.97 -0.39 -16.48
C ASP C 100 -22.86 0.42 -17.46
N CYS C 101 -23.79 -0.26 -18.17
CA CYS C 101 -24.77 0.39 -19.04
C CYS C 101 -26.18 0.04 -18.54
N PRO C 102 -26.58 0.44 -17.31
CA PRO C 102 -27.90 0.06 -16.82
C PRO C 102 -29.03 0.95 -17.35
N GLY C 103 -30.26 0.57 -17.03
CA GLY C 103 -31.44 1.33 -17.36
C GLY C 103 -31.66 2.41 -16.31
N PHE C 104 -32.34 3.47 -16.71
CA PHE C 104 -32.71 4.61 -15.86
C PHE C 104 -33.83 5.31 -16.60
N PRO C 105 -34.73 6.06 -15.93
CA PRO C 105 -35.89 6.63 -16.63
C PRO C 105 -35.68 7.37 -17.97
N SER C 106 -34.50 7.95 -18.21
CA SER C 106 -34.29 8.70 -19.47
C SER C 106 -33.18 8.10 -20.36
N VAL C 107 -32.90 6.81 -20.20
CA VAL C 107 -31.82 6.12 -20.91
C VAL C 107 -31.83 6.28 -22.42
N PHE C 108 -32.99 6.10 -23.07
CA PHE C 108 -33.13 6.23 -24.50
C PHE C 108 -32.97 7.68 -24.95
N ASP C 109 -33.65 8.63 -24.26
CA ASP C 109 -33.60 10.07 -24.57
C ASP C 109 -32.16 10.62 -24.38
N TYR C 110 -31.48 10.20 -23.30
CA TYR C 110 -30.08 10.60 -23.00
C TYR C 110 -29.13 10.12 -24.12
N SER C 111 -29.25 8.84 -24.50
CA SER C 111 -28.42 8.22 -25.52
C SER C 111 -28.65 8.86 -26.88
N LEU C 112 -29.94 9.09 -27.24
CA LEU C 112 -30.35 9.71 -28.49
C LEU C 112 -29.86 11.15 -28.60
N ALA C 113 -29.87 11.92 -27.48
CA ALA C 113 -29.42 13.34 -27.48
C ALA C 113 -28.01 13.50 -28.06
N ALA C 114 -27.07 12.60 -27.70
CA ALA C 114 -25.69 12.66 -28.22
C ALA C 114 -25.68 12.45 -29.75
N VAL C 115 -26.53 11.55 -30.25
CA VAL C 115 -26.70 11.30 -31.68
C VAL C 115 -27.25 12.56 -32.39
N GLN C 116 -28.30 13.17 -31.82
CA GLN C 116 -28.92 14.40 -32.33
C GLN C 116 -27.89 15.55 -32.43
N GLY C 117 -27.05 15.72 -31.40
CA GLY C 117 -26.04 16.76 -31.39
C GLY C 117 -24.96 16.55 -32.44
N SER C 118 -24.37 15.33 -32.47
CA SER C 118 -23.31 14.98 -33.41
C SER C 118 -23.72 14.95 -34.89
N LEU C 119 -24.98 14.53 -35.19
CA LEU C 119 -25.48 14.55 -36.58
C LEU C 119 -25.67 16.01 -37.02
N ALA C 120 -26.20 16.87 -36.13
CA ALA C 120 -26.39 18.30 -36.43
C ALA C 120 -25.03 18.96 -36.68
N ALA C 121 -24.01 18.57 -35.85
CA ALA C 121 -22.61 19.03 -35.95
C ALA C 121 -22.03 18.62 -37.31
N ALA C 122 -22.23 17.34 -37.72
CA ALA C 122 -21.81 16.84 -39.03
C ALA C 122 -22.49 17.63 -40.18
N SER C 123 -23.78 17.93 -40.04
CA SER C 123 -24.55 18.69 -41.04
C SER C 123 -24.09 20.16 -41.18
N ALA C 124 -23.66 20.81 -40.06
CA ALA C 124 -23.16 22.19 -40.06
C ALA C 124 -21.80 22.29 -40.83
N LEU C 125 -20.94 21.27 -40.74
CA LEU C 125 -19.67 21.23 -41.47
C LEU C 125 -19.92 20.98 -42.97
N ILE C 126 -20.89 20.08 -43.31
CA ILE C 126 -21.26 19.72 -44.69
C ILE C 126 -21.69 20.94 -45.52
N CYS C 127 -22.65 21.75 -45.01
CA CYS C 127 -23.17 22.95 -45.67
C CYS C 127 -22.22 24.18 -45.57
N ARG C 128 -21.05 24.03 -44.93
CA ARG C 128 -20.02 25.07 -44.76
C ARG C 128 -20.45 26.24 -43.85
N HIS C 129 -21.42 26.00 -42.95
CA HIS C 129 -21.86 27.01 -41.99
C HIS C 129 -20.78 27.18 -40.89
N CYS C 130 -20.07 26.10 -40.54
CA CYS C 130 -18.99 26.10 -39.55
C CYS C 130 -17.74 25.44 -40.12
N GLU C 131 -16.56 25.92 -39.71
CA GLU C 131 -15.29 25.30 -40.11
C GLU C 131 -14.98 24.23 -39.08
N VAL C 132 -15.40 24.47 -37.82
CA VAL C 132 -15.23 23.53 -36.71
C VAL C 132 -16.53 23.50 -35.88
N VAL C 133 -16.92 22.29 -35.44
CA VAL C 133 -18.06 22.15 -34.53
C VAL C 133 -17.62 21.34 -33.29
N ILE C 134 -17.94 21.88 -32.12
CA ILE C 134 -17.65 21.23 -30.84
C ILE C 134 -18.95 20.62 -30.24
N ASN C 135 -18.88 19.37 -29.78
CA ASN C 135 -19.98 18.75 -29.07
C ASN C 135 -19.49 18.04 -27.81
N TRP C 136 -19.56 18.75 -26.65
CA TRP C 136 -19.14 18.20 -25.36
C TRP C 136 -20.13 17.18 -24.73
N GLY C 137 -21.25 16.95 -25.41
CA GLY C 137 -22.23 15.95 -25.02
C GLY C 137 -22.09 14.65 -25.82
N GLY C 138 -21.19 14.66 -26.80
CA GLY C 138 -20.92 13.48 -27.65
C GLY C 138 -19.59 12.81 -27.34
N GLY C 139 -19.21 11.85 -28.18
CA GLY C 139 -17.95 11.12 -28.07
C GLY C 139 -18.04 9.70 -27.51
N TRP C 140 -19.17 9.02 -27.69
CA TRP C 140 -19.46 7.68 -27.15
C TRP C 140 -18.94 6.51 -27.99
N HIS C 141 -17.60 6.40 -28.00
CA HIS C 141 -16.80 5.49 -28.80
C HIS C 141 -16.92 3.98 -28.56
N HIS C 142 -17.46 3.54 -27.42
CA HIS C 142 -17.55 2.09 -27.18
C HIS C 142 -18.82 1.39 -27.65
N ALA C 143 -19.90 2.11 -27.99
CA ALA C 143 -21.16 1.47 -28.41
C ALA C 143 -21.04 0.68 -29.71
N LYS C 144 -21.59 -0.56 -29.73
CA LYS C 144 -21.55 -1.43 -30.92
C LYS C 144 -22.92 -1.52 -31.58
N ARG C 145 -22.96 -2.05 -32.82
CA ARG C 145 -24.18 -2.25 -33.60
C ARG C 145 -25.34 -2.80 -32.74
N SER C 146 -25.12 -3.91 -32.00
CA SER C 146 -26.15 -4.52 -31.17
C SER C 146 -25.74 -4.66 -29.69
N GLU C 147 -24.93 -3.72 -29.16
CA GLU C 147 -24.49 -3.85 -27.78
C GLU C 147 -24.07 -2.54 -27.10
N ALA C 148 -24.52 -2.34 -25.85
CA ALA C 148 -24.12 -1.23 -25.00
C ALA C 148 -22.79 -1.64 -24.39
N SER C 149 -21.84 -0.71 -24.32
CA SER C 149 -20.52 -1.02 -23.79
C SER C 149 -19.87 0.24 -23.19
N GLY C 150 -19.15 0.06 -22.08
CA GLY C 150 -18.36 1.10 -21.39
C GLY C 150 -19.02 2.45 -21.26
N PHE C 151 -20.26 2.47 -20.74
CA PHE C 151 -21.11 3.65 -20.50
C PHE C 151 -21.68 4.32 -21.77
N CYS C 152 -21.46 3.70 -22.95
CA CYS C 152 -21.95 4.14 -24.27
C CYS C 152 -23.12 3.24 -24.71
N TYR C 153 -24.25 3.85 -25.11
CA TYR C 153 -25.45 3.11 -25.58
C TYR C 153 -25.58 3.22 -27.09
N LEU C 154 -25.42 4.42 -27.62
CA LEU C 154 -25.49 4.66 -29.06
C LEU C 154 -24.19 5.34 -29.51
N ASN C 155 -23.68 4.92 -30.66
CA ASN C 155 -22.44 5.47 -31.19
C ASN C 155 -22.68 6.69 -32.10
N ASP C 156 -22.70 7.87 -31.48
CA ASP C 156 -22.93 9.16 -32.15
C ASP C 156 -21.79 9.47 -33.15
N ILE C 157 -20.55 9.04 -32.81
CA ILE C 157 -19.35 9.24 -33.64
C ILE C 157 -19.50 8.54 -34.98
N VAL C 158 -19.78 7.24 -34.95
CA VAL C 158 -20.00 6.40 -36.15
C VAL C 158 -21.13 6.95 -37.03
N LEU C 159 -22.22 7.40 -36.42
CA LEU C 159 -23.33 7.98 -37.18
C LEU C 159 -22.96 9.34 -37.79
N ALA C 160 -22.19 10.17 -37.05
CA ALA C 160 -21.65 11.46 -37.53
C ALA C 160 -20.70 11.25 -38.72
N ILE C 161 -19.78 10.28 -38.60
CA ILE C 161 -18.80 9.92 -39.63
C ILE C 161 -19.48 9.43 -40.91
N HIS C 162 -20.46 8.53 -40.76
CA HIS C 162 -21.26 7.99 -41.88
C HIS C 162 -21.93 9.14 -42.65
N ARG C 163 -22.51 10.14 -41.95
CA ARG C 163 -23.12 11.32 -42.59
C ARG C 163 -22.06 12.11 -43.39
N LEU C 164 -20.85 12.34 -42.80
CA LEU C 164 -19.76 13.07 -43.48
C LEU C 164 -19.22 12.33 -44.71
N VAL C 165 -18.94 11.02 -44.56
CA VAL C 165 -18.37 10.18 -45.62
C VAL C 165 -19.31 9.98 -46.83
N SER C 166 -20.65 10.03 -46.59
CA SER C 166 -21.72 9.86 -47.59
C SER C 166 -22.19 11.17 -48.26
N SER C 167 -21.58 12.33 -47.88
CA SER C 167 -21.98 13.63 -48.44
C SER C 167 -21.39 13.94 -49.82
N THR C 178 -13.81 11.47 -51.00
CA THR C 178 -14.15 11.94 -49.65
C THR C 178 -13.64 10.94 -48.62
N ARG C 179 -12.63 11.36 -47.84
CA ARG C 179 -12.04 10.55 -46.77
C ARG C 179 -12.22 11.23 -45.42
N VAL C 180 -12.38 10.43 -44.35
CA VAL C 180 -12.50 10.97 -42.99
C VAL C 180 -11.37 10.40 -42.11
N LEU C 181 -10.64 11.26 -41.40
CA LEU C 181 -9.63 10.82 -40.46
C LEU C 181 -10.23 10.95 -39.06
N TYR C 182 -10.32 9.83 -38.35
CA TYR C 182 -10.82 9.80 -37.00
C TYR C 182 -9.63 9.67 -36.05
N VAL C 183 -9.53 10.62 -35.10
CA VAL C 183 -8.45 10.73 -34.13
C VAL C 183 -9.04 10.57 -32.72
N ASP C 184 -8.64 9.51 -32.00
CA ASP C 184 -9.16 9.19 -30.68
C ASP C 184 -8.10 9.42 -29.59
N LEU C 185 -8.28 10.52 -28.85
CA LEU C 185 -7.37 10.99 -27.79
C LEU C 185 -7.69 10.54 -26.35
N ASP C 186 -8.81 9.82 -26.17
CA ASP C 186 -9.29 9.29 -24.89
C ASP C 186 -8.28 8.26 -24.35
N LEU C 187 -8.26 8.04 -23.01
CA LEU C 187 -7.40 7.05 -22.33
C LEU C 187 -7.67 5.66 -22.86
N HIS C 188 -8.93 5.39 -23.25
CA HIS C 188 -9.34 4.07 -23.72
C HIS C 188 -9.30 3.95 -25.25
N HIS C 189 -9.11 2.72 -25.73
CA HIS C 189 -9.08 2.40 -27.16
C HIS C 189 -10.49 2.63 -27.73
N GLY C 190 -10.58 3.35 -28.84
CA GLY C 190 -11.88 3.60 -29.48
C GLY C 190 -12.38 2.42 -30.29
N ASP C 191 -12.60 1.28 -29.62
CA ASP C 191 -13.02 0.00 -30.21
C ASP C 191 -14.31 0.04 -31.06
N GLY C 192 -15.34 0.75 -30.59
CA GLY C 192 -16.62 0.83 -31.30
C GLY C 192 -16.48 1.46 -32.68
N VAL C 193 -15.74 2.57 -32.77
CA VAL C 193 -15.50 3.28 -34.03
C VAL C 193 -14.63 2.45 -35.00
N GLU C 194 -13.56 1.87 -34.48
CA GLU C 194 -12.60 1.04 -35.23
C GLU C 194 -13.31 -0.13 -35.91
N GLU C 195 -14.14 -0.87 -35.14
CA GLU C 195 -14.92 -2.02 -35.56
C GLU C 195 -15.89 -1.63 -36.69
N ALA C 196 -16.60 -0.49 -36.54
CA ALA C 196 -17.58 0.03 -37.51
C ALA C 196 -16.96 0.32 -38.87
N PHE C 197 -15.71 0.78 -38.90
CA PHE C 197 -15.01 1.10 -40.16
C PHE C 197 -13.83 0.17 -40.54
N TRP C 198 -13.75 -1.02 -39.90
CA TRP C 198 -12.70 -2.03 -40.10
C TRP C 198 -12.51 -2.43 -41.58
N TYR C 199 -13.61 -2.50 -42.34
CA TYR C 199 -13.65 -2.89 -43.75
C TYR C 199 -13.74 -1.72 -44.74
N SER C 200 -13.64 -0.44 -44.25
CA SER C 200 -13.73 0.77 -45.09
C SER C 200 -12.41 1.53 -45.24
N PRO C 201 -11.90 1.69 -46.50
CA PRO C 201 -10.68 2.49 -46.70
C PRO C 201 -10.94 4.00 -46.57
N ARG C 202 -12.18 4.44 -46.80
CA ARG C 202 -12.57 5.84 -46.76
C ARG C 202 -12.61 6.46 -45.35
N VAL C 203 -12.59 5.61 -44.30
CA VAL C 203 -12.57 6.06 -42.91
C VAL C 203 -11.34 5.47 -42.26
N VAL C 204 -10.36 6.33 -41.98
CA VAL C 204 -9.12 5.96 -41.33
C VAL C 204 -9.23 6.35 -39.87
N THR C 205 -9.09 5.34 -38.98
CA THR C 205 -9.20 5.56 -37.53
C THR C 205 -7.80 5.51 -36.90
N PHE C 206 -7.57 6.35 -35.88
CA PHE C 206 -6.29 6.36 -35.18
C PHE C 206 -6.56 6.60 -33.71
N SER C 207 -6.20 5.62 -32.88
CA SER C 207 -6.39 5.74 -31.46
C SER C 207 -5.08 5.66 -30.71
N VAL C 208 -4.87 6.63 -29.81
CA VAL C 208 -3.76 6.68 -28.85
C VAL C 208 -4.42 6.39 -27.48
N HIS C 209 -3.87 5.43 -26.70
CA HIS C 209 -4.52 5.02 -25.45
C HIS C 209 -3.59 4.21 -24.59
N HIS C 210 -4.08 3.85 -23.39
CA HIS C 210 -3.37 2.90 -22.53
C HIS C 210 -3.95 1.52 -22.80
N ALA C 211 -3.08 0.51 -22.82
CA ALA C 211 -3.47 -0.87 -22.97
C ALA C 211 -2.56 -1.68 -22.02
N SER C 212 -3.16 -2.63 -21.28
CA SER C 212 -2.49 -3.53 -20.33
C SER C 212 -3.45 -4.67 -19.98
N PRO C 213 -2.96 -5.81 -19.42
CA PRO C 213 -3.90 -6.91 -19.11
C PRO C 213 -4.95 -6.49 -18.07
N GLY C 214 -6.21 -6.74 -18.40
CA GLY C 214 -7.33 -6.39 -17.54
C GLY C 214 -7.84 -4.97 -17.72
N PHE C 215 -7.12 -4.14 -18.49
CA PHE C 215 -7.53 -2.75 -18.71
C PHE C 215 -8.57 -2.68 -19.85
N PHE C 216 -9.68 -1.98 -19.61
CA PHE C 216 -10.77 -1.85 -20.61
C PHE C 216 -10.38 -1.07 -21.88
N PRO C 217 -10.80 -1.46 -23.12
CA PRO C 217 -11.58 -2.66 -23.49
C PRO C 217 -10.77 -3.94 -23.75
N GLY C 218 -9.45 -3.82 -23.85
CA GLY C 218 -8.57 -4.95 -24.10
C GLY C 218 -8.03 -5.03 -25.50
N THR C 219 -8.51 -4.14 -26.42
CA THR C 219 -8.11 -4.05 -27.83
C THR C 219 -7.15 -2.84 -28.08
N GLY C 220 -6.75 -2.63 -29.34
CA GLY C 220 -5.83 -1.56 -29.73
C GLY C 220 -4.40 -1.85 -29.35
N THR C 221 -4.08 -3.16 -29.27
CA THR C 221 -2.76 -3.63 -28.90
C THR C 221 -2.34 -4.87 -29.69
N TRP C 222 -1.23 -5.47 -29.31
CA TRP C 222 -0.72 -6.68 -29.94
C TRP C 222 -1.69 -7.83 -29.77
N ASN C 223 -1.84 -8.62 -30.83
CA ASN C 223 -2.64 -9.84 -30.83
C ASN C 223 -1.61 -10.98 -30.73
N MET C 224 -1.72 -11.80 -29.68
CA MET C 224 -0.83 -12.95 -29.44
C MET C 224 -1.43 -14.25 -29.96
N ASP C 228 3.32 -19.93 -31.48
CA ASP C 228 4.61 -20.18 -32.16
C ASP C 228 5.10 -19.01 -33.04
N LYS C 229 4.16 -18.12 -33.45
CA LYS C 229 4.47 -16.93 -34.24
C LYS C 229 4.58 -15.70 -33.33
N LEU C 230 5.36 -14.68 -33.75
CA LEU C 230 5.53 -13.43 -33.01
C LEU C 230 4.25 -12.60 -33.04
N PRO C 231 3.89 -11.88 -31.94
CA PRO C 231 2.65 -11.08 -31.94
C PRO C 231 2.58 -10.07 -33.08
N ILE C 232 1.37 -9.86 -33.61
CA ILE C 232 1.15 -8.89 -34.68
C ILE C 232 0.04 -7.92 -34.35
N PHE C 233 0.04 -6.79 -35.05
CA PHE C 233 -0.99 -5.79 -34.91
C PHE C 233 -2.00 -5.95 -36.06
N LEU C 234 -3.26 -6.26 -35.71
CA LEU C 234 -4.38 -6.31 -36.68
C LEU C 234 -4.65 -4.84 -37.02
N ASN C 235 -4.99 -4.54 -38.29
CA ASN C 235 -5.15 -3.15 -38.72
C ASN C 235 -6.23 -2.90 -39.79
N GLY C 236 -7.23 -3.76 -39.81
CA GLY C 236 -8.30 -3.68 -40.79
C GLY C 236 -8.30 -4.93 -41.67
N ALA C 237 -9.41 -5.16 -42.38
CA ALA C 237 -9.53 -6.33 -43.25
C ALA C 237 -10.26 -6.00 -44.54
N GLY C 238 -10.03 -6.81 -45.58
CA GLY C 238 -10.61 -6.63 -46.91
C GLY C 238 -10.18 -5.33 -47.54
N ARG C 239 -11.15 -4.52 -47.97
CA ARG C 239 -10.89 -3.20 -48.57
C ARG C 239 -10.31 -2.18 -47.56
N GLY C 240 -10.56 -2.41 -46.28
CA GLY C 240 -10.10 -1.54 -45.19
C GLY C 240 -8.79 -1.94 -44.55
N ARG C 241 -8.02 -2.85 -45.19
CA ARG C 241 -6.73 -3.28 -44.65
C ARG C 241 -5.80 -2.06 -44.56
N PHE C 242 -5.05 -1.94 -43.43
CA PHE C 242 -4.09 -0.87 -43.11
C PHE C 242 -4.74 0.48 -42.72
N SER C 243 -6.08 0.55 -42.60
CA SER C 243 -6.80 1.78 -42.31
C SER C 243 -7.16 1.99 -40.81
N ALA C 244 -6.83 1.03 -39.94
CA ALA C 244 -7.06 1.16 -38.49
C ALA C 244 -5.69 1.22 -37.79
N PHE C 245 -5.34 2.43 -37.31
CA PHE C 245 -4.05 2.67 -36.66
C PHE C 245 -4.22 2.71 -35.15
N ASN C 246 -3.22 2.21 -34.43
CA ASN C 246 -3.27 2.15 -32.98
C ASN C 246 -1.90 2.43 -32.34
N LEU C 247 -1.91 3.28 -31.28
CA LEU C 247 -0.70 3.62 -30.49
C LEU C 247 -0.93 3.32 -29.00
N PRO C 248 -0.70 2.05 -28.56
CA PRO C 248 -0.86 1.73 -27.13
C PRO C 248 0.35 2.28 -26.38
N LEU C 249 0.12 2.92 -25.23
CA LEU C 249 1.20 3.48 -24.43
C LEU C 249 1.15 2.99 -22.98
N GLU C 250 2.32 2.96 -22.32
CA GLU C 250 2.47 2.56 -20.91
C GLU C 250 1.99 3.68 -20.01
N GLU C 251 1.60 3.36 -18.76
CA GLU C 251 1.16 4.38 -17.80
C GLU C 251 2.24 5.41 -17.39
N GLY C 252 1.79 6.59 -16.99
CA GLY C 252 2.64 7.67 -16.48
C GLY C 252 3.18 8.66 -17.48
N ILE C 253 2.74 8.58 -18.76
CA ILE C 253 3.18 9.51 -19.82
C ILE C 253 2.81 10.96 -19.50
N ASN C 254 3.76 11.89 -19.68
CA ASN C 254 3.56 13.30 -19.42
C ASN C 254 3.15 14.00 -20.73
N ASP C 255 2.80 15.29 -20.66
CA ASP C 255 2.39 16.11 -21.80
C ASP C 255 3.38 16.09 -22.99
N LEU C 256 4.70 16.30 -22.70
CA LEU C 256 5.76 16.37 -23.71
C LEU C 256 6.02 15.03 -24.42
N ASP C 257 6.06 13.93 -23.66
CA ASP C 257 6.27 12.62 -24.29
C ASP C 257 5.03 12.16 -25.08
N TRP C 258 3.83 12.49 -24.60
CA TRP C 258 2.57 12.17 -25.31
C TRP C 258 2.48 12.99 -26.61
N SER C 259 2.87 14.28 -26.57
CA SER C 259 2.87 15.21 -27.69
C SER C 259 3.86 14.75 -28.77
N ASN C 260 5.08 14.41 -28.35
CA ASN C 260 6.15 13.91 -29.23
C ASN C 260 5.74 12.57 -29.88
N ALA C 261 5.04 11.69 -29.12
CA ALA C 261 4.57 10.40 -29.60
C ALA C 261 3.56 10.51 -30.75
N ILE C 262 2.56 11.40 -30.63
CA ILE C 262 1.48 11.53 -31.62
C ILE C 262 1.61 12.59 -32.70
N GLY C 263 2.29 13.68 -32.37
CA GLY C 263 2.52 14.78 -33.30
C GLY C 263 2.99 14.39 -34.69
N PRO C 264 4.09 13.61 -34.85
CA PRO C 264 4.53 13.21 -36.20
C PRO C 264 3.59 12.24 -36.92
N ILE C 265 2.86 11.36 -36.18
CA ILE C 265 1.92 10.40 -36.75
C ILE C 265 0.73 11.15 -37.34
N LEU C 266 0.21 12.17 -36.59
CA LEU C 266 -0.90 13.04 -37.00
C LEU C 266 -0.57 13.79 -38.29
N ASP C 267 0.61 14.43 -38.36
CA ASP C 267 1.05 15.16 -39.56
C ASP C 267 1.24 14.24 -40.75
N SER C 268 1.80 13.02 -40.52
CA SER C 268 2.00 11.99 -41.55
C SER C 268 0.66 11.48 -42.07
N LEU C 269 -0.31 11.17 -41.17
CA LEU C 269 -1.64 10.70 -41.61
C LEU C 269 -2.32 11.79 -42.47
N ASN C 270 -2.22 13.07 -42.05
CA ASN C 270 -2.80 14.19 -42.79
C ASN C 270 -2.19 14.33 -44.20
N ILE C 271 -0.86 14.24 -44.31
CA ILE C 271 -0.12 14.35 -45.58
C ILE C 271 -0.57 13.27 -46.58
N VAL C 272 -0.64 12.00 -46.13
CA VAL C 272 -0.98 10.83 -46.95
C VAL C 272 -2.48 10.65 -47.25
N ILE C 273 -3.33 10.65 -46.23
CA ILE C 273 -4.76 10.45 -46.43
C ILE C 273 -5.45 11.65 -47.10
N GLN C 274 -4.98 12.90 -46.81
CA GLN C 274 -5.58 14.17 -47.27
C GLN C 274 -7.10 14.12 -47.00
N PRO C 275 -7.53 13.96 -45.72
CA PRO C 275 -8.96 13.83 -45.43
C PRO C 275 -9.79 15.10 -45.71
N SER C 276 -11.07 14.92 -46.03
CA SER C 276 -12.00 16.02 -46.29
C SER C 276 -12.55 16.55 -44.97
N TYR C 277 -12.52 15.70 -43.94
CA TYR C 277 -13.01 15.96 -42.60
C TYR C 277 -12.14 15.25 -41.58
N VAL C 278 -11.98 15.88 -40.42
CA VAL C 278 -11.28 15.31 -39.27
C VAL C 278 -12.33 15.25 -38.13
N VAL C 279 -12.42 14.10 -37.46
CA VAL C 279 -13.29 13.89 -36.30
C VAL C 279 -12.34 13.52 -35.14
N VAL C 280 -12.37 14.33 -34.07
CA VAL C 280 -11.50 14.17 -32.91
C VAL C 280 -12.31 13.81 -31.67
N GLN C 281 -12.01 12.65 -31.05
CA GLN C 281 -12.64 12.32 -29.77
C GLN C 281 -11.64 12.83 -28.72
N CYS C 282 -12.06 13.74 -27.84
CA CYS C 282 -11.21 14.41 -26.87
C CYS C 282 -11.52 14.07 -25.38
N GLY C 283 -11.61 12.76 -25.08
CA GLY C 283 -11.86 12.24 -23.74
C GLY C 283 -10.80 12.76 -22.77
N ALA C 284 -11.25 13.34 -21.65
CA ALA C 284 -10.41 13.96 -20.62
C ALA C 284 -9.85 12.98 -19.56
N ASP C 285 -9.97 11.67 -19.78
CA ASP C 285 -9.45 10.69 -18.81
C ASP C 285 -7.93 10.48 -18.80
N CYS C 286 -7.16 11.21 -19.67
CA CYS C 286 -5.68 11.16 -19.69
C CYS C 286 -5.13 12.15 -18.68
N LEU C 287 -5.99 12.98 -18.09
CA LEU C 287 -5.58 13.98 -17.10
C LEU C 287 -4.99 13.32 -15.87
N ALA C 288 -3.91 13.91 -15.32
CA ALA C 288 -3.18 13.43 -14.14
C ALA C 288 -4.09 13.26 -12.93
N THR C 289 -5.08 14.17 -12.82
CA THR C 289 -6.08 14.26 -11.76
C THR C 289 -7.35 13.41 -12.03
N ASP C 290 -7.40 12.64 -13.13
CA ASP C 290 -8.56 11.77 -13.41
C ASP C 290 -8.51 10.60 -12.39
N PRO C 291 -9.65 10.08 -11.87
CA PRO C 291 -9.61 8.96 -10.91
C PRO C 291 -8.89 7.69 -11.42
N HIS C 292 -8.79 7.50 -12.75
CA HIS C 292 -8.07 6.39 -13.39
C HIS C 292 -6.59 6.46 -13.05
N ARG C 293 -6.05 7.70 -12.92
CA ARG C 293 -4.65 7.94 -12.53
C ARG C 293 -3.68 7.16 -13.41
N ILE C 294 -3.91 7.16 -14.74
CA ILE C 294 -3.03 6.44 -15.65
C ILE C 294 -2.01 7.32 -16.34
N PHE C 295 -2.46 8.29 -17.15
CA PHE C 295 -1.53 9.20 -17.81
C PHE C 295 -1.37 10.43 -16.94
N ARG C 296 -0.42 11.31 -17.29
CA ARG C 296 -0.11 12.50 -16.49
C ARG C 296 -0.19 13.79 -17.32
N LEU C 297 -1.25 13.87 -18.14
CA LEU C 297 -1.53 15.03 -18.99
C LEU C 297 -2.14 16.15 -18.14
N THR C 298 -2.03 17.39 -18.61
CA THR C 298 -2.51 18.57 -17.91
C THR C 298 -3.38 19.40 -18.86
N ASN C 299 -3.90 20.55 -18.37
CA ASN C 299 -4.62 21.51 -19.19
C ASN C 299 -3.74 22.77 -19.29
N PHE C 300 -2.42 22.68 -18.96
CA PHE C 300 -1.50 23.83 -18.95
C PHE C 300 -1.29 24.53 -20.29
N TYR C 301 -1.26 25.87 -20.25
CA TYR C 301 -1.09 26.72 -21.43
C TYR C 301 -0.14 27.89 -21.04
N PRO C 302 1.13 27.89 -21.50
CA PRO C 302 2.06 28.96 -21.07
C PRO C 302 1.83 30.28 -21.81
N SER C 315 4.32 23.91 -18.33
CA SER C 315 4.57 23.31 -19.64
C SER C 315 3.32 23.42 -20.57
N LEU C 316 3.26 22.64 -21.67
CA LEU C 316 2.13 22.69 -22.59
C LEU C 316 1.33 21.40 -22.61
N SER C 317 0.01 21.51 -22.35
CA SER C 317 -0.96 20.41 -22.37
C SER C 317 -0.84 19.61 -23.66
N GLY C 318 -0.78 18.29 -23.53
CA GLY C 318 -0.72 17.37 -24.65
C GLY C 318 -1.92 17.55 -25.53
N TYR C 319 -3.09 17.66 -24.90
CA TYR C 319 -4.37 17.91 -25.58
C TYR C 319 -4.34 19.20 -26.43
N LEU C 320 -3.82 20.30 -25.86
CA LEU C 320 -3.78 21.59 -26.56
C LEU C 320 -2.79 21.54 -27.73
N TYR C 321 -1.68 20.79 -27.58
CA TYR C 321 -0.68 20.59 -28.63
C TYR C 321 -1.31 19.86 -29.83
N ALA C 322 -1.99 18.71 -29.57
CA ALA C 322 -2.65 17.90 -30.60
C ALA C 322 -3.77 18.68 -31.31
N ILE C 323 -4.67 19.36 -30.56
CA ILE C 323 -5.79 20.14 -31.12
C ILE C 323 -5.28 21.27 -32.02
N LYS C 324 -4.28 22.04 -31.56
CA LYS C 324 -3.62 23.09 -32.33
C LYS C 324 -3.02 22.51 -33.63
N LYS C 325 -2.33 21.37 -33.55
CA LYS C 325 -1.74 20.70 -34.72
C LYS C 325 -2.83 20.28 -35.74
N ILE C 326 -3.92 19.63 -35.27
CA ILE C 326 -5.04 19.21 -36.13
C ILE C 326 -5.72 20.43 -36.80
N LEU C 327 -5.92 21.52 -36.04
CA LEU C 327 -6.55 22.75 -36.55
C LEU C 327 -5.68 23.51 -37.54
N SER C 328 -4.35 23.36 -37.45
CA SER C 328 -3.40 24.00 -38.37
C SER C 328 -3.57 23.48 -39.81
N TRP C 329 -4.09 22.25 -39.98
CA TRP C 329 -4.30 21.63 -41.30
C TRP C 329 -5.36 22.35 -42.13
N LYS C 330 -6.27 23.11 -41.47
CA LYS C 330 -7.38 23.86 -42.06
C LYS C 330 -8.39 22.95 -42.76
N VAL C 331 -8.64 21.76 -42.17
CA VAL C 331 -9.60 20.76 -42.65
C VAL C 331 -10.89 20.87 -41.78
N PRO C 332 -12.12 20.94 -42.37
CA PRO C 332 -13.35 21.01 -41.52
C PRO C 332 -13.33 19.96 -40.41
N THR C 333 -13.43 20.39 -39.14
CA THR C 333 -13.25 19.48 -37.99
C THR C 333 -14.41 19.35 -37.01
N LEU C 334 -14.64 18.14 -36.53
CA LEU C 334 -15.62 17.84 -35.49
C LEU C 334 -14.84 17.49 -34.24
N ILE C 335 -15.10 18.22 -33.14
CA ILE C 335 -14.45 18.00 -31.84
C ILE C 335 -15.49 17.49 -30.84
N LEU C 336 -15.27 16.26 -30.33
CA LEU C 336 -16.20 15.59 -29.40
C LEU C 336 -15.58 15.34 -28.04
N GLY C 337 -16.44 15.22 -27.02
CA GLY C 337 -16.05 14.89 -25.66
C GLY C 337 -15.77 13.41 -25.49
N GLY C 338 -16.30 12.82 -24.44
CA GLY C 338 -16.12 11.40 -24.15
C GLY C 338 -15.86 11.15 -22.69
N GLY C 339 -14.79 10.41 -22.41
CA GLY C 339 -14.37 10.11 -21.04
C GLY C 339 -13.96 11.34 -20.26
N GLY C 340 -13.95 11.23 -18.95
CA GLY C 340 -13.60 12.31 -18.03
C GLY C 340 -14.38 12.18 -16.74
N TYR C 341 -13.76 11.62 -15.71
CA TYR C 341 -14.42 11.30 -14.43
C TYR C 341 -14.19 12.24 -13.24
N ASN C 342 -13.37 13.27 -13.44
CA ASN C 342 -13.14 14.35 -12.48
C ASN C 342 -13.84 15.48 -13.23
N PHE C 343 -15.12 15.76 -12.87
CA PHE C 343 -15.95 16.74 -13.57
C PHE C 343 -15.39 18.16 -13.61
N PRO C 344 -14.92 18.76 -12.49
CA PRO C 344 -14.34 20.12 -12.58
C PRO C 344 -13.06 20.20 -13.42
N ASP C 345 -12.18 19.18 -13.36
CA ASP C 345 -10.96 19.19 -14.18
C ASP C 345 -11.25 18.94 -15.67
N THR C 346 -12.32 18.15 -15.99
CA THR C 346 -12.74 17.90 -17.39
C THR C 346 -13.22 19.26 -17.97
N ALA C 347 -14.05 20.02 -17.20
CA ALA C 347 -14.53 21.35 -17.56
C ALA C 347 -13.36 22.32 -17.78
N ARG C 348 -12.31 22.25 -16.92
CA ARG C 348 -11.08 23.10 -17.00
C ARG C 348 -10.31 22.86 -18.32
N LEU C 349 -10.16 21.58 -18.71
CA LEU C 349 -9.51 21.21 -19.97
C LEU C 349 -10.36 21.63 -21.17
N TRP C 350 -11.65 21.20 -21.19
CA TRP C 350 -12.58 21.48 -22.29
C TRP C 350 -12.83 22.97 -22.54
N THR C 351 -12.74 23.82 -21.49
CA THR C 351 -12.84 25.28 -21.66
C THR C 351 -11.59 25.82 -22.41
N ARG C 352 -10.40 25.29 -22.07
CA ARG C 352 -9.11 25.61 -22.70
C ARG C 352 -9.07 25.15 -24.17
N VAL C 353 -9.55 23.91 -24.47
CA VAL C 353 -9.70 23.40 -25.86
C VAL C 353 -10.68 24.32 -26.66
N THR C 354 -11.79 24.73 -26.03
CA THR C 354 -12.77 25.62 -26.69
C THR C 354 -12.10 26.97 -27.04
N ALA C 355 -11.44 27.62 -26.06
CA ALA C 355 -10.75 28.90 -26.25
C ALA C 355 -9.65 28.81 -27.33
N LEU C 356 -8.90 27.68 -27.38
CA LEU C 356 -7.86 27.41 -28.39
C LEU C 356 -8.45 27.36 -29.80
N THR C 357 -9.58 26.65 -29.97
CA THR C 357 -10.29 26.50 -31.25
C THR C 357 -10.69 27.86 -31.81
N ILE C 358 -11.23 28.75 -30.96
CA ILE C 358 -11.62 30.11 -31.34
C ILE C 358 -10.38 30.84 -31.86
N GLU C 359 -9.25 30.75 -31.11
CA GLU C 359 -7.98 31.39 -31.42
C GLU C 359 -7.42 30.99 -32.77
N GLU C 360 -7.29 29.67 -33.01
CA GLU C 360 -6.75 29.09 -34.24
C GLU C 360 -7.62 29.31 -35.48
N VAL C 361 -8.93 29.12 -35.37
CA VAL C 361 -9.86 29.25 -36.50
C VAL C 361 -10.16 30.73 -36.83
N LYS C 362 -10.50 31.54 -35.81
CA LYS C 362 -10.86 32.96 -36.01
C LYS C 362 -9.70 33.95 -36.05
N GLY C 363 -8.55 33.59 -35.45
CA GLY C 363 -7.38 34.47 -35.37
C GLY C 363 -7.50 35.55 -34.30
N LYS C 364 -8.46 35.37 -33.35
CA LYS C 364 -8.74 36.26 -32.22
C LYS C 364 -8.07 35.74 -30.98
N LYS C 365 -7.33 36.60 -30.25
CA LYS C 365 -6.68 36.21 -29.01
C LYS C 365 -7.74 36.01 -27.90
N MET C 366 -7.62 34.88 -27.22
CA MET C 366 -8.53 34.55 -26.11
C MET C 366 -7.65 34.43 -24.88
N THR C 367 -7.80 35.37 -23.96
CA THR C 367 -7.04 35.39 -22.71
C THR C 367 -7.98 34.91 -21.61
N ILE C 368 -7.56 33.89 -20.92
CA ILE C 368 -8.37 33.36 -19.85
C ILE C 368 -7.71 33.69 -18.50
N SER C 369 -8.48 34.28 -17.59
CA SER C 369 -8.05 34.57 -16.22
C SER C 369 -7.62 33.27 -15.53
N PRO C 370 -6.49 33.24 -14.77
CA PRO C 370 -6.13 32.01 -14.04
C PRO C 370 -7.11 31.70 -12.90
N GLU C 371 -7.94 32.68 -12.51
CA GLU C 371 -8.96 32.56 -11.49
C GLU C 371 -10.28 32.17 -12.17
N ILE C 372 -10.99 31.16 -11.62
CA ILE C 372 -12.30 30.71 -12.14
C ILE C 372 -13.27 31.89 -11.99
N PRO C 373 -14.06 32.25 -13.03
CA PRO C 373 -15.00 33.37 -12.88
C PRO C 373 -16.19 32.97 -12.03
N GLU C 374 -16.90 34.00 -11.55
CA GLU C 374 -18.11 33.87 -10.77
C GLU C 374 -19.20 33.25 -11.66
N HIS C 375 -19.86 32.18 -11.16
CA HIS C 375 -20.96 31.45 -11.77
C HIS C 375 -21.55 30.48 -10.74
N SER C 376 -22.76 29.93 -10.99
CA SER C 376 -23.44 29.04 -10.04
C SER C 376 -22.68 27.74 -9.66
N TYR C 377 -21.70 27.30 -10.49
CA TYR C 377 -20.86 26.12 -10.22
C TYR C 377 -19.45 26.48 -9.67
N PHE C 378 -19.21 27.77 -9.33
CA PHE C 378 -17.92 28.23 -8.79
C PHE C 378 -17.40 27.37 -7.62
N SER C 379 -18.29 26.98 -6.68
CA SER C 379 -17.91 26.20 -5.49
C SER C 379 -17.31 24.80 -5.79
N ARG C 380 -17.56 24.25 -6.97
CA ARG C 380 -17.05 22.95 -7.42
C ARG C 380 -15.55 23.00 -7.81
N TYR C 381 -14.98 24.22 -8.00
CA TYR C 381 -13.56 24.39 -8.38
C TYR C 381 -12.59 24.58 -7.22
N GLY C 382 -13.02 24.29 -6.00
CA GLY C 382 -12.21 24.40 -4.80
C GLY C 382 -11.18 23.30 -4.67
N PRO C 383 -10.17 23.43 -3.76
CA PRO C 383 -9.93 24.54 -2.83
C PRO C 383 -9.21 25.76 -3.42
N ASP C 384 -8.52 25.60 -4.57
CA ASP C 384 -7.75 26.66 -5.25
C ASP C 384 -8.59 27.68 -6.04
N PHE C 385 -9.69 27.24 -6.71
CA PHE C 385 -10.52 28.09 -7.58
C PHE C 385 -9.72 28.69 -8.77
N GLU C 386 -8.78 27.92 -9.28
CA GLU C 386 -7.94 28.29 -10.42
C GLU C 386 -8.25 27.40 -11.63
N LEU C 387 -7.94 27.90 -12.83
CA LEU C 387 -8.16 27.18 -14.08
C LEU C 387 -7.18 26.02 -14.30
N ASP C 388 -5.89 26.18 -13.94
CA ASP C 388 -4.92 25.08 -14.10
C ASP C 388 -5.28 23.95 -13.16
N ILE C 389 -5.20 22.69 -13.65
CA ILE C 389 -5.44 21.54 -12.76
C ILE C 389 -4.43 21.56 -11.57
N ASP C 390 -4.83 21.07 -10.39
CA ASP C 390 -3.99 21.08 -9.18
C ASP C 390 -3.00 19.91 -9.21
N TYR C 391 -2.01 20.00 -10.08
CA TYR C 391 -1.02 18.96 -10.29
C TYR C 391 0.35 19.52 -10.59
N PHE C 392 1.39 18.86 -10.08
CA PHE C 392 2.78 19.25 -10.26
C PHE C 392 3.57 18.25 -11.12
N PRO C 393 3.70 18.49 -12.45
CA PRO C 393 4.42 17.54 -13.31
C PRO C 393 5.88 17.33 -12.89
N HIS C 394 6.33 16.07 -12.89
CA HIS C 394 7.68 15.66 -12.48
C HIS C 394 8.14 14.41 -13.19
N THR C 400 16.13 7.45 -22.64
CA THR C 400 15.40 6.48 -21.82
C THR C 400 15.03 5.19 -22.59
N LEU C 401 14.56 4.18 -21.84
CA LEU C 401 14.07 2.89 -22.33
C LEU C 401 12.55 2.92 -22.58
N ASP C 402 11.91 4.07 -22.35
CA ASP C 402 10.46 4.27 -22.51
C ASP C 402 10.06 4.86 -23.88
N SER C 403 10.99 4.85 -24.86
CA SER C 403 10.70 5.38 -26.18
C SER C 403 9.81 4.42 -27.01
N ILE C 404 9.20 4.92 -28.08
CA ILE C 404 8.27 4.16 -28.92
C ILE C 404 8.65 4.27 -30.41
N GLN C 405 9.98 4.37 -30.71
CA GLN C 405 10.49 4.52 -32.08
C GLN C 405 10.15 3.34 -32.99
N LYS C 406 10.01 2.13 -32.44
CA LYS C 406 9.56 0.98 -33.23
C LYS C 406 8.05 1.09 -33.57
N HIS C 407 7.24 1.81 -32.74
CA HIS C 407 5.83 2.05 -33.08
C HIS C 407 5.76 3.05 -34.24
N HIS C 408 6.63 4.09 -34.22
CA HIS C 408 6.71 5.08 -35.31
C HIS C 408 7.04 4.39 -36.65
N ARG C 409 8.04 3.48 -36.64
CA ARG C 409 8.45 2.71 -37.82
C ARG C 409 7.31 1.80 -38.31
N ARG C 410 6.68 1.04 -37.39
CA ARG C 410 5.55 0.15 -37.66
C ARG C 410 4.36 0.94 -38.24
N ILE C 411 4.02 2.10 -37.64
CA ILE C 411 2.91 2.94 -38.10
C ILE C 411 3.15 3.57 -39.50
N LEU C 412 4.38 4.01 -39.78
CA LEU C 412 4.73 4.60 -41.07
C LEU C 412 4.74 3.57 -42.19
N GLU C 413 5.11 2.30 -41.88
CA GLU C 413 5.08 1.17 -42.81
C GLU C 413 3.61 0.85 -43.14
N GLN C 414 2.70 0.84 -42.12
CA GLN C 414 1.26 0.60 -42.32
C GLN C 414 0.62 1.68 -43.21
N LEU C 415 1.05 2.95 -43.02
CA LEU C 415 0.59 4.10 -43.80
C LEU C 415 1.04 3.98 -45.27
N ARG C 416 2.27 3.48 -45.49
CA ARG C 416 2.84 3.24 -46.82
C ARG C 416 2.01 2.13 -47.50
N ASN C 417 1.67 1.08 -46.74
CA ASN C 417 0.85 -0.05 -47.19
C ASN C 417 -0.56 0.39 -47.54
N TYR C 418 -1.11 1.34 -46.76
CA TYR C 418 -2.45 1.89 -46.97
C TYR C 418 -2.48 2.65 -48.28
N ALA C 419 -1.51 3.57 -48.49
CA ALA C 419 -1.37 4.40 -49.69
C ALA C 419 -1.25 3.55 -50.97
N ASP C 420 -0.42 2.47 -50.93
CA ASP C 420 -0.21 1.54 -52.05
C ASP C 420 -1.49 0.78 -52.42
N LEU C 421 -2.22 0.24 -51.41
CA LEU C 421 -3.45 -0.51 -51.60
C LEU C 421 -4.60 0.37 -52.15
N ASN C 422 -4.63 1.65 -51.75
CA ASN C 422 -5.66 2.59 -52.17
C ASN C 422 -5.28 3.47 -53.37
N LYS C 423 -4.10 3.21 -53.99
CA LYS C 423 -3.56 3.92 -55.16
C LYS C 423 -3.46 5.43 -54.89
N LEU C 424 -2.89 5.79 -53.73
CA LEU C 424 -2.71 7.17 -53.30
C LEU C 424 -1.25 7.56 -53.38
N ILE C 425 -0.98 8.86 -53.57
CA ILE C 425 0.39 9.40 -53.62
C ILE C 425 1.01 9.27 -52.22
N TYR C 426 2.17 8.60 -52.14
CA TYR C 426 2.93 8.49 -50.91
C TYR C 426 4.14 9.41 -51.04
N ASP C 427 4.00 10.65 -50.55
CA ASP C 427 5.08 11.64 -50.61
C ASP C 427 6.16 11.32 -49.59
N TYR C 428 7.16 10.52 -50.01
CA TYR C 428 8.26 10.11 -49.14
C TYR C 428 9.05 11.29 -48.59
N ASP C 429 9.37 12.29 -49.44
CA ASP C 429 10.15 13.48 -49.08
C ASP C 429 9.50 14.31 -47.99
N GLN C 430 8.18 14.56 -48.10
CA GLN C 430 7.43 15.34 -47.11
C GLN C 430 7.37 14.65 -45.74
N VAL C 431 7.10 13.32 -45.73
CA VAL C 431 7.09 12.52 -44.50
C VAL C 431 8.52 12.44 -43.91
N TYR C 432 9.57 12.29 -44.76
CA TYR C 432 10.97 12.25 -44.31
C TYR C 432 11.37 13.50 -43.56
N GLN C 433 11.13 14.67 -44.17
CA GLN C 433 11.46 15.99 -43.66
C GLN C 433 10.75 16.35 -42.36
N LEU C 434 9.53 15.85 -42.20
CA LEU C 434 8.69 16.00 -41.00
C LEU C 434 9.45 15.32 -39.83
N TYR C 435 9.81 14.05 -40.03
CA TYR C 435 10.52 13.25 -39.05
C TYR C 435 11.97 13.68 -38.86
N ASN C 436 12.59 14.23 -39.92
CA ASN C 436 13.96 14.76 -39.89
C ASN C 436 14.08 15.98 -38.96
N LEU C 437 12.93 16.65 -38.63
CA LEU C 437 12.91 17.81 -37.73
C LEU C 437 13.29 17.46 -36.28
N THR C 438 13.35 16.15 -35.97
CA THR C 438 13.76 15.59 -34.68
C THR C 438 14.91 14.56 -34.85
N GLY C 439 15.52 14.55 -36.04
CA GLY C 439 16.62 13.64 -36.40
C GLY C 439 16.18 12.19 -36.46
N MET C 440 14.87 11.96 -36.78
CA MET C 440 14.24 10.64 -36.85
C MET C 440 13.77 10.28 -38.28
N GLY C 441 14.39 10.89 -39.30
CA GLY C 441 14.09 10.67 -40.71
C GLY C 441 14.30 9.24 -41.17
N SER C 442 15.26 8.53 -40.53
CA SER C 442 15.61 7.12 -40.80
C SER C 442 14.43 6.16 -40.56
N LEU C 443 13.41 6.55 -39.79
CA LEU C 443 12.26 5.67 -39.49
C LEU C 443 11.27 5.63 -40.64
N VAL C 444 11.34 6.61 -41.55
CA VAL C 444 10.41 6.73 -42.69
C VAL C 444 10.76 5.72 -43.81
N PRO C 445 9.82 4.83 -44.24
CA PRO C 445 10.13 3.91 -45.35
C PRO C 445 9.95 4.62 -46.68
N ARG C 446 10.71 4.19 -47.72
CA ARG C 446 10.67 4.78 -49.08
C ARG C 446 9.34 4.56 -49.79
N SER D 2 -32.08 -15.78 -12.40
CA SER D 2 -31.73 -16.15 -13.77
C SER D 2 -30.44 -16.97 -13.76
N VAL D 3 -30.16 -17.70 -14.85
CA VAL D 3 -28.92 -18.46 -14.96
C VAL D 3 -27.94 -17.66 -15.84
N GLY D 4 -26.80 -17.32 -15.25
CA GLY D 4 -25.72 -16.61 -15.91
C GLY D 4 -24.67 -17.52 -16.54
N ILE D 5 -23.98 -17.02 -17.56
CA ILE D 5 -22.89 -17.73 -18.24
C ILE D 5 -21.81 -16.72 -18.64
N VAL D 6 -20.57 -16.99 -18.25
CA VAL D 6 -19.45 -16.09 -18.57
C VAL D 6 -19.07 -16.30 -20.04
N TYR D 7 -19.14 -15.22 -20.84
CA TYR D 7 -18.79 -15.22 -22.24
C TYR D 7 -18.42 -13.81 -22.72
N GLY D 8 -17.69 -13.73 -23.82
CA GLY D 8 -17.25 -12.50 -24.48
C GLY D 8 -16.36 -12.81 -25.67
N ASP D 9 -16.22 -11.83 -26.62
CA ASP D 9 -15.38 -11.98 -27.81
C ASP D 9 -13.90 -12.11 -27.47
N GLN D 10 -13.37 -11.14 -26.71
CA GLN D 10 -11.97 -11.15 -26.27
C GLN D 10 -11.70 -12.33 -25.33
N TYR D 11 -12.62 -12.61 -24.39
CA TYR D 11 -12.57 -13.73 -23.43
C TYR D 11 -12.41 -15.07 -24.15
N ARG D 12 -13.19 -15.32 -25.22
CA ARG D 12 -13.13 -16.52 -26.05
C ARG D 12 -11.72 -16.71 -26.69
N GLN D 13 -11.19 -15.66 -27.34
CA GLN D 13 -9.86 -15.68 -27.98
C GLN D 13 -8.76 -15.98 -26.94
N LEU D 14 -8.85 -15.35 -25.75
CA LEU D 14 -7.92 -15.57 -24.63
C LEU D 14 -7.98 -16.98 -24.06
N CYS D 15 -9.23 -17.53 -23.87
CA CYS D 15 -9.43 -18.90 -23.35
C CYS D 15 -8.95 -19.95 -24.35
N CYS D 16 -8.90 -19.59 -25.66
CA CYS D 16 -8.44 -20.47 -26.74
C CYS D 16 -6.98 -20.24 -27.13
N SER D 17 -6.25 -19.45 -26.33
CA SER D 17 -4.87 -19.11 -26.65
C SER D 17 -3.77 -20.01 -26.06
N SER D 18 -4.11 -21.01 -25.23
CA SER D 18 -3.07 -21.88 -24.63
C SER D 18 -2.70 -23.12 -25.45
N PRO D 19 -1.40 -23.55 -25.46
CA PRO D 19 -1.04 -24.79 -26.19
C PRO D 19 -1.62 -26.08 -25.60
N LYS D 20 -1.93 -26.09 -24.30
CA LYS D 20 -2.51 -27.25 -23.61
C LYS D 20 -4.02 -27.42 -23.87
N PHE D 21 -4.82 -26.35 -23.69
CA PHE D 21 -6.28 -26.48 -23.85
C PHE D 21 -6.83 -26.08 -25.22
N GLY D 22 -5.95 -25.61 -26.11
CA GLY D 22 -6.27 -25.19 -27.48
C GLY D 22 -7.60 -24.50 -27.63
N ASP D 23 -8.45 -25.00 -28.54
CA ASP D 23 -9.78 -24.44 -28.84
C ASP D 23 -10.93 -25.07 -28.02
N ARG D 24 -10.61 -25.79 -26.92
CA ARG D 24 -11.62 -26.46 -26.08
C ARG D 24 -12.78 -25.56 -25.69
N TYR D 25 -12.48 -24.34 -25.23
CA TYR D 25 -13.51 -23.37 -24.84
C TYR D 25 -14.44 -22.99 -26.00
N ALA D 26 -13.91 -22.89 -27.24
CA ALA D 26 -14.71 -22.57 -28.43
C ALA D 26 -15.70 -23.71 -28.74
N LEU D 27 -15.26 -24.97 -28.55
CA LEU D 27 -16.10 -26.15 -28.77
C LEU D 27 -17.25 -26.17 -27.76
N VAL D 28 -16.93 -25.92 -26.48
CA VAL D 28 -17.88 -25.87 -25.39
C VAL D 28 -18.96 -24.83 -25.69
N MET D 29 -18.56 -23.57 -25.92
CA MET D 29 -19.49 -22.47 -26.16
C MET D 29 -20.30 -22.59 -27.45
N ASP D 30 -19.69 -23.14 -28.52
CA ASP D 30 -20.38 -23.35 -29.80
C ASP D 30 -21.37 -24.52 -29.72
N LEU D 31 -21.08 -25.58 -28.89
CA LEU D 31 -22.04 -26.67 -28.72
C LEU D 31 -23.30 -26.18 -27.96
N ILE D 32 -23.09 -25.40 -26.89
CA ILE D 32 -24.13 -24.76 -26.08
C ILE D 32 -25.01 -23.86 -27.00
N ASN D 33 -24.36 -23.10 -27.91
CA ASN D 33 -24.99 -22.22 -28.89
C ASN D 33 -25.75 -23.04 -29.93
N ALA D 34 -25.14 -24.13 -30.46
CA ALA D 34 -25.74 -25.02 -31.45
C ALA D 34 -27.05 -25.66 -30.93
N TYR D 35 -27.13 -25.89 -29.60
CA TYR D 35 -28.32 -26.45 -28.96
C TYR D 35 -29.34 -25.38 -28.53
N LYS D 36 -29.14 -24.12 -29.00
CA LYS D 36 -29.99 -22.93 -28.77
C LYS D 36 -30.21 -22.64 -27.27
N LEU D 37 -29.13 -22.78 -26.45
CA LEU D 37 -29.18 -22.57 -25.00
C LEU D 37 -28.88 -21.14 -24.59
N ILE D 38 -28.12 -20.41 -25.42
CA ILE D 38 -27.71 -19.01 -25.18
C ILE D 38 -28.88 -18.04 -24.87
N PRO D 39 -30.03 -18.04 -25.62
CA PRO D 39 -31.13 -17.12 -25.27
C PRO D 39 -31.74 -17.37 -23.88
N GLU D 40 -31.61 -18.60 -23.35
CA GLU D 40 -32.10 -18.98 -22.01
C GLU D 40 -31.15 -18.49 -20.92
N LEU D 41 -29.92 -18.11 -21.31
CA LEU D 41 -28.90 -17.69 -20.34
C LEU D 41 -28.62 -16.21 -20.38
N SER D 42 -28.23 -15.67 -19.24
CA SER D 42 -27.85 -14.28 -19.06
C SER D 42 -26.32 -14.20 -19.24
N ARG D 43 -25.84 -13.46 -20.27
CA ARG D 43 -24.38 -13.34 -20.49
C ARG D 43 -23.79 -12.48 -19.39
N VAL D 44 -22.74 -12.99 -18.71
CA VAL D 44 -22.02 -12.28 -17.65
C VAL D 44 -20.68 -11.84 -18.26
N PRO D 45 -20.46 -10.52 -18.46
CA PRO D 45 -19.20 -10.08 -19.05
C PRO D 45 -18.03 -10.22 -18.07
N PRO D 46 -16.83 -10.59 -18.55
CA PRO D 46 -15.68 -10.72 -17.63
C PRO D 46 -15.31 -9.38 -17.00
N LEU D 47 -14.84 -9.39 -15.75
CA LEU D 47 -14.44 -8.19 -15.00
C LEU D 47 -13.24 -7.47 -15.62
N GLN D 48 -13.28 -6.12 -15.64
CA GLN D 48 -12.18 -5.28 -16.13
C GLN D 48 -11.89 -4.21 -15.07
N TRP D 49 -10.65 -3.69 -15.03
CA TRP D 49 -10.22 -2.71 -14.04
C TRP D 49 -9.85 -1.34 -14.65
N ASP D 50 -9.88 -0.31 -13.79
CA ASP D 50 -9.58 1.07 -14.16
C ASP D 50 -8.10 1.37 -14.23
N SER D 51 -7.23 0.44 -13.80
CA SER D 51 -5.80 0.69 -13.82
C SER D 51 -4.99 -0.59 -13.59
N PRO D 52 -3.68 -0.60 -13.95
CA PRO D 52 -2.81 -1.75 -13.61
C PRO D 52 -2.74 -2.00 -12.09
N SER D 53 -2.74 -0.93 -11.25
CA SER D 53 -2.70 -1.01 -9.77
C SER D 53 -3.91 -1.76 -9.19
N ARG D 54 -5.09 -1.51 -9.75
CA ARG D 54 -6.33 -2.13 -9.30
C ARG D 54 -6.38 -3.60 -9.70
N MET D 55 -5.85 -3.95 -10.89
CA MET D 55 -5.77 -5.36 -11.31
C MET D 55 -4.80 -6.10 -10.33
N TYR D 56 -3.63 -5.51 -10.00
CA TYR D 56 -2.68 -6.11 -9.05
C TYR D 56 -3.28 -6.31 -7.67
N GLU D 57 -4.01 -5.30 -7.14
CA GLU D 57 -4.67 -5.40 -5.84
C GLU D 57 -5.63 -6.60 -5.79
N ALA D 58 -6.40 -6.80 -6.88
CA ALA D 58 -7.34 -7.90 -7.02
C ALA D 58 -6.64 -9.28 -7.03
N VAL D 59 -5.56 -9.44 -7.83
CA VAL D 59 -4.83 -10.71 -7.97
C VAL D 59 -4.00 -11.02 -6.73
N THR D 60 -3.31 -10.00 -6.18
CA THR D 60 -2.50 -10.12 -4.97
C THR D 60 -3.31 -10.31 -3.68
N ALA D 61 -4.65 -10.48 -3.79
CA ALA D 61 -5.52 -10.77 -2.65
C ALA D 61 -5.23 -12.22 -2.23
N PHE D 62 -4.70 -13.06 -3.17
CA PHE D 62 -4.22 -14.41 -2.93
C PHE D 62 -2.74 -14.52 -3.33
N HIS D 63 -2.41 -14.18 -4.61
CA HIS D 63 -1.05 -14.33 -5.14
C HIS D 63 -0.04 -13.29 -4.66
N SER D 64 1.24 -13.68 -4.52
CA SER D 64 2.26 -12.72 -4.09
C SER D 64 2.59 -11.76 -5.24
N THR D 65 3.05 -10.53 -4.92
CA THR D 65 3.44 -9.53 -5.91
C THR D 65 4.57 -10.06 -6.84
N GLU D 66 5.62 -10.70 -6.26
CA GLU D 66 6.75 -11.25 -7.02
C GLU D 66 6.32 -12.30 -8.05
N TYR D 67 5.36 -13.15 -7.68
CA TYR D 67 4.82 -14.16 -8.58
C TYR D 67 4.07 -13.56 -9.77
N VAL D 68 3.22 -12.53 -9.52
CA VAL D 68 2.44 -11.82 -10.55
C VAL D 68 3.43 -11.10 -11.50
N ASP D 69 4.45 -10.41 -10.93
CA ASP D 69 5.49 -9.74 -11.71
C ASP D 69 6.21 -10.77 -12.62
N ALA D 70 6.58 -11.96 -12.07
CA ALA D 70 7.27 -13.00 -12.84
C ALA D 70 6.39 -13.56 -13.96
N LEU D 71 5.10 -13.77 -13.70
CA LEU D 71 4.16 -14.26 -14.72
C LEU D 71 3.99 -13.21 -15.84
N LYS D 72 3.93 -11.92 -15.46
CA LYS D 72 3.82 -10.84 -16.44
C LYS D 72 5.14 -10.73 -17.25
N LYS D 73 6.31 -10.91 -16.59
CA LYS D 73 7.62 -10.86 -17.28
C LYS D 73 7.73 -12.03 -18.28
N LEU D 74 7.20 -13.20 -17.90
CA LEU D 74 7.18 -14.41 -18.74
C LEU D 74 6.44 -14.17 -20.07
N GLN D 75 5.29 -13.47 -20.04
CA GLN D 75 4.56 -13.13 -21.27
C GLN D 75 5.41 -12.20 -22.15
N MET D 76 6.00 -11.14 -21.57
CA MET D 76 6.85 -10.18 -22.28
C MET D 76 8.01 -10.88 -23.02
N LEU D 77 8.69 -11.83 -22.34
CA LEU D 77 9.83 -12.56 -22.92
C LEU D 77 9.43 -13.51 -24.03
N HIS D 78 8.22 -14.10 -23.94
CA HIS D 78 7.72 -15.02 -24.97
C HIS D 78 7.14 -14.29 -26.20
N CYS D 79 7.05 -12.94 -26.12
CA CYS D 79 6.58 -12.07 -27.23
C CYS D 79 7.75 -11.54 -28.08
N GLU D 80 8.97 -12.03 -27.78
CA GLU D 80 10.25 -11.75 -28.46
C GLU D 80 10.86 -13.12 -28.78
N GLU D 81 11.47 -13.26 -29.96
CA GLU D 81 12.06 -14.55 -30.37
C GLU D 81 13.34 -14.99 -29.63
N LYS D 82 14.07 -14.03 -29.00
CA LYS D 82 15.31 -14.27 -28.23
C LYS D 82 15.07 -15.28 -27.09
N GLU D 83 16.06 -16.17 -26.83
CA GLU D 83 15.98 -17.15 -25.74
C GLU D 83 16.11 -16.43 -24.39
N LEU D 84 15.57 -17.01 -23.31
CA LEU D 84 15.67 -16.43 -21.97
C LEU D 84 17.11 -16.50 -21.49
N THR D 85 17.56 -15.54 -20.69
CA THR D 85 18.92 -15.53 -20.14
C THR D 85 18.96 -16.58 -19.02
N ALA D 86 20.16 -16.93 -18.55
CA ALA D 86 20.29 -17.91 -17.47
C ALA D 86 19.60 -17.40 -16.18
N ASP D 87 19.67 -16.08 -15.91
CA ASP D 87 19.06 -15.43 -14.75
C ASP D 87 17.53 -15.50 -14.83
N ASP D 88 16.96 -15.28 -16.04
CA ASP D 88 15.51 -15.37 -16.24
C ASP D 88 14.96 -16.80 -16.09
N GLU D 89 15.72 -17.81 -16.56
CA GLU D 89 15.35 -19.23 -16.40
C GLU D 89 15.23 -19.53 -14.92
N LEU D 90 16.23 -19.09 -14.10
CA LEU D 90 16.28 -19.27 -12.64
C LEU D 90 15.09 -18.64 -11.93
N LEU D 91 14.77 -17.38 -12.28
CA LEU D 91 13.64 -16.64 -11.74
C LEU D 91 12.33 -17.37 -12.04
N MET D 92 12.11 -17.83 -13.28
CA MET D 92 10.90 -18.58 -13.67
C MET D 92 10.83 -19.90 -12.89
N ASP D 93 11.97 -20.61 -12.77
CA ASP D 93 12.10 -21.87 -12.02
C ASP D 93 11.68 -21.72 -10.58
N SER D 94 12.03 -20.57 -9.93
CA SER D 94 11.67 -20.31 -8.53
C SER D 94 10.14 -20.21 -8.26
N PHE D 95 9.31 -20.04 -9.33
CA PHE D 95 7.84 -19.94 -9.28
C PHE D 95 7.14 -21.10 -10.02
N SER D 96 7.92 -22.15 -10.38
CA SER D 96 7.52 -23.33 -11.17
C SER D 96 6.89 -22.93 -12.53
N LEU D 97 7.35 -21.81 -13.10
CA LEU D 97 6.89 -21.35 -14.41
C LEU D 97 7.73 -22.05 -15.46
N ASN D 98 7.56 -23.38 -15.55
CA ASN D 98 8.28 -24.28 -16.44
C ASN D 98 7.52 -25.61 -16.56
N TYR D 99 8.06 -26.51 -17.39
CA TYR D 99 7.56 -27.86 -17.65
C TYR D 99 6.09 -27.91 -18.02
N ASP D 100 5.18 -28.24 -17.06
CA ASP D 100 3.74 -28.31 -17.27
C ASP D 100 3.05 -26.95 -17.26
N CYS D 101 3.77 -25.93 -16.80
CA CYS D 101 3.27 -24.56 -16.81
C CYS D 101 4.30 -23.68 -17.56
N PRO D 102 4.49 -23.93 -18.88
CA PRO D 102 5.48 -23.13 -19.60
C PRO D 102 4.95 -21.77 -19.99
N GLY D 103 5.86 -20.94 -20.50
CA GLY D 103 5.52 -19.64 -21.05
C GLY D 103 5.03 -19.79 -22.48
N PHE D 104 4.27 -18.78 -22.94
CA PHE D 104 3.73 -18.67 -24.29
C PHE D 104 3.30 -17.20 -24.49
N PRO D 105 3.17 -16.70 -25.75
CA PRO D 105 2.86 -15.28 -25.96
C PRO D 105 1.73 -14.62 -25.17
N SER D 106 0.71 -15.37 -24.77
CA SER D 106 -0.41 -14.77 -24.04
C SER D 106 -0.61 -15.33 -22.63
N VAL D 107 0.41 -16.04 -22.08
CA VAL D 107 0.38 -16.66 -20.73
C VAL D 107 -0.27 -15.82 -19.62
N PHE D 108 0.10 -14.52 -19.49
CA PHE D 108 -0.50 -13.68 -18.46
C PHE D 108 -1.96 -13.28 -18.82
N ASP D 109 -2.24 -12.91 -20.08
CA ASP D 109 -3.61 -12.55 -20.50
C ASP D 109 -4.56 -13.74 -20.40
N TYR D 110 -4.08 -14.95 -20.77
CA TYR D 110 -4.81 -16.21 -20.67
C TYR D 110 -5.18 -16.49 -19.21
N SER D 111 -4.19 -16.38 -18.29
CA SER D 111 -4.34 -16.66 -16.85
C SER D 111 -5.30 -15.69 -16.18
N LEU D 112 -5.12 -14.38 -16.46
CA LEU D 112 -5.96 -13.31 -15.92
C LEU D 112 -7.42 -13.39 -16.42
N ALA D 113 -7.63 -13.82 -17.69
CA ALA D 113 -8.94 -13.97 -18.28
C ALA D 113 -9.87 -14.79 -17.37
N ALA D 114 -9.42 -15.98 -16.92
CA ALA D 114 -10.17 -16.89 -16.04
C ALA D 114 -10.60 -16.22 -14.71
N VAL D 115 -9.70 -15.37 -14.14
CA VAL D 115 -9.89 -14.63 -12.90
C VAL D 115 -10.98 -13.55 -13.14
N GLN D 116 -10.85 -12.84 -14.28
CA GLN D 116 -11.84 -11.83 -14.70
C GLN D 116 -13.23 -12.47 -14.78
N GLY D 117 -13.32 -13.64 -15.39
CA GLY D 117 -14.58 -14.38 -15.54
C GLY D 117 -15.20 -14.88 -14.24
N SER D 118 -14.39 -15.49 -13.37
CA SER D 118 -14.84 -16.00 -12.07
C SER D 118 -15.15 -14.88 -11.06
N LEU D 119 -14.40 -13.77 -11.08
CA LEU D 119 -14.69 -12.62 -10.21
C LEU D 119 -15.99 -11.91 -10.62
N ALA D 120 -16.26 -11.82 -11.95
CA ALA D 120 -17.50 -11.20 -12.45
C ALA D 120 -18.68 -12.10 -12.08
N ALA D 121 -18.48 -13.44 -12.15
CA ALA D 121 -19.49 -14.44 -11.80
C ALA D 121 -19.89 -14.34 -10.33
N ALA D 122 -18.91 -14.13 -9.42
CA ALA D 122 -19.17 -13.99 -8.00
C ALA D 122 -19.99 -12.71 -7.75
N SER D 123 -19.62 -11.56 -8.40
CA SER D 123 -20.34 -10.28 -8.29
C SER D 123 -21.80 -10.36 -8.77
N ALA D 124 -22.08 -11.18 -9.81
CA ALA D 124 -23.46 -11.38 -10.32
C ALA D 124 -24.29 -12.19 -9.30
N LEU D 125 -23.64 -13.02 -8.46
CA LEU D 125 -24.32 -13.77 -7.41
C LEU D 125 -24.52 -12.84 -6.20
N ILE D 126 -23.51 -12.01 -5.83
CA ILE D 126 -23.61 -11.08 -4.69
C ILE D 126 -24.76 -10.04 -4.85
N CYS D 127 -24.89 -9.42 -6.03
CA CYS D 127 -25.91 -8.40 -6.33
C CYS D 127 -27.28 -9.04 -6.67
N ARG D 128 -27.38 -10.39 -6.60
CA ARG D 128 -28.57 -11.21 -6.87
C ARG D 128 -29.10 -11.10 -8.32
N HIS D 129 -28.25 -10.72 -9.29
CA HIS D 129 -28.66 -10.69 -10.69
C HIS D 129 -28.88 -12.13 -11.18
N CYS D 130 -28.04 -13.05 -10.72
CA CYS D 130 -28.17 -14.46 -11.10
C CYS D 130 -28.26 -15.34 -9.86
N GLU D 131 -29.01 -16.45 -9.97
CA GLU D 131 -29.18 -17.45 -8.90
C GLU D 131 -28.03 -18.47 -9.01
N VAL D 132 -27.64 -18.78 -10.26
CA VAL D 132 -26.52 -19.66 -10.60
C VAL D 132 -25.74 -18.97 -11.75
N VAL D 133 -24.40 -19.04 -11.70
CA VAL D 133 -23.51 -18.53 -12.75
C VAL D 133 -22.55 -19.66 -13.15
N ILE D 134 -22.44 -19.91 -14.45
CA ILE D 134 -21.55 -20.89 -15.04
C ILE D 134 -20.32 -20.18 -15.68
N ASN D 135 -19.10 -20.68 -15.43
CA ASN D 135 -17.88 -20.20 -16.08
C ASN D 135 -17.07 -21.39 -16.53
N TRP D 136 -17.19 -21.74 -17.82
CA TRP D 136 -16.46 -22.86 -18.42
C TRP D 136 -15.01 -22.48 -18.80
N GLY D 137 -14.66 -21.22 -18.59
CA GLY D 137 -13.30 -20.73 -18.84
C GLY D 137 -12.44 -20.72 -17.60
N GLY D 138 -13.04 -21.06 -16.45
CA GLY D 138 -12.40 -21.07 -15.14
C GLY D 138 -12.31 -22.44 -14.45
N GLY D 139 -11.88 -22.42 -13.19
CA GLY D 139 -11.75 -23.62 -12.36
C GLY D 139 -10.34 -24.14 -12.21
N TRP D 140 -9.36 -23.23 -12.14
CA TRP D 140 -7.93 -23.56 -12.06
C TRP D 140 -7.42 -23.79 -10.62
N HIS D 141 -7.87 -24.91 -10.05
CA HIS D 141 -7.71 -25.35 -8.67
C HIS D 141 -6.31 -25.63 -8.15
N HIS D 142 -5.31 -25.84 -9.02
CA HIS D 142 -3.95 -26.17 -8.56
C HIS D 142 -3.00 -25.00 -8.29
N ALA D 143 -3.27 -23.77 -8.81
CA ALA D 143 -2.32 -22.66 -8.59
C ALA D 143 -2.22 -22.28 -7.12
N LYS D 144 -1.01 -21.91 -6.67
CA LYS D 144 -0.72 -21.52 -5.28
C LYS D 144 -0.27 -20.08 -5.25
N ARG D 145 -0.23 -19.48 -4.02
CA ARG D 145 0.16 -18.10 -3.73
C ARG D 145 1.31 -17.60 -4.63
N SER D 146 2.40 -18.36 -4.68
CA SER D 146 3.57 -17.98 -5.47
C SER D 146 4.10 -19.16 -6.30
N GLU D 147 3.19 -19.93 -6.94
CA GLU D 147 3.59 -21.13 -7.69
C GLU D 147 2.56 -21.58 -8.74
N ALA D 148 3.00 -21.70 -10.01
CA ALA D 148 2.18 -22.27 -11.08
C ALA D 148 2.21 -23.80 -10.84
N SER D 149 1.10 -24.51 -11.11
CA SER D 149 1.03 -25.96 -10.89
C SER D 149 -0.12 -26.60 -11.64
N GLY D 150 0.10 -27.77 -12.23
CA GLY D 150 -0.89 -28.56 -12.96
C GLY D 150 -1.66 -27.82 -14.03
N PHE D 151 -0.95 -27.07 -14.90
CA PHE D 151 -1.49 -26.25 -16.01
C PHE D 151 -2.27 -25.01 -15.52
N CYS D 152 -2.23 -24.75 -14.21
CA CYS D 152 -2.89 -23.64 -13.52
C CYS D 152 -1.83 -22.60 -13.14
N TYR D 153 -2.01 -21.33 -13.56
CA TYR D 153 -1.10 -20.23 -13.27
C TYR D 153 -1.67 -19.31 -12.19
N LEU D 154 -2.96 -18.95 -12.30
CA LEU D 154 -3.63 -18.08 -11.32
C LEU D 154 -4.90 -18.77 -10.80
N ASN D 155 -5.08 -18.77 -9.47
CA ASN D 155 -6.22 -19.48 -8.88
C ASN D 155 -7.47 -18.62 -8.86
N ASP D 156 -8.28 -18.77 -9.92
CA ASP D 156 -9.54 -18.05 -10.13
C ASP D 156 -10.59 -18.45 -9.08
N ILE D 157 -10.55 -19.73 -8.63
CA ILE D 157 -11.49 -20.25 -7.64
C ILE D 157 -11.33 -19.55 -6.30
N VAL D 158 -10.10 -19.48 -5.79
CA VAL D 158 -9.73 -18.85 -4.51
C VAL D 158 -10.12 -17.39 -4.52
N LEU D 159 -9.86 -16.68 -5.64
CA LEU D 159 -10.21 -15.26 -5.74
C LEU D 159 -11.72 -15.05 -5.73
N ALA D 160 -12.46 -15.92 -6.45
CA ALA D 160 -13.94 -15.91 -6.48
C ALA D 160 -14.50 -16.19 -5.08
N ILE D 161 -13.96 -17.22 -4.39
CA ILE D 161 -14.39 -17.60 -3.03
C ILE D 161 -14.10 -16.45 -2.06
N HIS D 162 -12.92 -15.85 -2.14
CA HIS D 162 -12.54 -14.73 -1.31
C HIS D 162 -13.50 -13.53 -1.46
N ARG D 163 -14.01 -13.28 -2.70
CA ARG D 163 -14.97 -12.20 -2.98
C ARG D 163 -16.31 -12.52 -2.30
N LEU D 164 -16.76 -13.79 -2.39
CA LEU D 164 -18.02 -14.24 -1.79
C LEU D 164 -18.02 -14.18 -0.28
N VAL D 165 -17.02 -14.83 0.34
CA VAL D 165 -16.86 -14.93 1.79
C VAL D 165 -16.70 -13.55 2.48
N SER D 166 -16.19 -12.53 1.76
CA SER D 166 -15.98 -11.17 2.25
C SER D 166 -17.15 -10.23 1.88
N SER D 167 -18.36 -10.79 1.72
CA SER D 167 -19.56 -10.01 1.37
C SER D 167 -20.69 -10.23 2.39
N GLN D 177 -20.41 -14.62 9.37
CA GLN D 177 -21.78 -15.02 9.05
C GLN D 177 -21.90 -15.59 7.62
N THR D 178 -20.94 -15.24 6.75
CA THR D 178 -20.92 -15.74 5.37
C THR D 178 -20.07 -17.01 5.32
N ARG D 179 -20.70 -18.14 4.94
CA ARG D 179 -20.05 -19.43 4.80
C ARG D 179 -20.14 -19.89 3.34
N VAL D 180 -19.05 -20.48 2.82
CA VAL D 180 -18.95 -20.96 1.44
C VAL D 180 -18.56 -22.46 1.48
N LEU D 181 -19.30 -23.29 0.73
CA LEU D 181 -19.01 -24.71 0.57
C LEU D 181 -18.43 -24.91 -0.84
N TYR D 182 -17.18 -25.37 -0.92
CA TYR D 182 -16.48 -25.65 -2.17
C TYR D 182 -16.53 -27.15 -2.44
N VAL D 183 -17.04 -27.52 -3.62
CA VAL D 183 -17.19 -28.92 -4.05
C VAL D 183 -16.35 -29.14 -5.32
N ASP D 184 -15.35 -30.01 -5.23
CA ASP D 184 -14.41 -30.24 -6.32
C ASP D 184 -14.61 -31.63 -6.91
N LEU D 185 -15.23 -31.70 -8.10
CA LEU D 185 -15.57 -32.96 -8.77
C LEU D 185 -14.52 -33.46 -9.76
N ASP D 186 -13.47 -32.67 -9.97
CA ASP D 186 -12.38 -33.01 -10.89
C ASP D 186 -11.70 -34.32 -10.44
N LEU D 187 -11.14 -35.08 -11.39
CA LEU D 187 -10.41 -36.32 -11.14
C LEU D 187 -9.23 -36.10 -10.17
N HIS D 188 -8.65 -34.89 -10.21
CA HIS D 188 -7.51 -34.52 -9.39
C HIS D 188 -7.93 -33.80 -8.12
N HIS D 189 -7.12 -33.95 -7.06
CA HIS D 189 -7.35 -33.29 -5.77
C HIS D 189 -7.19 -31.76 -5.93
N GLY D 190 -8.16 -31.01 -5.42
CA GLY D 190 -8.12 -29.55 -5.46
C GLY D 190 -7.28 -28.96 -4.35
N ASP D 191 -5.95 -29.19 -4.42
CA ASP D 191 -4.95 -28.75 -3.42
C ASP D 191 -4.75 -27.26 -3.22
N GLY D 192 -4.82 -26.47 -4.29
CA GLY D 192 -4.62 -25.02 -4.23
C GLY D 192 -5.67 -24.32 -3.40
N VAL D 193 -6.94 -24.64 -3.66
CA VAL D 193 -8.09 -24.09 -2.97
C VAL D 193 -8.10 -24.57 -1.51
N GLU D 194 -7.84 -25.87 -1.30
CA GLU D 194 -7.80 -26.46 0.03
C GLU D 194 -6.72 -25.76 0.89
N GLU D 195 -5.50 -25.63 0.35
CA GLU D 195 -4.39 -24.97 1.02
C GLU D 195 -4.72 -23.52 1.38
N ALA D 196 -5.29 -22.76 0.44
CA ALA D 196 -5.68 -21.36 0.66
C ALA D 196 -6.63 -21.17 1.84
N PHE D 197 -7.56 -22.13 2.05
CA PHE D 197 -8.57 -22.02 3.12
C PHE D 197 -8.38 -22.98 4.30
N TRP D 198 -7.17 -23.51 4.45
CA TRP D 198 -6.70 -24.47 5.48
C TRP D 198 -6.89 -23.94 6.92
N TYR D 199 -6.69 -22.64 7.12
CA TYR D 199 -6.81 -21.99 8.43
C TYR D 199 -8.16 -21.27 8.57
N SER D 200 -9.07 -21.46 7.60
CA SER D 200 -10.37 -20.78 7.56
C SER D 200 -11.63 -21.63 7.80
N PRO D 201 -12.33 -21.43 8.94
CA PRO D 201 -13.57 -22.19 9.20
C PRO D 201 -14.76 -21.84 8.30
N ARG D 202 -14.85 -20.58 7.84
CA ARG D 202 -15.95 -20.04 7.01
C ARG D 202 -15.99 -20.63 5.60
N VAL D 203 -14.87 -21.19 5.11
CA VAL D 203 -14.80 -21.82 3.80
C VAL D 203 -14.51 -23.31 4.00
N VAL D 204 -15.51 -24.16 3.69
CA VAL D 204 -15.39 -25.62 3.77
C VAL D 204 -15.12 -26.15 2.38
N THR D 205 -14.04 -26.93 2.23
CA THR D 205 -13.66 -27.48 0.94
C THR D 205 -13.90 -28.98 0.94
N PHE D 206 -14.44 -29.51 -0.16
CA PHE D 206 -14.67 -30.94 -0.32
C PHE D 206 -14.24 -31.38 -1.71
N SER D 207 -13.29 -32.31 -1.75
CA SER D 207 -12.77 -32.83 -2.99
C SER D 207 -12.90 -34.35 -3.02
N VAL D 208 -13.46 -34.87 -4.12
CA VAL D 208 -13.57 -36.30 -4.44
C VAL D 208 -12.66 -36.47 -5.65
N HIS D 209 -11.79 -37.48 -5.64
CA HIS D 209 -10.78 -37.63 -6.69
C HIS D 209 -10.10 -38.97 -6.62
N HIS D 210 -9.31 -39.29 -7.66
CA HIS D 210 -8.45 -40.45 -7.60
C HIS D 210 -7.16 -40.01 -6.88
N ALA D 211 -6.58 -40.93 -6.10
CA ALA D 211 -5.29 -40.78 -5.43
C ALA D 211 -4.66 -42.17 -5.39
N SER D 212 -3.40 -42.26 -5.86
CA SER D 212 -2.57 -43.46 -5.93
C SER D 212 -1.09 -43.03 -6.01
N PRO D 213 -0.11 -43.89 -5.64
CA PRO D 213 1.30 -43.47 -5.68
C PRO D 213 1.77 -43.04 -7.06
N GLY D 214 2.34 -41.83 -7.13
CA GLY D 214 2.84 -41.22 -8.35
C GLY D 214 1.84 -40.39 -9.13
N PHE D 215 0.55 -40.41 -8.73
CA PHE D 215 -0.52 -39.69 -9.42
C PHE D 215 -0.69 -38.25 -8.85
N PHE D 216 -0.70 -37.25 -9.75
CA PHE D 216 -0.81 -35.82 -9.44
C PHE D 216 -2.07 -35.41 -8.62
N PRO D 217 -1.96 -34.48 -7.62
CA PRO D 217 -0.74 -33.85 -7.09
C PRO D 217 -0.08 -34.65 -5.98
N GLY D 218 -0.74 -35.66 -5.45
CA GLY D 218 -0.20 -36.53 -4.41
C GLY D 218 -0.90 -36.41 -3.08
N THR D 219 -1.65 -35.31 -2.88
CA THR D 219 -2.38 -34.97 -1.65
C THR D 219 -3.86 -35.40 -1.67
N GLY D 220 -4.58 -35.10 -0.59
CA GLY D 220 -6.01 -35.41 -0.42
C GLY D 220 -6.26 -36.86 -0.03
N THR D 221 -5.25 -37.49 0.59
CA THR D 221 -5.29 -38.87 1.05
C THR D 221 -4.53 -39.01 2.37
N TRP D 222 -4.29 -40.26 2.81
CA TRP D 222 -3.56 -40.63 4.01
C TRP D 222 -2.16 -40.00 4.05
N ASN D 223 -1.76 -39.53 5.24
CA ASN D 223 -0.47 -38.87 5.49
C ASN D 223 0.53 -39.79 6.20
N PRO D 231 -1.55 -44.46 9.70
CA PRO D 231 -1.76 -43.34 8.78
C PRO D 231 -3.02 -42.55 9.10
N ILE D 232 -2.93 -41.21 9.07
CA ILE D 232 -4.05 -40.30 9.37
C ILE D 232 -4.34 -39.33 8.22
N PHE D 233 -5.51 -38.72 8.23
CA PHE D 233 -5.93 -37.73 7.25
C PHE D 233 -5.83 -36.33 7.87
N LEU D 234 -5.06 -35.42 7.26
CA LEU D 234 -4.99 -34.02 7.69
C LEU D 234 -6.31 -33.35 7.21
N ASN D 235 -6.83 -32.36 7.95
CA ASN D 235 -8.15 -31.78 7.62
C ASN D 235 -8.33 -30.26 7.89
N GLY D 236 -7.23 -29.56 8.07
CA GLY D 236 -7.21 -28.13 8.39
C GLY D 236 -6.33 -27.89 9.60
N ALA D 237 -6.09 -26.62 9.94
CA ALA D 237 -5.25 -26.23 11.11
C ALA D 237 -5.79 -24.93 11.70
N GLY D 238 -5.50 -24.68 12.97
CA GLY D 238 -5.95 -23.50 13.70
C GLY D 238 -7.45 -23.48 13.83
N ARG D 239 -8.07 -22.35 13.46
CA ARG D 239 -9.53 -22.23 13.50
C ARG D 239 -10.21 -22.96 12.34
N GLY D 240 -9.43 -23.37 11.35
CA GLY D 240 -9.89 -24.12 10.19
C GLY D 240 -9.80 -25.62 10.33
N ARG D 241 -9.49 -26.11 11.56
CA ARG D 241 -9.41 -27.55 11.85
C ARG D 241 -10.77 -28.21 11.56
N PHE D 242 -10.72 -29.37 10.87
CA PHE D 242 -11.85 -30.18 10.40
C PHE D 242 -12.65 -29.57 9.24
N SER D 243 -12.17 -28.45 8.64
CA SER D 243 -12.89 -27.78 7.54
C SER D 243 -12.49 -28.23 6.13
N ALA D 244 -11.44 -29.09 6.00
CA ALA D 244 -11.01 -29.61 4.70
C ALA D 244 -11.40 -31.10 4.58
N PHE D 245 -12.34 -31.41 3.68
CA PHE D 245 -12.87 -32.75 3.45
C PHE D 245 -12.30 -33.36 2.18
N ASN D 246 -11.96 -34.67 2.24
CA ASN D 246 -11.37 -35.43 1.13
C ASN D 246 -11.93 -36.84 1.01
N LEU D 247 -12.25 -37.23 -0.23
CA LEU D 247 -12.75 -38.56 -0.55
C LEU D 247 -11.91 -39.18 -1.70
N PRO D 248 -10.79 -39.87 -1.37
CA PRO D 248 -10.01 -40.51 -2.43
C PRO D 248 -10.68 -41.80 -2.88
N LEU D 249 -10.79 -41.99 -4.20
CA LEU D 249 -11.43 -43.16 -4.77
C LEU D 249 -10.49 -43.94 -5.65
N GLU D 250 -10.67 -45.27 -5.68
CA GLU D 250 -9.88 -46.18 -6.51
C GLU D 250 -10.31 -46.07 -7.97
N GLU D 251 -9.39 -46.32 -8.91
CA GLU D 251 -9.68 -46.28 -10.34
C GLU D 251 -10.79 -47.25 -10.82
N GLY D 252 -11.47 -46.85 -11.89
CA GLY D 252 -12.53 -47.63 -12.53
C GLY D 252 -13.94 -47.44 -11.97
N ILE D 253 -14.13 -46.46 -11.09
CA ILE D 253 -15.44 -46.19 -10.49
C ILE D 253 -16.47 -45.71 -11.52
N ASN D 254 -17.65 -46.36 -11.54
CA ASN D 254 -18.73 -46.03 -12.47
C ASN D 254 -19.64 -44.94 -11.92
N ASP D 255 -20.64 -44.53 -12.73
CA ASP D 255 -21.60 -43.49 -12.38
C ASP D 255 -22.34 -43.72 -11.06
N LEU D 256 -22.86 -44.95 -10.84
CA LEU D 256 -23.67 -45.29 -9.67
C LEU D 256 -22.89 -45.29 -8.37
N ASP D 257 -21.74 -45.98 -8.35
CA ASP D 257 -20.87 -46.05 -7.17
C ASP D 257 -20.28 -44.68 -6.78
N TRP D 258 -19.89 -43.85 -7.76
CA TRP D 258 -19.34 -42.51 -7.51
C TRP D 258 -20.43 -41.60 -6.92
N SER D 259 -21.69 -41.68 -7.45
CA SER D 259 -22.86 -40.92 -6.99
C SER D 259 -23.21 -41.33 -5.56
N ASN D 260 -23.23 -42.65 -5.28
CA ASN D 260 -23.55 -43.20 -3.96
C ASN D 260 -22.45 -42.88 -2.94
N ALA D 261 -21.19 -42.72 -3.41
CA ALA D 261 -20.09 -42.35 -2.53
C ALA D 261 -20.17 -40.86 -2.18
N ILE D 262 -20.58 -40.01 -3.14
CA ILE D 262 -20.63 -38.56 -2.96
C ILE D 262 -21.96 -38.01 -2.34
N GLY D 263 -23.09 -38.60 -2.74
CA GLY D 263 -24.45 -38.22 -2.34
C GLY D 263 -24.67 -37.91 -0.87
N PRO D 264 -24.46 -38.87 0.06
CA PRO D 264 -24.65 -38.56 1.50
C PRO D 264 -23.76 -37.45 2.03
N ILE D 265 -22.49 -37.38 1.57
CA ILE D 265 -21.59 -36.33 2.03
C ILE D 265 -22.07 -34.95 1.60
N LEU D 266 -22.59 -34.83 0.35
CA LEU D 266 -23.10 -33.56 -0.16
C LEU D 266 -24.29 -33.08 0.68
N ASP D 267 -25.27 -33.97 0.91
CA ASP D 267 -26.44 -33.65 1.73
C ASP D 267 -26.07 -33.29 3.18
N SER D 268 -25.10 -34.01 3.78
CA SER D 268 -24.67 -33.72 5.15
C SER D 268 -23.90 -32.40 5.32
N LEU D 269 -23.06 -32.02 4.32
CA LEU D 269 -22.34 -30.74 4.33
C LEU D 269 -23.34 -29.57 4.28
N ASN D 270 -24.37 -29.69 3.43
CA ASN D 270 -25.40 -28.69 3.29
C ASN D 270 -26.23 -28.53 4.58
N ILE D 271 -26.68 -29.66 5.17
CA ILE D 271 -27.46 -29.68 6.42
C ILE D 271 -26.68 -29.00 7.56
N VAL D 272 -25.42 -29.37 7.75
CA VAL D 272 -24.59 -28.88 8.85
C VAL D 272 -24.00 -27.50 8.67
N ILE D 273 -23.36 -27.24 7.51
CA ILE D 273 -22.72 -25.96 7.22
C ILE D 273 -23.72 -24.87 6.86
N GLN D 274 -24.81 -25.21 6.10
CA GLN D 274 -25.83 -24.28 5.61
C GLN D 274 -25.11 -23.12 4.90
N PRO D 275 -24.42 -23.40 3.75
CA PRO D 275 -23.64 -22.34 3.09
C PRO D 275 -24.46 -21.20 2.53
N SER D 276 -23.85 -20.02 2.42
CA SER D 276 -24.50 -18.83 1.83
C SER D 276 -24.31 -18.96 0.31
N TYR D 277 -23.21 -19.64 -0.11
CA TYR D 277 -22.85 -19.86 -1.51
C TYR D 277 -22.23 -21.24 -1.71
N VAL D 278 -22.46 -21.85 -2.88
CA VAL D 278 -21.81 -23.11 -3.23
C VAL D 278 -20.93 -22.86 -4.48
N VAL D 279 -19.66 -23.28 -4.43
CA VAL D 279 -18.75 -23.17 -5.56
C VAL D 279 -18.42 -24.61 -6.00
N VAL D 280 -18.81 -24.98 -7.22
CA VAL D 280 -18.59 -26.32 -7.77
C VAL D 280 -17.54 -26.32 -8.87
N GLN D 281 -16.48 -27.13 -8.71
CA GLN D 281 -15.49 -27.27 -9.77
C GLN D 281 -15.91 -28.56 -10.48
N CYS D 282 -16.21 -28.44 -11.78
CA CYS D 282 -16.73 -29.53 -12.60
C CYS D 282 -15.74 -30.04 -13.67
N GLY D 283 -14.54 -30.40 -13.26
CA GLY D 283 -13.51 -30.93 -14.15
C GLY D 283 -13.99 -32.22 -14.80
N ALA D 284 -13.91 -32.28 -16.15
CA ALA D 284 -14.38 -33.39 -16.99
C ALA D 284 -13.39 -34.55 -17.19
N ASP D 285 -12.30 -34.58 -16.40
CA ASP D 285 -11.33 -35.69 -16.53
C ASP D 285 -11.75 -37.04 -15.88
N CYS D 286 -12.94 -37.10 -15.22
CA CYS D 286 -13.51 -38.35 -14.66
C CYS D 286 -14.24 -39.13 -15.76
N LEU D 287 -14.51 -38.52 -16.94
CA LEU D 287 -15.21 -39.23 -18.03
C LEU D 287 -14.42 -40.47 -18.47
N ALA D 288 -15.11 -41.57 -18.78
CA ALA D 288 -14.54 -42.85 -19.20
C ALA D 288 -13.70 -42.72 -20.47
N THR D 289 -14.01 -41.70 -21.30
CA THR D 289 -13.34 -41.41 -22.58
C THR D 289 -12.26 -40.30 -22.46
N ASP D 290 -11.96 -39.84 -21.23
CA ASP D 290 -10.87 -38.87 -21.04
C ASP D 290 -9.56 -39.63 -21.23
N PRO D 291 -8.50 -39.05 -21.88
CA PRO D 291 -7.22 -39.78 -22.06
C PRO D 291 -6.57 -40.34 -20.77
N HIS D 292 -6.89 -39.78 -19.57
CA HIS D 292 -6.35 -40.30 -18.29
C HIS D 292 -6.84 -41.73 -18.08
N ARG D 293 -8.13 -42.01 -18.49
CA ARG D 293 -8.78 -43.33 -18.38
C ARG D 293 -8.78 -43.85 -16.93
N ILE D 294 -9.13 -42.99 -15.98
CA ILE D 294 -9.14 -43.40 -14.57
C ILE D 294 -10.54 -43.83 -14.11
N PHE D 295 -11.48 -42.87 -14.09
CA PHE D 295 -12.85 -43.13 -13.66
C PHE D 295 -13.70 -43.43 -14.87
N ARG D 296 -14.89 -44.01 -14.65
CA ARG D 296 -15.80 -44.39 -15.74
C ARG D 296 -17.10 -43.59 -15.76
N LEU D 297 -17.03 -42.29 -15.49
CA LEU D 297 -18.21 -41.44 -15.52
C LEU D 297 -18.71 -41.17 -16.98
N THR D 298 -20.00 -40.85 -17.14
CA THR D 298 -20.59 -40.58 -18.45
C THR D 298 -21.29 -39.21 -18.42
N ASN D 299 -21.94 -38.83 -19.54
CA ASN D 299 -22.75 -37.62 -19.64
C ASN D 299 -24.21 -38.10 -19.88
N PHE D 300 -24.50 -39.36 -19.52
CA PHE D 300 -25.84 -39.96 -19.75
C PHE D 300 -26.93 -39.31 -18.92
N TYR D 301 -28.05 -39.01 -19.58
CA TYR D 301 -29.23 -38.44 -18.97
C TYR D 301 -30.45 -39.24 -19.46
N PRO D 302 -30.87 -40.29 -18.72
CA PRO D 302 -32.00 -41.12 -19.19
C PRO D 302 -33.37 -40.44 -19.10
N SER D 315 -28.01 -45.63 -16.83
CA SER D 315 -27.51 -44.98 -15.61
C SER D 315 -27.42 -43.46 -15.79
N LEU D 316 -27.59 -42.72 -14.69
CA LEU D 316 -27.50 -41.27 -14.66
C LEU D 316 -26.04 -40.90 -14.46
N SER D 317 -25.55 -39.90 -15.22
CA SER D 317 -24.19 -39.39 -15.12
C SER D 317 -23.90 -38.96 -13.68
N GLY D 318 -22.71 -39.26 -13.19
CA GLY D 318 -22.24 -38.88 -11.86
C GLY D 318 -22.28 -37.38 -11.67
N TYR D 319 -21.76 -36.65 -12.66
CA TYR D 319 -21.77 -35.18 -12.70
C TYR D 319 -23.18 -34.59 -12.63
N LEU D 320 -24.08 -35.08 -13.50
CA LEU D 320 -25.49 -34.62 -13.55
C LEU D 320 -26.23 -34.90 -12.25
N TYR D 321 -25.92 -36.02 -11.56
CA TYR D 321 -26.47 -36.39 -10.26
C TYR D 321 -26.01 -35.39 -9.19
N ALA D 322 -24.70 -35.09 -9.15
CA ALA D 322 -24.12 -34.17 -8.18
C ALA D 322 -24.62 -32.75 -8.39
N ILE D 323 -24.73 -32.30 -9.67
CA ILE D 323 -25.22 -30.95 -10.00
C ILE D 323 -26.71 -30.79 -9.58
N LYS D 324 -27.60 -31.71 -10.02
CA LYS D 324 -29.04 -31.75 -9.68
C LYS D 324 -29.27 -31.61 -8.16
N LYS D 325 -28.54 -32.41 -7.38
CA LYS D 325 -28.57 -32.43 -5.91
C LYS D 325 -28.16 -31.06 -5.32
N ILE D 326 -27.02 -30.49 -5.76
CA ILE D 326 -26.53 -29.19 -5.27
C ILE D 326 -27.56 -28.08 -5.58
N LEU D 327 -28.11 -28.10 -6.81
CA LEU D 327 -29.11 -27.14 -7.28
C LEU D 327 -30.44 -27.23 -6.52
N SER D 328 -30.79 -28.43 -6.03
CA SER D 328 -32.04 -28.65 -5.27
C SER D 328 -31.99 -27.97 -3.87
N TRP D 329 -30.83 -27.44 -3.45
CA TRP D 329 -30.65 -26.80 -2.15
C TRP D 329 -31.07 -25.34 -2.19
N LYS D 330 -31.21 -24.78 -3.40
CA LYS D 330 -31.61 -23.39 -3.69
C LYS D 330 -30.69 -22.36 -3.00
N VAL D 331 -29.38 -22.61 -3.09
CA VAL D 331 -28.33 -21.74 -2.54
C VAL D 331 -27.64 -21.12 -3.77
N PRO D 332 -27.34 -19.77 -3.82
CA PRO D 332 -26.66 -19.22 -5.01
C PRO D 332 -25.36 -19.96 -5.28
N THR D 333 -25.24 -20.55 -6.49
CA THR D 333 -24.16 -21.45 -6.88
C THR D 333 -23.29 -20.99 -8.06
N LEU D 334 -21.99 -21.18 -7.92
CA LEU D 334 -21.02 -20.91 -8.97
C LEU D 334 -20.54 -22.27 -9.57
N ILE D 335 -20.71 -22.45 -10.89
CA ILE D 335 -20.29 -23.68 -11.56
C ILE D 335 -19.11 -23.39 -12.50
N LEU D 336 -17.96 -23.99 -12.20
CA LEU D 336 -16.73 -23.80 -12.97
C LEU D 336 -16.26 -25.07 -13.68
N GLY D 337 -15.42 -24.89 -14.70
CA GLY D 337 -14.87 -25.99 -15.45
C GLY D 337 -13.67 -26.58 -14.74
N GLY D 338 -12.59 -26.78 -15.47
CA GLY D 338 -11.34 -27.33 -14.93
C GLY D 338 -10.70 -28.25 -15.94
N GLY D 339 -10.34 -29.45 -15.48
CA GLY D 339 -9.76 -30.49 -16.31
C GLY D 339 -10.74 -30.99 -17.35
N GLY D 340 -10.23 -31.74 -18.33
CA GLY D 340 -11.02 -32.27 -19.44
C GLY D 340 -10.16 -32.22 -20.68
N TYR D 341 -9.62 -33.39 -21.04
CA TYR D 341 -8.64 -33.56 -22.13
C TYR D 341 -9.14 -34.12 -23.47
N ASN D 342 -10.40 -34.60 -23.49
CA ASN D 342 -11.07 -35.04 -24.72
C ASN D 342 -12.01 -33.86 -24.96
N PHE D 343 -11.59 -32.89 -25.81
CA PHE D 343 -12.36 -31.67 -26.06
C PHE D 343 -13.83 -31.88 -26.49
N PRO D 344 -14.15 -32.73 -27.51
CA PRO D 344 -15.59 -32.92 -27.88
C PRO D 344 -16.42 -33.55 -26.75
N ASP D 345 -15.84 -34.53 -26.00
CA ASP D 345 -16.54 -35.18 -24.86
C ASP D 345 -16.74 -34.27 -23.65
N THR D 346 -15.85 -33.28 -23.47
CA THR D 346 -15.96 -32.29 -22.41
C THR D 346 -17.10 -31.31 -22.78
N ALA D 347 -17.21 -30.98 -24.09
CA ALA D 347 -18.27 -30.10 -24.60
C ALA D 347 -19.61 -30.80 -24.41
N ARG D 348 -19.67 -32.12 -24.67
CA ARG D 348 -20.88 -32.96 -24.53
C ARG D 348 -21.38 -32.95 -23.08
N LEU D 349 -20.45 -33.06 -22.11
CA LEU D 349 -20.83 -33.07 -20.69
C LEU D 349 -21.28 -31.68 -20.23
N TRP D 350 -20.46 -30.64 -20.48
CA TRP D 350 -20.77 -29.26 -20.05
C TRP D 350 -22.03 -28.67 -20.73
N THR D 351 -22.37 -29.17 -21.93
CA THR D 351 -23.60 -28.79 -22.62
C THR D 351 -24.77 -29.36 -21.81
N ARG D 352 -24.66 -30.65 -21.40
CA ARG D 352 -25.71 -31.28 -20.59
C ARG D 352 -25.84 -30.64 -19.19
N VAL D 353 -24.72 -30.23 -18.57
CA VAL D 353 -24.70 -29.58 -17.25
C VAL D 353 -25.38 -28.19 -17.40
N THR D 354 -25.15 -27.51 -18.54
CA THR D 354 -25.77 -26.20 -18.85
C THR D 354 -27.31 -26.33 -18.95
N ALA D 355 -27.80 -27.31 -19.74
CA ALA D 355 -29.22 -27.61 -19.96
C ALA D 355 -29.94 -28.00 -18.64
N LEU D 356 -29.28 -28.84 -17.81
CA LEU D 356 -29.76 -29.29 -16.50
C LEU D 356 -29.97 -28.11 -15.55
N THR D 357 -29.00 -27.17 -15.52
CA THR D 357 -29.02 -25.96 -14.69
C THR D 357 -30.19 -25.02 -15.04
N ILE D 358 -30.50 -24.90 -16.34
CA ILE D 358 -31.61 -24.08 -16.83
C ILE D 358 -32.92 -24.72 -16.37
N GLU D 359 -33.04 -26.06 -16.50
CA GLU D 359 -34.20 -26.82 -16.07
C GLU D 359 -34.51 -26.67 -14.57
N GLU D 360 -33.50 -26.88 -13.70
CA GLU D 360 -33.63 -26.83 -12.25
C GLU D 360 -33.88 -25.45 -11.67
N VAL D 361 -33.25 -24.42 -12.23
CA VAL D 361 -33.40 -23.06 -11.71
C VAL D 361 -34.71 -22.42 -12.19
N LYS D 362 -34.91 -22.32 -13.51
CA LYS D 362 -36.09 -21.74 -14.14
C LYS D 362 -37.37 -22.58 -13.96
N GLY D 363 -37.24 -23.91 -14.02
CA GLY D 363 -38.37 -24.83 -13.97
C GLY D 363 -38.93 -25.03 -15.37
N LYS D 364 -38.10 -24.69 -16.38
CA LYS D 364 -38.38 -24.72 -17.82
C LYS D 364 -37.69 -25.94 -18.43
N LYS D 365 -38.46 -26.96 -18.88
CA LYS D 365 -37.87 -28.15 -19.48
C LYS D 365 -37.05 -27.83 -20.74
N MET D 366 -35.84 -28.43 -20.83
CA MET D 366 -34.89 -28.28 -21.93
C MET D 366 -34.82 -29.56 -22.72
N THR D 367 -35.09 -29.47 -24.03
CA THR D 367 -35.05 -30.60 -24.93
C THR D 367 -33.77 -30.57 -25.71
N ILE D 368 -32.99 -31.66 -25.58
CA ILE D 368 -31.72 -31.76 -26.28
C ILE D 368 -31.75 -32.96 -27.25
N SER D 369 -31.76 -32.65 -28.57
CA SER D 369 -31.71 -33.65 -29.64
C SER D 369 -30.51 -34.64 -29.41
N PRO D 370 -30.70 -35.98 -29.54
CA PRO D 370 -29.57 -36.89 -29.30
C PRO D 370 -28.48 -36.81 -30.38
N GLU D 371 -28.78 -36.11 -31.47
CA GLU D 371 -27.86 -35.90 -32.56
C GLU D 371 -27.22 -34.52 -32.41
N ILE D 372 -25.91 -34.41 -32.66
CA ILE D 372 -25.18 -33.14 -32.60
C ILE D 372 -25.71 -32.22 -33.73
N PRO D 373 -26.17 -30.99 -33.43
CA PRO D 373 -26.63 -30.09 -34.51
C PRO D 373 -25.48 -29.64 -35.38
N GLU D 374 -25.80 -29.23 -36.62
CA GLU D 374 -24.81 -28.72 -37.57
C GLU D 374 -24.32 -27.37 -37.04
N HIS D 375 -22.99 -27.20 -36.98
CA HIS D 375 -22.31 -25.98 -36.54
C HIS D 375 -20.85 -26.00 -36.96
N SER D 376 -20.11 -24.92 -36.65
CA SER D 376 -18.69 -24.72 -36.94
C SER D 376 -17.83 -25.97 -36.62
N TYR D 377 -18.03 -26.55 -35.42
CA TYR D 377 -17.26 -27.69 -34.95
C TYR D 377 -17.89 -29.08 -35.11
N PHE D 378 -19.00 -29.19 -35.87
CA PHE D 378 -19.68 -30.46 -36.14
C PHE D 378 -18.75 -31.65 -36.49
N SER D 379 -17.76 -31.44 -37.37
CA SER D 379 -16.82 -32.48 -37.82
C SER D 379 -15.96 -33.12 -36.71
N ARG D 380 -15.82 -32.42 -35.57
CA ARG D 380 -15.03 -32.87 -34.41
C ARG D 380 -15.78 -33.92 -33.59
N TYR D 381 -17.11 -34.03 -33.79
CA TYR D 381 -17.96 -34.96 -33.05
C TYR D 381 -18.17 -36.30 -33.75
N GLY D 382 -17.43 -36.53 -34.84
CA GLY D 382 -17.47 -37.77 -35.62
C GLY D 382 -16.83 -38.95 -34.93
N PRO D 383 -17.06 -40.21 -35.39
CA PRO D 383 -17.85 -40.62 -36.57
C PRO D 383 -19.37 -40.74 -36.40
N ASP D 384 -19.89 -40.91 -35.16
CA ASP D 384 -21.33 -41.08 -34.91
C ASP D 384 -22.18 -39.81 -34.72
N PHE D 385 -21.56 -38.69 -34.31
CA PHE D 385 -22.21 -37.38 -34.11
C PHE D 385 -23.41 -37.38 -33.15
N GLU D 386 -23.30 -38.14 -32.06
CA GLU D 386 -24.32 -38.23 -31.01
C GLU D 386 -23.91 -37.33 -29.81
N LEU D 387 -24.89 -36.95 -28.97
CA LEU D 387 -24.60 -36.16 -27.77
C LEU D 387 -24.03 -37.04 -26.65
N ASP D 388 -24.45 -38.32 -26.57
CA ASP D 388 -23.89 -39.25 -25.58
C ASP D 388 -22.44 -39.54 -25.92
N ILE D 389 -21.56 -39.67 -24.89
CA ILE D 389 -20.16 -40.06 -25.12
C ILE D 389 -20.16 -41.51 -25.64
N ASP D 390 -19.18 -41.86 -26.47
CA ASP D 390 -19.09 -43.21 -27.05
C ASP D 390 -18.43 -44.18 -26.07
N TYR D 391 -19.21 -44.65 -25.08
CA TYR D 391 -18.73 -45.58 -24.07
C TYR D 391 -19.79 -46.59 -23.67
N PHE D 392 -19.45 -47.89 -23.74
CA PHE D 392 -20.33 -48.98 -23.38
C PHE D 392 -19.90 -49.62 -22.03
N PRO D 393 -20.68 -49.41 -20.93
CA PRO D 393 -20.30 -49.98 -19.63
C PRO D 393 -20.40 -51.51 -19.59
N ASP D 402 -17.73 -50.57 1.54
CA ASP D 402 -16.54 -51.28 1.98
C ASP D 402 -15.46 -50.24 2.39
N SER D 403 -14.54 -49.87 1.47
CA SER D 403 -13.54 -48.83 1.70
C SER D 403 -14.28 -47.48 1.76
N ILE D 404 -15.39 -47.37 0.98
CA ILE D 404 -16.27 -46.20 0.91
C ILE D 404 -17.01 -46.00 2.24
N GLN D 405 -17.42 -47.10 2.89
CA GLN D 405 -18.11 -47.09 4.19
C GLN D 405 -17.21 -46.54 5.30
N LYS D 406 -15.93 -46.92 5.33
CA LYS D 406 -14.93 -46.43 6.29
C LYS D 406 -14.68 -44.92 6.11
N HIS D 407 -14.80 -44.42 4.86
CA HIS D 407 -14.60 -43.00 4.53
C HIS D 407 -15.75 -42.20 5.07
N HIS D 408 -16.98 -42.70 4.88
CA HIS D 408 -18.22 -42.09 5.37
C HIS D 408 -18.25 -42.02 6.90
N ARG D 409 -17.74 -43.06 7.59
CA ARG D 409 -17.64 -43.08 9.06
C ARG D 409 -16.64 -42.03 9.52
N ARG D 410 -15.46 -41.96 8.85
CA ARG D 410 -14.41 -40.98 9.11
C ARG D 410 -14.91 -39.56 8.83
N ILE D 411 -15.62 -39.37 7.69
CA ILE D 411 -16.15 -38.07 7.27
C ILE D 411 -17.23 -37.54 8.24
N LEU D 412 -18.23 -38.41 8.58
CA LEU D 412 -19.32 -38.10 9.52
C LEU D 412 -18.74 -37.63 10.87
N GLU D 413 -17.67 -38.30 11.33
CA GLU D 413 -16.94 -37.98 12.57
C GLU D 413 -16.26 -36.58 12.46
N GLN D 414 -15.61 -36.28 11.30
CA GLN D 414 -14.95 -34.98 11.03
C GLN D 414 -15.96 -33.80 11.00
N LEU D 415 -17.16 -34.03 10.38
CA LEU D 415 -18.26 -33.07 10.29
C LEU D 415 -18.80 -32.73 11.69
N ARG D 416 -18.93 -33.75 12.56
CA ARG D 416 -19.36 -33.58 13.94
C ARG D 416 -18.33 -32.72 14.69
N ASN D 417 -17.02 -33.00 14.49
CA ASN D 417 -15.91 -32.25 15.11
C ASN D 417 -15.89 -30.81 14.62
N TYR D 418 -16.20 -30.60 13.32
CA TYR D 418 -16.32 -29.28 12.71
C TYR D 418 -17.49 -28.51 13.37
N ALA D 419 -18.68 -29.16 13.46
CA ALA D 419 -19.90 -28.60 14.06
C ALA D 419 -19.71 -28.25 15.54
N ASP D 420 -18.97 -29.10 16.28
CA ASP D 420 -18.66 -28.89 17.70
C ASP D 420 -17.71 -27.68 17.87
N LEU D 421 -16.56 -27.67 17.14
CA LEU D 421 -15.57 -26.58 17.19
C LEU D 421 -16.16 -25.22 16.75
N ASN D 422 -17.05 -25.23 15.74
CA ASN D 422 -17.66 -24.01 15.22
C ASN D 422 -19.03 -23.65 15.82
N LYS D 423 -19.35 -24.24 16.99
CA LYS D 423 -20.58 -24.02 17.77
C LYS D 423 -21.85 -24.02 16.89
N LEU D 424 -21.98 -25.04 16.01
CA LEU D 424 -23.12 -25.15 15.11
C LEU D 424 -24.17 -26.13 15.61
N ILE D 425 -25.45 -25.82 15.36
CA ILE D 425 -26.58 -26.65 15.76
C ILE D 425 -26.85 -27.67 14.65
N TYR D 426 -26.40 -28.92 14.86
CA TYR D 426 -26.60 -30.02 13.92
C TYR D 426 -27.81 -30.88 14.34
N ASP D 427 -27.66 -32.22 14.38
CA ASP D 427 -28.65 -33.26 14.75
C ASP D 427 -28.31 -34.55 14.02
N TYR D 428 -28.19 -35.66 14.76
CA TYR D 428 -27.93 -36.99 14.19
C TYR D 428 -29.27 -37.60 13.67
N ASP D 429 -30.32 -36.75 13.56
CA ASP D 429 -31.67 -37.10 13.10
C ASP D 429 -31.74 -37.42 11.59
N GLN D 430 -30.83 -38.33 11.13
CA GLN D 430 -30.72 -38.86 9.76
C GLN D 430 -29.74 -40.06 9.69
N VAL D 431 -28.42 -39.79 9.70
CA VAL D 431 -27.30 -40.72 9.61
C VAL D 431 -26.01 -39.90 9.85
#